data_1K8M
# 
_entry.id   1K8M 
# 
_audit_conform.dict_name       mmcif_pdbx.dic 
_audit_conform.dict_version    5.392 
_audit_conform.dict_location   http://mmcif.pdb.org/dictionaries/ascii/mmcif_pdbx.dic 
# 
loop_
_database_2.database_id 
_database_2.database_code 
_database_2.pdbx_database_accession 
_database_2.pdbx_DOI 
PDB   1K8M         pdb_00001k8m 10.2210/pdb1k8m/pdb 
RCSB  RCSB014696   ?            ?                   
WWPDB D_1000014696 ?            ?                   
# 
loop_
_pdbx_audit_revision_history.ordinal 
_pdbx_audit_revision_history.data_content_type 
_pdbx_audit_revision_history.major_revision 
_pdbx_audit_revision_history.minor_revision 
_pdbx_audit_revision_history.revision_date 
1 'Structure model' 1 0 2001-11-14 
2 'Structure model' 1 1 2008-04-27 
3 'Structure model' 1 2 2011-07-13 
4 'Structure model' 1 3 2022-02-23 
5 'Structure model' 1 4 2022-12-21 
6 'Structure model' 1 5 2024-05-29 
# 
_pdbx_audit_revision_details.ordinal             1 
_pdbx_audit_revision_details.revision_ordinal    1 
_pdbx_audit_revision_details.data_content_type   'Structure model' 
_pdbx_audit_revision_details.provider            repository 
_pdbx_audit_revision_details.type                'Initial release' 
_pdbx_audit_revision_details.description         ? 
_pdbx_audit_revision_details.details             ? 
# 
loop_
_pdbx_audit_revision_group.ordinal 
_pdbx_audit_revision_group.revision_ordinal 
_pdbx_audit_revision_group.data_content_type 
_pdbx_audit_revision_group.group 
1 2 'Structure model' 'Version format compliance' 
2 3 'Structure model' 'Version format compliance' 
3 4 'Structure model' 'Data collection'           
4 4 'Structure model' 'Database references'       
5 4 'Structure model' 'Derived calculations'      
6 5 'Structure model' 'Database references'       
7 6 'Structure model' 'Data collection'           
# 
loop_
_pdbx_audit_revision_category.ordinal 
_pdbx_audit_revision_category.revision_ordinal 
_pdbx_audit_revision_category.data_content_type 
_pdbx_audit_revision_category.category 
1 4 'Structure model' database_2            
2 4 'Structure model' pdbx_nmr_software     
3 4 'Structure model' pdbx_nmr_spectrometer 
4 4 'Structure model' pdbx_struct_assembly  
5 4 'Structure model' pdbx_struct_oper_list 
6 4 'Structure model' struct_ref_seq_dif    
7 5 'Structure model' struct_ref_seq_dif    
8 6 'Structure model' chem_comp_atom        
9 6 'Structure model' chem_comp_bond        
# 
loop_
_pdbx_audit_revision_item.ordinal 
_pdbx_audit_revision_item.revision_ordinal 
_pdbx_audit_revision_item.data_content_type 
_pdbx_audit_revision_item.item 
1 4 'Structure model' '_database_2.pdbx_DOI'                
2 4 'Structure model' '_database_2.pdbx_database_accession' 
3 4 'Structure model' '_pdbx_nmr_software.name'             
4 4 'Structure model' '_pdbx_nmr_spectrometer.model'        
5 4 'Structure model' '_struct_ref_seq_dif.details'         
6 5 'Structure model' '_struct_ref_seq_dif.details'         
# 
_pdbx_database_status.status_code                     REL 
_pdbx_database_status.entry_id                        1K8M 
_pdbx_database_status.recvd_initial_deposition_date   2001-10-24 
_pdbx_database_status.deposit_site                    RCSB 
_pdbx_database_status.process_site                    PDBJ 
_pdbx_database_status.status_code_mr                  REL 
_pdbx_database_status.SG_entry                        . 
_pdbx_database_status.pdb_format_compatible           Y 
_pdbx_database_status.status_code_sf                  ? 
_pdbx_database_status.status_code_cs                  ? 
_pdbx_database_status.status_code_nmr_data            ? 
_pdbx_database_status.methods_development_category    ? 
# 
loop_
_pdbx_database_related.db_name 
_pdbx_database_related.db_id 
_pdbx_database_related.details 
_pdbx_database_related.content_type 
BMRB 5078 '5078 contains chemical shift lists excluding first Met residue' unspecified 
PDB  1K8O '1K8O contains 20 sructures of the same protein.'                unspecified 
# 
loop_
_audit_author.name 
_audit_author.pdbx_ordinal 
'Chang, C.-F.' 1 
'Chou, H.-T.'  2 
'Chuang, J.L.' 3 
'Chuang, D.T.' 4 
'Huang, T.-h.' 5 
# 
_citation.id                        primary 
_citation.title                     
;Solution structure and dynamics of the lipoic acid-bearing domain of human mitochondrial branched-chain alpha-keto acid dehydrogenase complex
;
_citation.journal_abbrev            J.Biol.Chem. 
_citation.journal_volume            277 
_citation.page_first                15865 
_citation.page_last                 15873 
_citation.year                      2002 
_citation.journal_id_ASTM           JBCHA3 
_citation.country                   US 
_citation.journal_id_ISSN           0021-9258 
_citation.journal_id_CSD            0071 
_citation.book_publisher            ? 
_citation.pdbx_database_id_PubMed   11839747 
_citation.pdbx_database_id_DOI      10.1074/jbc.M110952200 
# 
loop_
_citation_author.citation_id 
_citation_author.name 
_citation_author.ordinal 
_citation_author.identifier_ORCID 
primary 'Chang, C.-F.' 1 ? 
primary 'Chou, H.-T.'  2 ? 
primary 'Chuang, J.L.' 3 ? 
primary 'Chuang, D.T.' 4 ? 
primary 'Huang, T.-h.' 5 ? 
# 
_entity.id                         1 
_entity.type                       polymer 
_entity.src_method                 man 
_entity.pdbx_description           'E2 component of Branched-Chain alpha-Ketoacid Dehydrogenase' 
_entity.formula_weight             10662.938 
_entity.pdbx_number_of_molecules   1 
_entity.pdbx_ec                    2.3.1.- 
_entity.pdbx_mutation              ? 
_entity.pdbx_fragment              'Lipoic Acid-Bearing Domain' 
_entity.details                    ? 
# 
_entity_name_com.entity_id   1 
_entity_name_com.name        'DIHYDROLIPOAMIDE BRANCHED CHAIN TRANSACYLASE' 
# 
_entity_poly.entity_id                      1 
_entity_poly.type                           'polypeptide(L)' 
_entity_poly.nstd_linkage                   no 
_entity_poly.nstd_monomer                   no 
_entity_poly.pdbx_seq_one_letter_code       
;MGQVVQFKLSDIGEGIREVTVKEWYVKEGDTVSQFDSICEVQSDKASVTITSRYDGVIKKLYYNLDDIAYVGKPLVDIET
EALKDLEHHHHHH
;
_entity_poly.pdbx_seq_one_letter_code_can   
;MGQVVQFKLSDIGEGIREVTVKEWYVKEGDTVSQFDSICEVQSDKASVTITSRYDGVIKKLYYNLDDIAYVGKPLVDIET
EALKDLEHHHHHH
;
_entity_poly.pdbx_strand_id                 A 
_entity_poly.pdbx_target_identifier         ? 
# 
loop_
_entity_poly_seq.entity_id 
_entity_poly_seq.num 
_entity_poly_seq.mon_id 
_entity_poly_seq.hetero 
1 1  MET n 
1 2  GLY n 
1 3  GLN n 
1 4  VAL n 
1 5  VAL n 
1 6  GLN n 
1 7  PHE n 
1 8  LYS n 
1 9  LEU n 
1 10 SER n 
1 11 ASP n 
1 12 ILE n 
1 13 GLY n 
1 14 GLU n 
1 15 GLY n 
1 16 ILE n 
1 17 ARG n 
1 18 GLU n 
1 19 VAL n 
1 20 THR n 
1 21 VAL n 
1 22 LYS n 
1 23 GLU n 
1 24 TRP n 
1 25 TYR n 
1 26 VAL n 
1 27 LYS n 
1 28 GLU n 
1 29 GLY n 
1 30 ASP n 
1 31 THR n 
1 32 VAL n 
1 33 SER n 
1 34 GLN n 
1 35 PHE n 
1 36 ASP n 
1 37 SER n 
1 38 ILE n 
1 39 CYS n 
1 40 GLU n 
1 41 VAL n 
1 42 GLN n 
1 43 SER n 
1 44 ASP n 
1 45 LYS n 
1 46 ALA n 
1 47 SER n 
1 48 VAL n 
1 49 THR n 
1 50 ILE n 
1 51 THR n 
1 52 SER n 
1 53 ARG n 
1 54 TYR n 
1 55 ASP n 
1 56 GLY n 
1 57 VAL n 
1 58 ILE n 
1 59 LYS n 
1 60 LYS n 
1 61 LEU n 
1 62 TYR n 
1 63 TYR n 
1 64 ASN n 
1 65 LEU n 
1 66 ASP n 
1 67 ASP n 
1 68 ILE n 
1 69 ALA n 
1 70 TYR n 
1 71 VAL n 
1 72 GLY n 
1 73 LYS n 
1 74 PRO n 
1 75 LEU n 
1 76 VAL n 
1 77 ASP n 
1 78 ILE n 
1 79 GLU n 
1 80 THR n 
1 81 GLU n 
1 82 ALA n 
1 83 LEU n 
1 84 LYS n 
1 85 ASP n 
1 86 LEU n 
1 87 GLU n 
1 88 HIS n 
1 89 HIS n 
1 90 HIS n 
1 91 HIS n 
1 92 HIS n 
1 93 HIS n 
# 
_entity_src_gen.entity_id                          1 
_entity_src_gen.pdbx_src_id                        1 
_entity_src_gen.pdbx_alt_source_flag               sample 
_entity_src_gen.pdbx_seq_type                      ? 
_entity_src_gen.pdbx_beg_seq_num                   ? 
_entity_src_gen.pdbx_end_seq_num                   ? 
_entity_src_gen.gene_src_common_name               human 
_entity_src_gen.gene_src_genus                     Homo 
_entity_src_gen.pdbx_gene_src_gene                 ? 
_entity_src_gen.gene_src_species                   ? 
_entity_src_gen.gene_src_strain                    ? 
_entity_src_gen.gene_src_tissue                    ? 
_entity_src_gen.gene_src_tissue_fraction           ? 
_entity_src_gen.gene_src_details                   ? 
_entity_src_gen.pdbx_gene_src_fragment             ? 
_entity_src_gen.pdbx_gene_src_scientific_name      'Homo sapiens' 
_entity_src_gen.pdbx_gene_src_ncbi_taxonomy_id     9606 
_entity_src_gen.pdbx_gene_src_variant              ? 
_entity_src_gen.pdbx_gene_src_cell_line            ? 
_entity_src_gen.pdbx_gene_src_atcc                 ? 
_entity_src_gen.pdbx_gene_src_organ                ? 
_entity_src_gen.pdbx_gene_src_organelle            ? 
_entity_src_gen.pdbx_gene_src_cell                 ? 
_entity_src_gen.pdbx_gene_src_cellular_location    ? 
_entity_src_gen.host_org_common_name               ? 
_entity_src_gen.pdbx_host_org_scientific_name      'Escherichia coli BL21' 
_entity_src_gen.pdbx_host_org_ncbi_taxonomy_id     511693 
_entity_src_gen.host_org_genus                     Escherichia 
_entity_src_gen.pdbx_host_org_gene                 ? 
_entity_src_gen.pdbx_host_org_organ                ? 
_entity_src_gen.host_org_species                   'Escherichia coli' 
_entity_src_gen.pdbx_host_org_tissue               ? 
_entity_src_gen.pdbx_host_org_tissue_fraction      ? 
_entity_src_gen.pdbx_host_org_strain               BL21 
_entity_src_gen.pdbx_host_org_variant              ? 
_entity_src_gen.pdbx_host_org_cell_line            ? 
_entity_src_gen.pdbx_host_org_atcc                 ? 
_entity_src_gen.pdbx_host_org_culture_collection   ? 
_entity_src_gen.pdbx_host_org_cell                 ? 
_entity_src_gen.pdbx_host_org_organelle            ? 
_entity_src_gen.pdbx_host_org_cellular_location    ? 
_entity_src_gen.pdbx_host_org_vector_type          PLASMID 
_entity_src_gen.pdbx_host_org_vector               ? 
_entity_src_gen.host_org_details                   ? 
_entity_src_gen.expression_system_id               ? 
_entity_src_gen.plasmid_name                       ? 
_entity_src_gen.plasmid_details                    ? 
_entity_src_gen.pdbx_description                   ? 
# 
loop_
_chem_comp.id 
_chem_comp.type 
_chem_comp.mon_nstd_flag 
_chem_comp.name 
_chem_comp.pdbx_synonyms 
_chem_comp.formula 
_chem_comp.formula_weight 
ALA 'L-peptide linking' y ALANINE         ? 'C3 H7 N O2'     89.093  
ARG 'L-peptide linking' y ARGININE        ? 'C6 H15 N4 O2 1' 175.209 
ASN 'L-peptide linking' y ASPARAGINE      ? 'C4 H8 N2 O3'    132.118 
ASP 'L-peptide linking' y 'ASPARTIC ACID' ? 'C4 H7 N O4'     133.103 
CYS 'L-peptide linking' y CYSTEINE        ? 'C3 H7 N O2 S'   121.158 
GLN 'L-peptide linking' y GLUTAMINE       ? 'C5 H10 N2 O3'   146.144 
GLU 'L-peptide linking' y 'GLUTAMIC ACID' ? 'C5 H9 N O4'     147.129 
GLY 'peptide linking'   y GLYCINE         ? 'C2 H5 N O2'     75.067  
HIS 'L-peptide linking' y HISTIDINE       ? 'C6 H10 N3 O2 1' 156.162 
ILE 'L-peptide linking' y ISOLEUCINE      ? 'C6 H13 N O2'    131.173 
LEU 'L-peptide linking' y LEUCINE         ? 'C6 H13 N O2'    131.173 
LYS 'L-peptide linking' y LYSINE          ? 'C6 H15 N2 O2 1' 147.195 
MET 'L-peptide linking' y METHIONINE      ? 'C5 H11 N O2 S'  149.211 
PHE 'L-peptide linking' y PHENYLALANINE   ? 'C9 H11 N O2'    165.189 
PRO 'L-peptide linking' y PROLINE         ? 'C5 H9 N O2'     115.130 
SER 'L-peptide linking' y SERINE          ? 'C3 H7 N O3'     105.093 
THR 'L-peptide linking' y THREONINE       ? 'C4 H9 N O3'     119.119 
TRP 'L-peptide linking' y TRYPTOPHAN      ? 'C11 H12 N2 O2'  204.225 
TYR 'L-peptide linking' y TYROSINE        ? 'C9 H11 N O3'    181.189 
VAL 'L-peptide linking' y VALINE          ? 'C5 H11 N O2'    117.146 
# 
loop_
_pdbx_poly_seq_scheme.asym_id 
_pdbx_poly_seq_scheme.entity_id 
_pdbx_poly_seq_scheme.seq_id 
_pdbx_poly_seq_scheme.mon_id 
_pdbx_poly_seq_scheme.ndb_seq_num 
_pdbx_poly_seq_scheme.pdb_seq_num 
_pdbx_poly_seq_scheme.auth_seq_num 
_pdbx_poly_seq_scheme.pdb_mon_id 
_pdbx_poly_seq_scheme.auth_mon_id 
_pdbx_poly_seq_scheme.pdb_strand_id 
_pdbx_poly_seq_scheme.pdb_ins_code 
_pdbx_poly_seq_scheme.hetero 
A 1 1  MET 1  1  1  MET MET A . n 
A 1 2  GLY 2  2  2  GLY GLY A . n 
A 1 3  GLN 3  3  3  GLN GLN A . n 
A 1 4  VAL 4  4  4  VAL VAL A . n 
A 1 5  VAL 5  5  5  VAL VAL A . n 
A 1 6  GLN 6  6  6  GLN GLN A . n 
A 1 7  PHE 7  7  7  PHE PHE A . n 
A 1 8  LYS 8  8  8  LYS LYS A . n 
A 1 9  LEU 9  9  9  LEU LEU A . n 
A 1 10 SER 10 10 10 SER SER A . n 
A 1 11 ASP 11 11 11 ASP ASP A . n 
A 1 12 ILE 12 12 12 ILE ILE A . n 
A 1 13 GLY 13 13 13 GLY GLY A . n 
A 1 14 GLU 14 14 14 GLU GLU A . n 
A 1 15 GLY 15 15 15 GLY GLY A . n 
A 1 16 ILE 16 16 16 ILE ILE A . n 
A 1 17 ARG 17 17 17 ARG ARG A . n 
A 1 18 GLU 18 18 18 GLU GLU A . n 
A 1 19 VAL 19 19 19 VAL VAL A . n 
A 1 20 THR 20 20 20 THR THR A . n 
A 1 21 VAL 21 21 21 VAL VAL A . n 
A 1 22 LYS 22 22 22 LYS LYS A . n 
A 1 23 GLU 23 23 23 GLU GLU A . n 
A 1 24 TRP 24 24 24 TRP TRP A . n 
A 1 25 TYR 25 25 25 TYR TYR A . n 
A 1 26 VAL 26 26 26 VAL VAL A . n 
A 1 27 LYS 27 27 27 LYS LYS A . n 
A 1 28 GLU 28 28 28 GLU GLU A . n 
A 1 29 GLY 29 29 29 GLY GLY A . n 
A 1 30 ASP 30 30 30 ASP ASP A . n 
A 1 31 THR 31 31 31 THR THR A . n 
A 1 32 VAL 32 32 32 VAL VAL A . n 
A 1 33 SER 33 33 33 SER SER A . n 
A 1 34 GLN 34 34 34 GLN GLN A . n 
A 1 35 PHE 35 35 35 PHE PHE A . n 
A 1 36 ASP 36 36 36 ASP ASP A . n 
A 1 37 SER 37 37 37 SER SER A . n 
A 1 38 ILE 38 38 38 ILE ILE A . n 
A 1 39 CYS 39 39 39 CYS CYS A . n 
A 1 40 GLU 40 40 40 GLU GLU A . n 
A 1 41 VAL 41 41 41 VAL VAL A . n 
A 1 42 GLN 42 42 42 GLN GLN A . n 
A 1 43 SER 43 43 43 SER SER A . n 
A 1 44 ASP 44 44 44 ASP ASP A . n 
A 1 45 LYS 45 45 45 LYS LYS A . n 
A 1 46 ALA 46 46 46 ALA ALA A . n 
A 1 47 SER 47 47 47 SER SER A . n 
A 1 48 VAL 48 48 48 VAL VAL A . n 
A 1 49 THR 49 49 49 THR THR A . n 
A 1 50 ILE 50 50 50 ILE ILE A . n 
A 1 51 THR 51 51 51 THR THR A . n 
A 1 52 SER 52 52 52 SER SER A . n 
A 1 53 ARG 53 53 53 ARG ARG A . n 
A 1 54 TYR 54 54 54 TYR TYR A . n 
A 1 55 ASP 55 55 55 ASP ASP A . n 
A 1 56 GLY 56 56 56 GLY GLY A . n 
A 1 57 VAL 57 57 57 VAL VAL A . n 
A 1 58 ILE 58 58 58 ILE ILE A . n 
A 1 59 LYS 59 59 59 LYS LYS A . n 
A 1 60 LYS 60 60 60 LYS LYS A . n 
A 1 61 LEU 61 61 61 LEU LEU A . n 
A 1 62 TYR 62 62 62 TYR TYR A . n 
A 1 63 TYR 63 63 63 TYR TYR A . n 
A 1 64 ASN 64 64 64 ASN ASN A . n 
A 1 65 LEU 65 65 65 LEU LEU A . n 
A 1 66 ASP 66 66 66 ASP ASP A . n 
A 1 67 ASP 67 67 67 ASP ASP A . n 
A 1 68 ILE 68 68 68 ILE ILE A . n 
A 1 69 ALA 69 69 69 ALA ALA A . n 
A 1 70 TYR 70 70 70 TYR TYR A . n 
A 1 71 VAL 71 71 71 VAL VAL A . n 
A 1 72 GLY 72 72 72 GLY GLY A . n 
A 1 73 LYS 73 73 73 LYS LYS A . n 
A 1 74 PRO 74 74 74 PRO PRO A . n 
A 1 75 LEU 75 75 75 LEU LEU A . n 
A 1 76 VAL 76 76 76 VAL VAL A . n 
A 1 77 ASP 77 77 77 ASP ASP A . n 
A 1 78 ILE 78 78 78 ILE ILE A . n 
A 1 79 GLU 79 79 79 GLU GLU A . n 
A 1 80 THR 80 80 80 THR THR A . n 
A 1 81 GLU 81 81 81 GLU GLU A . n 
A 1 82 ALA 82 82 82 ALA ALA A . n 
A 1 83 LEU 83 83 83 LEU LEU A . n 
A 1 84 LYS 84 84 84 LYS LYS A . n 
A 1 85 ASP 85 85 85 ASP ASP A . n 
A 1 86 LEU 86 86 86 LEU LEU A . n 
A 1 87 GLU 87 87 87 GLU GLU A . n 
A 1 88 HIS 88 88 ?  ?   ?   A . n 
A 1 89 HIS 89 89 ?  ?   ?   A . n 
A 1 90 HIS 90 90 ?  ?   ?   A . n 
A 1 91 HIS 91 91 ?  ?   ?   A . n 
A 1 92 HIS 92 92 ?  ?   ?   A . n 
A 1 93 HIS 93 93 ?  ?   ?   A . n 
# 
_exptl.entry_id          1K8M 
_exptl.method            'SOLUTION NMR' 
_exptl.crystals_number   ? 
# 
_exptl_crystal.id                    1 
_exptl_crystal.density_meas          ? 
_exptl_crystal.density_Matthews      ? 
_exptl_crystal.density_percent_sol   ? 
_exptl_crystal.description           ? 
# 
_diffrn.id                     1 
_diffrn.ambient_temp           ? 
_diffrn.ambient_temp_details   ? 
_diffrn.crystal_id             1 
# 
_diffrn_radiation.diffrn_id                        1 
_diffrn_radiation.wavelength_id                    1 
_diffrn_radiation.pdbx_monochromatic_or_laue_m_l   M 
_diffrn_radiation.monochromator                    ? 
_diffrn_radiation.pdbx_diffrn_protocol             'SINGLE WAVELENGTH' 
_diffrn_radiation.pdbx_scattering_type             ? 
# 
_diffrn_radiation_wavelength.id           1 
_diffrn_radiation_wavelength.wavelength   . 
_diffrn_radiation_wavelength.wt           1.0 
# 
_struct.entry_id                  1K8M 
_struct.title                     
;Solution Structure of the Lipoic Acid-Bearing Domain of the E2 component of Human, Mitochondrial Branched-Chain alpha-Ketoacid Dehydrogenase
;
_struct.pdbx_model_details        ? 
_struct.pdbx_CASP_flag            ? 
_struct.pdbx_model_type_details   'minimized average' 
# 
_struct_keywords.entry_id        1K8M 
_struct_keywords.pdbx_keywords   TRANSFERASE 
_struct_keywords.text            'Lipoyl Acid Bearing, Human BCKD, Experimental NMR data, Average Structure, TRANSFERASE' 
# 
_struct_asym.id                            A 
_struct_asym.pdbx_blank_PDB_chainid_flag   N 
_struct_asym.pdbx_modified                 N 
_struct_asym.entity_id                     1 
_struct_asym.details                       ? 
# 
_struct_ref.id                         1 
_struct_ref.db_name                    UNP 
_struct_ref.db_code                    ODB2_HUMAN 
_struct_ref.entity_id                  1 
_struct_ref.pdbx_seq_one_letter_code   
;GQVVQFKLSDIGEGIREVTVKEWYVKEGDTVSQFDSICEVQSDKASVTITSRYDGVIKKLYYNLDDIAYVGKPLVDIETE
ALKD
;
_struct_ref.pdbx_align_begin           2 
_struct_ref.pdbx_db_accession          P11182 
_struct_ref.pdbx_db_isoform            ? 
# 
_struct_ref_seq.align_id                      1 
_struct_ref_seq.ref_id                        1 
_struct_ref_seq.pdbx_PDB_id_code              1K8M 
_struct_ref_seq.pdbx_strand_id                A 
_struct_ref_seq.seq_align_beg                 2 
_struct_ref_seq.pdbx_seq_align_beg_ins_code   ? 
_struct_ref_seq.seq_align_end                 85 
_struct_ref_seq.pdbx_seq_align_end_ins_code   ? 
_struct_ref_seq.pdbx_db_accession             P11182 
_struct_ref_seq.db_align_beg                  62 
_struct_ref_seq.pdbx_db_align_beg_ins_code    ? 
_struct_ref_seq.db_align_end                  145 
_struct_ref_seq.pdbx_db_align_end_ins_code    ? 
_struct_ref_seq.pdbx_auth_seq_align_beg       2 
_struct_ref_seq.pdbx_auth_seq_align_end       85 
# 
loop_
_struct_ref_seq_dif.align_id 
_struct_ref_seq_dif.pdbx_pdb_id_code 
_struct_ref_seq_dif.mon_id 
_struct_ref_seq_dif.pdbx_pdb_strand_id 
_struct_ref_seq_dif.seq_num 
_struct_ref_seq_dif.pdbx_pdb_ins_code 
_struct_ref_seq_dif.pdbx_seq_db_name 
_struct_ref_seq_dif.pdbx_seq_db_accession_code 
_struct_ref_seq_dif.db_mon_id 
_struct_ref_seq_dif.pdbx_seq_db_seq_num 
_struct_ref_seq_dif.details 
_struct_ref_seq_dif.pdbx_auth_seq_num 
_struct_ref_seq_dif.pdbx_ordinal 
1 1K8M MET A 1  ? UNP P11182 ? ? 'initiating methionine' 1  1 
1 1K8M LEU A 86 ? UNP P11182 ? ? 'expression tag'        86 2 
1 1K8M GLU A 87 ? UNP P11182 ? ? 'expression tag'        87 3 
1 1K8M HIS A 88 ? UNP P11182 ? ? 'expression tag'        88 4 
1 1K8M HIS A 89 ? UNP P11182 ? ? 'expression tag'        89 5 
1 1K8M HIS A 90 ? UNP P11182 ? ? 'expression tag'        90 6 
1 1K8M HIS A 91 ? UNP P11182 ? ? 'expression tag'        91 7 
1 1K8M HIS A 92 ? UNP P11182 ? ? 'expression tag'        92 8 
1 1K8M HIS A 93 ? UNP P11182 ? ? 'expression tag'        93 9 
# 
_pdbx_struct_assembly.id                   1 
_pdbx_struct_assembly.details              author_defined_assembly 
_pdbx_struct_assembly.method_details       ? 
_pdbx_struct_assembly.oligomeric_details   monomeric 
_pdbx_struct_assembly.oligomeric_count     1 
# 
_pdbx_struct_assembly_gen.assembly_id       1 
_pdbx_struct_assembly_gen.oper_expression   1 
_pdbx_struct_assembly_gen.asym_id_list      A 
# 
_pdbx_struct_oper_list.id                   1 
_pdbx_struct_oper_list.type                 'identity operation' 
_pdbx_struct_oper_list.name                 1_555 
_pdbx_struct_oper_list.symmetry_operation   x,y,z 
_pdbx_struct_oper_list.matrix[1][1]         1.0000000000 
_pdbx_struct_oper_list.matrix[1][2]         0.0000000000 
_pdbx_struct_oper_list.matrix[1][3]         0.0000000000 
_pdbx_struct_oper_list.vector[1]            0.0000000000 
_pdbx_struct_oper_list.matrix[2][1]         0.0000000000 
_pdbx_struct_oper_list.matrix[2][2]         1.0000000000 
_pdbx_struct_oper_list.matrix[2][3]         0.0000000000 
_pdbx_struct_oper_list.vector[2]            0.0000000000 
_pdbx_struct_oper_list.matrix[3][1]         0.0000000000 
_pdbx_struct_oper_list.matrix[3][2]         0.0000000000 
_pdbx_struct_oper_list.matrix[3][3]         1.0000000000 
_pdbx_struct_oper_list.vector[3]            0.0000000000 
# 
_struct_biol.id   1 
# 
loop_
_struct_sheet.id 
_struct_sheet.type 
_struct_sheet.number_strands 
_struct_sheet.details 
A ? 4 ? 
B ? 4 ? 
# 
loop_
_struct_sheet_order.sheet_id 
_struct_sheet_order.range_id_1 
_struct_sheet_order.range_id_2 
_struct_sheet_order.offset 
_struct_sheet_order.sense 
A 1 2 ? anti-parallel 
A 2 3 ? anti-parallel 
A 3 4 ? anti-parallel 
B 1 2 ? anti-parallel 
B 2 3 ? anti-parallel 
B 3 4 ? anti-parallel 
# 
loop_
_struct_sheet_range.sheet_id 
_struct_sheet_range.id 
_struct_sheet_range.beg_label_comp_id 
_struct_sheet_range.beg_label_asym_id 
_struct_sheet_range.beg_label_seq_id 
_struct_sheet_range.pdbx_beg_PDB_ins_code 
_struct_sheet_range.end_label_comp_id 
_struct_sheet_range.end_label_asym_id 
_struct_sheet_range.end_label_seq_id 
_struct_sheet_range.pdbx_end_PDB_ins_code 
_struct_sheet_range.beg_auth_comp_id 
_struct_sheet_range.beg_auth_asym_id 
_struct_sheet_range.beg_auth_seq_id 
_struct_sheet_range.end_auth_comp_id 
_struct_sheet_range.end_auth_asym_id 
_struct_sheet_range.end_auth_seq_id 
A 1 VAL A 5  ? LYS A 8  ? VAL A 5  LYS A 8  
A 2 PRO A 74 ? GLU A 79 ? PRO A 74 GLU A 79 
A 3 GLY A 56 ? LEU A 61 ? GLY A 56 LEU A 61 
A 4 THR A 31 ? VAL A 32 ? THR A 31 VAL A 32 
B 1 SER A 47 ? THR A 49 ? SER A 47 THR A 49 
B 2 CYS A 39 ? GLN A 42 ? CYS A 39 GLN A 42 
B 3 VAL A 19 ? TRP A 24 ? VAL A 19 TRP A 24 
B 4 ILE A 68 ? ALA A 69 ? ILE A 68 ALA A 69 
# 
loop_
_pdbx_struct_sheet_hbond.sheet_id 
_pdbx_struct_sheet_hbond.range_id_1 
_pdbx_struct_sheet_hbond.range_id_2 
_pdbx_struct_sheet_hbond.range_1_label_atom_id 
_pdbx_struct_sheet_hbond.range_1_label_comp_id 
_pdbx_struct_sheet_hbond.range_1_label_asym_id 
_pdbx_struct_sheet_hbond.range_1_label_seq_id 
_pdbx_struct_sheet_hbond.range_1_PDB_ins_code 
_pdbx_struct_sheet_hbond.range_1_auth_atom_id 
_pdbx_struct_sheet_hbond.range_1_auth_comp_id 
_pdbx_struct_sheet_hbond.range_1_auth_asym_id 
_pdbx_struct_sheet_hbond.range_1_auth_seq_id 
_pdbx_struct_sheet_hbond.range_2_label_atom_id 
_pdbx_struct_sheet_hbond.range_2_label_comp_id 
_pdbx_struct_sheet_hbond.range_2_label_asym_id 
_pdbx_struct_sheet_hbond.range_2_label_seq_id 
_pdbx_struct_sheet_hbond.range_2_PDB_ins_code 
_pdbx_struct_sheet_hbond.range_2_auth_atom_id 
_pdbx_struct_sheet_hbond.range_2_auth_comp_id 
_pdbx_struct_sheet_hbond.range_2_auth_asym_id 
_pdbx_struct_sheet_hbond.range_2_auth_seq_id 
A 1 2 N VAL A 5  ? N VAL A 5  O ILE A 78 ? O ILE A 78 
A 2 3 O GLU A 79 ? O GLU A 79 N VAL A 57 ? N VAL A 57 
A 3 4 O GLY A 56 ? O GLY A 56 N VAL A 32 ? N VAL A 32 
B 1 2 O VAL A 48 ? O VAL A 48 N VAL A 41 ? N VAL A 41 
B 2 3 O GLU A 40 ? O GLU A 40 N GLU A 23 ? N GLU A 23 
B 3 4 N VAL A 19 ? N VAL A 19 O ALA A 69 ? O ALA A 69 
# 
loop_
_pdbx_validate_close_contact.id 
_pdbx_validate_close_contact.PDB_model_num 
_pdbx_validate_close_contact.auth_atom_id_1 
_pdbx_validate_close_contact.auth_asym_id_1 
_pdbx_validate_close_contact.auth_comp_id_1 
_pdbx_validate_close_contact.auth_seq_id_1 
_pdbx_validate_close_contact.PDB_ins_code_1 
_pdbx_validate_close_contact.label_alt_id_1 
_pdbx_validate_close_contact.auth_atom_id_2 
_pdbx_validate_close_contact.auth_asym_id_2 
_pdbx_validate_close_contact.auth_comp_id_2 
_pdbx_validate_close_contact.auth_seq_id_2 
_pdbx_validate_close_contact.PDB_ins_code_2 
_pdbx_validate_close_contact.label_alt_id_2 
_pdbx_validate_close_contact.dist 
1 1 C A SER 10 ? ? H   A ASP 11 ? ? 1.18 
2 1 O A SER 10 ? ? N   A ASP 11 ? ? 1.31 
3 1 O A LEU 86 ? ? HG2 A GLU 87 ? ? 1.54 
4 1 H A VAL 32 ? ? O   A GLY 56 ? ? 1.56 
# 
loop_
_pdbx_validate_rmsd_bond.id 
_pdbx_validate_rmsd_bond.PDB_model_num 
_pdbx_validate_rmsd_bond.auth_atom_id_1 
_pdbx_validate_rmsd_bond.auth_asym_id_1 
_pdbx_validate_rmsd_bond.auth_comp_id_1 
_pdbx_validate_rmsd_bond.auth_seq_id_1 
_pdbx_validate_rmsd_bond.PDB_ins_code_1 
_pdbx_validate_rmsd_bond.label_alt_id_1 
_pdbx_validate_rmsd_bond.auth_atom_id_2 
_pdbx_validate_rmsd_bond.auth_asym_id_2 
_pdbx_validate_rmsd_bond.auth_comp_id_2 
_pdbx_validate_rmsd_bond.auth_seq_id_2 
_pdbx_validate_rmsd_bond.PDB_ins_code_2 
_pdbx_validate_rmsd_bond.label_alt_id_2 
_pdbx_validate_rmsd_bond.bond_value 
_pdbx_validate_rmsd_bond.bond_target_value 
_pdbx_validate_rmsd_bond.bond_deviation 
_pdbx_validate_rmsd_bond.bond_standard_deviation 
_pdbx_validate_rmsd_bond.linker_flag 
1   1 N   A MET 1  ? ? CA  A MET 1  ? ? 0.814 1.459 -0.645 0.020 N 
2   1 CA  A MET 1  ? ? CB  A MET 1  ? ? 0.778 1.535 -0.757 0.022 N 
3   1 CB  A MET 1  ? ? CG  A MET 1  ? ? 0.826 1.509 -0.683 0.032 N 
4   1 CG  A MET 1  ? ? SD  A MET 1  ? ? 0.809 1.807 -0.998 0.026 N 
5   1 SD  A MET 1  ? ? CE  A MET 1  ? ? 0.506 1.774 -1.268 0.056 N 
6   1 CA  A MET 1  ? ? C   A MET 1  ? ? 1.322 1.525 -0.203 0.026 N 
7   1 C   A MET 1  ? ? O   A MET 1  ? ? 1.092 1.229 -0.137 0.019 N 
8   1 N   A GLY 2  ? ? CA  A GLY 2  ? ? 1.260 1.456 -0.196 0.015 N 
9   1 C   A GLY 2  ? ? O   A GLY 2  ? ? 1.030 1.232 -0.202 0.016 N 
10  1 C   A GLY 2  ? ? N   A GLN 3  ? ? 1.166 1.336 -0.170 0.023 Y 
11  1 CB  A GLN 3  ? ? CG  A GLN 3  ? ? 1.096 1.521 -0.425 0.027 N 
12  1 CG  A GLN 3  ? ? CD  A GLN 3  ? ? 1.006 1.506 -0.500 0.023 N 
13  1 CD  A GLN 3  ? ? OE1 A GLN 3  ? ? 0.360 1.235 -0.875 0.022 N 
14  1 CD  A GLN 3  ? ? NE2 A GLN 3  ? ? 0.590 1.324 -0.734 0.025 N 
15  1 CB  A GLN 6  ? ? CG  A GLN 6  ? ? 1.237 1.521 -0.284 0.027 N 
16  1 CD  A GLN 6  ? ? OE1 A GLN 6  ? ? 0.817 1.235 -0.418 0.022 N 
17  1 CD  A GLN 6  ? ? NE2 A GLN 6  ? ? 1.059 1.324 -0.265 0.025 N 
18  1 CB  A LYS 8  ? ? CG  A LYS 8  ? ? 1.121 1.521 -0.400 0.027 N 
19  1 CG  A LYS 8  ? ? CD  A LYS 8  ? ? 1.282 1.520 -0.238 0.034 N 
20  1 CD  A LYS 8  ? ? CE  A LYS 8  ? ? 1.334 1.508 -0.174 0.025 N 
21  1 CE  A LYS 8  ? ? NZ  A LYS 8  ? ? 1.078 1.486 -0.408 0.025 N 
22  1 CA  A SER 10 ? ? CB  A SER 10 ? ? 1.399 1.525 -0.126 0.015 N 
23  1 CB  A SER 10 ? ? OG  A SER 10 ? ? 0.439 1.418 -0.979 0.013 N 
24  1 C   A SER 10 ? ? O   A SER 10 ? ? 0.731 1.229 -0.498 0.019 N 
25  1 C   A SER 10 ? ? N   A ASP 11 ? ? 1.000 1.336 -0.336 0.023 Y 
26  1 CA  A ASP 11 ? ? CB  A ASP 11 ? ? 1.397 1.535 -0.138 0.022 N 
27  1 CB  A ASP 11 ? ? CG  A ASP 11 ? ? 0.729 1.513 -0.784 0.021 N 
28  1 CG  A ASP 11 ? ? OD1 A ASP 11 ? ? 0.772 1.249 -0.477 0.023 N 
29  1 CG  A ASP 11 ? ? OD2 A ASP 11 ? ? 0.465 1.249 -0.784 0.023 N 
30  1 CB  A ILE 12 ? ? CG1 A ILE 12 ? ? 1.218 1.536 -0.318 0.028 N 
31  1 CB  A ILE 12 ? ? CG2 A ILE 12 ? ? 1.053 1.524 -0.471 0.031 N 
32  1 C   A ILE 12 ? ? O   A ILE 12 ? ? 1.114 1.229 -0.115 0.019 N 
33  1 C   A GLY 13 ? ? O   A GLY 13 ? ? 1.087 1.232 -0.145 0.016 N 
34  1 CB  A GLU 14 ? ? CG  A GLU 14 ? ? 0.733 1.517 -0.784 0.019 N 
35  1 CG  A GLU 14 ? ? CD  A GLU 14 ? ? 1.010 1.515 -0.505 0.015 N 
36  1 CD  A GLU 14 ? ? OE1 A GLU 14 ? ? 0.733 1.252 -0.519 0.011 N 
37  1 CD  A GLU 14 ? ? OE2 A GLU 14 ? ? 0.613 1.252 -0.639 0.011 N 
38  1 C   A GLU 14 ? ? O   A GLU 14 ? ? 0.960 1.229 -0.269 0.019 N 
39  1 N   A GLY 15 ? ? CA  A GLY 15 ? ? 1.358 1.456 -0.098 0.015 N 
40  1 C   A GLY 15 ? ? O   A GLY 15 ? ? 1.124 1.232 -0.108 0.016 N 
41  1 C   A ILE 16 ? ? O   A ILE 16 ? ? 1.014 1.229 -0.215 0.019 N 
42  1 C   A ILE 16 ? ? N   A ARG 17 ? ? 1.173 1.336 -0.163 0.023 Y 
43  1 CB  A ARG 17 ? ? CG  A ARG 17 ? ? 1.016 1.521 -0.505 0.027 N 
44  1 CG  A ARG 17 ? ? CD  A ARG 17 ? ? 0.948 1.515 -0.567 0.025 N 
45  1 CD  A ARG 17 ? ? NE  A ARG 17 ? ? 0.697 1.460 -0.763 0.017 N 
46  1 NE  A ARG 17 ? ? CZ  A ARG 17 ? ? 0.953 1.326 -0.373 0.013 N 
47  1 CZ  A ARG 17 ? ? NH1 A ARG 17 ? ? 0.401 1.326 -0.925 0.013 N 
48  1 CZ  A ARG 17 ? ? NH2 A ARG 17 ? ? 0.588 1.326 -0.738 0.013 N 
49  1 CG  A GLU 18 ? ? CD  A GLU 18 ? ? 1.242 1.515 -0.273 0.015 N 
50  1 CD  A GLU 18 ? ? OE1 A GLU 18 ? ? 0.779 1.252 -0.473 0.011 N 
51  1 CD  A GLU 18 ? ? OE2 A GLU 18 ? ? 0.761 1.252 -0.491 0.011 N 
52  1 CB  A THR 20 ? ? OG1 A THR 20 ? ? 1.283 1.428 -0.145 0.020 N 
53  1 CG  A LYS 22 ? ? CD  A LYS 22 ? ? 0.832 1.520 -0.688 0.034 N 
54  1 CD  A LYS 22 ? ? CE  A LYS 22 ? ? 1.072 1.508 -0.436 0.025 N 
55  1 CE  A LYS 22 ? ? NZ  A LYS 22 ? ? 0.764 1.486 -0.722 0.025 N 
56  1 CB  A GLU 23 ? ? CG  A GLU 23 ? ? 1.321 1.517 -0.196 0.019 N 
57  1 CG  A GLU 23 ? ? CD  A GLU 23 ? ? 0.971 1.515 -0.544 0.015 N 
58  1 CD  A GLU 23 ? ? OE1 A GLU 23 ? ? 0.518 1.252 -0.734 0.011 N 
59  1 CD  A GLU 23 ? ? OE2 A GLU 23 ? ? 0.736 1.252 -0.516 0.011 N 
60  1 CG  A TYR 25 ? ? CD2 A TYR 25 ? ? 1.237 1.387 -0.150 0.013 N 
61  1 CG  A TYR 25 ? ? CD1 A TYR 25 ? ? 1.226 1.387 -0.161 0.013 N 
62  1 CE1 A TYR 25 ? ? CZ  A TYR 25 ? ? 1.224 1.381 -0.157 0.013 N 
63  1 CZ  A TYR 25 ? ? CE2 A TYR 25 ? ? 1.215 1.381 -0.166 0.013 N 
64  1 CG  A LYS 27 ? ? CD  A LYS 27 ? ? 1.021 1.520 -0.499 0.034 N 
65  1 CD  A LYS 27 ? ? CE  A LYS 27 ? ? 1.307 1.508 -0.201 0.025 N 
66  1 CE  A LYS 27 ? ? NZ  A LYS 27 ? ? 0.891 1.486 -0.595 0.025 N 
67  1 CG  A GLU 28 ? ? CD  A GLU 28 ? ? 1.105 1.515 -0.410 0.015 N 
68  1 CD  A GLU 28 ? ? OE1 A GLU 28 ? ? 0.641 1.252 -0.611 0.011 N 
69  1 CD  A GLU 28 ? ? OE2 A GLU 28 ? ? 0.727 1.252 -0.525 0.011 N 
70  1 CB  A ASP 30 ? ? CG  A ASP 30 ? ? 1.336 1.513 -0.177 0.021 N 
71  1 CG  A ASP 30 ? ? OD1 A ASP 30 ? ? 0.838 1.249 -0.411 0.023 N 
72  1 CG  A ASP 30 ? ? OD2 A ASP 30 ? ? 0.769 1.249 -0.480 0.023 N 
73  1 CB  A SER 33 ? ? OG  A SER 33 ? ? 1.000 1.418 -0.418 0.013 N 
74  1 CB  A GLN 34 ? ? CG  A GLN 34 ? ? 0.936 1.521 -0.585 0.027 N 
75  1 CG  A GLN 34 ? ? CD  A GLN 34 ? ? 1.229 1.506 -0.277 0.023 N 
76  1 CD  A GLN 34 ? ? OE1 A GLN 34 ? ? 0.593 1.235 -0.642 0.022 N 
77  1 CD  A GLN 34 ? ? NE2 A GLN 34 ? ? 0.540 1.324 -0.784 0.025 N 
78  1 CB  A PHE 35 ? ? CG  A PHE 35 ? ? 0.790 1.509 -0.719 0.017 N 
79  1 CG  A PHE 35 ? ? CD2 A PHE 35 ? ? 0.907 1.383 -0.476 0.015 N 
80  1 CG  A PHE 35 ? ? CD1 A PHE 35 ? ? 0.912 1.383 -0.471 0.015 N 
81  1 CD1 A PHE 35 ? ? CE1 A PHE 35 ? ? 0.725 1.388 -0.663 0.020 N 
82  1 CE1 A PHE 35 ? ? CZ  A PHE 35 ? ? 0.909 1.369 -0.460 0.019 N 
83  1 CZ  A PHE 35 ? ? CE2 A PHE 35 ? ? 0.910 1.369 -0.459 0.019 N 
84  1 CE2 A PHE 35 ? ? CD2 A PHE 35 ? ? 0.726 1.388 -0.662 0.020 N 
85  1 CG  A ASP 36 ? ? OD1 A ASP 36 ? ? 1.009 1.249 -0.240 0.023 N 
86  1 CG  A ASP 36 ? ? OD2 A ASP 36 ? ? 1.009 1.249 -0.240 0.023 N 
87  1 CB  A SER 37 ? ? OG  A SER 37 ? ? 1.037 1.418 -0.381 0.013 N 
88  1 CB  A CYS 39 ? ? SG  A CYS 39 ? ? 1.070 1.812 -0.742 0.016 N 
89  1 CB  A GLU 40 ? ? CG  A GLU 40 ? ? 1.203 1.517 -0.314 0.019 N 
90  1 CG  A GLU 40 ? ? CD  A GLU 40 ? ? 1.157 1.515 -0.358 0.015 N 
91  1 CD  A GLU 40 ? ? OE1 A GLU 40 ? ? 0.461 1.252 -0.791 0.011 N 
92  1 CD  A GLU 40 ? ? OE2 A GLU 40 ? ? 0.886 1.252 -0.366 0.011 N 
93  1 CG  A GLN 42 ? ? CD  A GLN 42 ? ? 1.257 1.506 -0.249 0.023 N 
94  1 CD  A GLN 42 ? ? OE1 A GLN 42 ? ? 1.033 1.235 -0.202 0.022 N 
95  1 CB  A SER 43 ? ? OG  A SER 43 ? ? 0.925 1.418 -0.493 0.013 N 
96  1 CB  A ASP 44 ? ? CG  A ASP 44 ? ? 0.684 1.513 -0.829 0.021 N 
97  1 CG  A ASP 44 ? ? OD1 A ASP 44 ? ? 0.472 1.249 -0.777 0.023 N 
98  1 CG  A ASP 44 ? ? OD2 A ASP 44 ? ? 0.904 1.249 -0.345 0.023 N 
99  1 CB  A LYS 45 ? ? CG  A LYS 45 ? ? 0.863 1.521 -0.658 0.027 N 
100 1 CG  A LYS 45 ? ? CD  A LYS 45 ? ? 1.229 1.520 -0.291 0.034 N 
101 1 CD  A LYS 45 ? ? CE  A LYS 45 ? ? 1.057 1.508 -0.451 0.025 N 
102 1 CE  A LYS 45 ? ? NZ  A LYS 45 ? ? 0.821 1.486 -0.665 0.025 N 
103 1 CB  A SER 47 ? ? OG  A SER 47 ? ? 0.932 1.418 -0.486 0.013 N 
104 1 CB  A THR 51 ? ? OG1 A THR 51 ? ? 1.161 1.428 -0.267 0.020 N 
105 1 CB  A THR 51 ? ? CG2 A THR 51 ? ? 1.249 1.519 -0.270 0.033 N 
106 1 CB  A SER 52 ? ? OG  A SER 52 ? ? 0.930 1.418 -0.488 0.013 N 
107 1 CB  A ARG 53 ? ? CG  A ARG 53 ? ? 1.087 1.521 -0.434 0.027 N 
108 1 CG  A ARG 53 ? ? CD  A ARG 53 ? ? 0.656 1.515 -0.859 0.025 N 
109 1 CD  A ARG 53 ? ? NE  A ARG 53 ? ? 0.884 1.460 -0.576 0.017 N 
110 1 NE  A ARG 53 ? ? CZ  A ARG 53 ? ? 0.841 1.326 -0.485 0.013 N 
111 1 CZ  A ARG 53 ? ? NH1 A ARG 53 ? ? 0.198 1.326 -1.128 0.013 N 
112 1 CZ  A ARG 53 ? ? NH2 A ARG 53 ? ? 0.771 1.326 -0.555 0.013 N 
113 1 CG  A TYR 54 ? ? CD2 A TYR 54 ? ? 1.278 1.387 -0.109 0.013 N 
114 1 CE1 A TYR 54 ? ? CZ  A TYR 54 ? ? 1.266 1.381 -0.115 0.013 N 
115 1 CB  A ASP 55 ? ? CG  A ASP 55 ? ? 0.917 1.513 -0.596 0.021 N 
116 1 CG  A ASP 55 ? ? OD1 A ASP 55 ? ? 0.929 1.249 -0.320 0.023 N 
117 1 CG  A ASP 55 ? ? OD2 A ASP 55 ? ? 0.726 1.249 -0.523 0.023 N 
118 1 CB  A LYS 59 ? ? CG  A LYS 59 ? ? 1.330 1.521 -0.191 0.027 N 
119 1 CD  A LYS 59 ? ? CE  A LYS 59 ? ? 1.038 1.508 -0.470 0.025 N 
120 1 CE  A LYS 59 ? ? NZ  A LYS 59 ? ? 0.603 1.486 -0.883 0.025 N 
121 1 CB  A LYS 60 ? ? CG  A LYS 60 ? ? 1.311 1.521 -0.210 0.027 N 
122 1 CD  A LYS 60 ? ? CE  A LYS 60 ? ? 1.300 1.508 -0.208 0.025 N 
123 1 CE  A LYS 60 ? ? NZ  A LYS 60 ? ? 1.248 1.486 -0.238 0.025 N 
124 1 CG  A TYR 62 ? ? CD2 A TYR 62 ? ? 1.236 1.387 -0.151 0.013 N 
125 1 CG  A TYR 62 ? ? CD1 A TYR 62 ? ? 1.243 1.387 -0.144 0.013 N 
126 1 CE1 A TYR 62 ? ? CZ  A TYR 62 ? ? 1.223 1.381 -0.158 0.013 N 
127 1 CZ  A TYR 62 ? ? CE2 A TYR 62 ? ? 1.233 1.381 -0.148 0.013 N 
128 1 CG  A TYR 63 ? ? CD2 A TYR 63 ? ? 1.216 1.387 -0.171 0.013 N 
129 1 CG  A TYR 63 ? ? CD1 A TYR 63 ? ? 1.213 1.387 -0.174 0.013 N 
130 1 CE1 A TYR 63 ? ? CZ  A TYR 63 ? ? 1.201 1.381 -0.180 0.013 N 
131 1 CZ  A TYR 63 ? ? CE2 A TYR 63 ? ? 1.201 1.381 -0.180 0.013 N 
132 1 CG  A ASN 64 ? ? OD1 A ASN 64 ? ? 1.054 1.235 -0.181 0.022 N 
133 1 CG  A ASN 64 ? ? ND2 A ASN 64 ? ? 1.136 1.324 -0.188 0.025 N 
134 1 CB  A ASP 66 ? ? CG  A ASP 66 ? ? 1.280 1.513 -0.233 0.021 N 
135 1 CG  A ASP 66 ? ? OD1 A ASP 66 ? ? 0.807 1.249 -0.442 0.023 N 
136 1 CG  A ASP 66 ? ? OD2 A ASP 66 ? ? 0.886 1.249 -0.363 0.023 N 
137 1 CB  A ASP 67 ? ? CG  A ASP 67 ? ? 1.270 1.513 -0.243 0.021 N 
138 1 CG  A ASP 67 ? ? OD1 A ASP 67 ? ? 0.892 1.249 -0.357 0.023 N 
139 1 CG  A ASP 67 ? ? OD2 A ASP 67 ? ? 0.862 1.249 -0.387 0.023 N 
140 1 CB  A TYR 70 ? ? CG  A TYR 70 ? ? 0.990 1.512 -0.522 0.015 N 
141 1 CG  A TYR 70 ? ? CD2 A TYR 70 ? ? 0.893 1.387 -0.494 0.013 N 
142 1 CG  A TYR 70 ? ? CD1 A TYR 70 ? ? 0.890 1.387 -0.497 0.013 N 
143 1 CD1 A TYR 70 ? ? CE1 A TYR 70 ? ? 0.904 1.389 -0.485 0.015 N 
144 1 CE1 A TYR 70 ? ? CZ  A TYR 70 ? ? 0.886 1.381 -0.495 0.013 N 
145 1 CZ  A TYR 70 ? ? OH  A TYR 70 ? ? 0.900 1.374 -0.474 0.017 N 
146 1 CZ  A TYR 70 ? ? CE2 A TYR 70 ? ? 0.883 1.381 -0.498 0.013 N 
147 1 CE2 A TYR 70 ? ? CD2 A TYR 70 ? ? 0.904 1.389 -0.485 0.015 N 
148 1 CB  A VAL 71 ? ? CG1 A VAL 71 ? ? 1.101 1.524 -0.423 0.021 N 
149 1 CB  A VAL 71 ? ? CG2 A VAL 71 ? ? 1.081 1.524 -0.443 0.021 N 
150 1 CB  A LYS 73 ? ? CG  A LYS 73 ? ? 1.047 1.521 -0.474 0.027 N 
151 1 CG  A LYS 73 ? ? CD  A LYS 73 ? ? 0.960 1.520 -0.560 0.034 N 
152 1 CD  A LYS 73 ? ? CE  A LYS 73 ? ? 1.127 1.508 -0.381 0.025 N 
153 1 CE  A LYS 73 ? ? NZ  A LYS 73 ? ? 0.789 1.486 -0.697 0.025 N 
154 1 CB  A LEU 75 ? ? CG  A LEU 75 ? ? 1.214 1.521 -0.307 0.029 N 
155 1 CG  A LEU 75 ? ? CD1 A LEU 75 ? ? 0.766 1.514 -0.748 0.037 N 
156 1 CG  A LEU 75 ? ? CD2 A LEU 75 ? ? 0.855 1.514 -0.659 0.037 N 
157 1 CG  A ASP 77 ? ? OD1 A ASP 77 ? ? 1.073 1.249 -0.176 0.023 N 
158 1 CG  A ASP 77 ? ? OD2 A ASP 77 ? ? 1.061 1.249 -0.188 0.023 N 
159 1 CB  A GLU 79 ? ? CG  A GLU 79 ? ? 1.388 1.517 -0.129 0.019 N 
160 1 CG  A GLU 79 ? ? CD  A GLU 79 ? ? 1.303 1.515 -0.212 0.015 N 
161 1 CD  A GLU 79 ? ? OE1 A GLU 79 ? ? 0.970 1.252 -0.282 0.011 N 
162 1 CD  A GLU 79 ? ? OE2 A GLU 79 ? ? 0.947 1.252 -0.305 0.011 N 
163 1 CB  A GLU 81 ? ? CG  A GLU 81 ? ? 1.294 1.517 -0.223 0.019 N 
164 1 CG  A GLU 81 ? ? CD  A GLU 81 ? ? 0.919 1.515 -0.596 0.015 N 
165 1 CD  A GLU 81 ? ? OE1 A GLU 81 ? ? 0.558 1.252 -0.694 0.011 N 
166 1 CD  A GLU 81 ? ? OE2 A GLU 81 ? ? 0.795 1.252 -0.457 0.011 N 
167 1 CG  A LEU 83 ? ? CD1 A LEU 83 ? ? 1.159 1.514 -0.355 0.037 N 
168 1 CG  A LEU 83 ? ? CD2 A LEU 83 ? ? 1.128 1.514 -0.386 0.037 N 
169 1 CB  A LYS 84 ? ? CG  A LYS 84 ? ? 0.684 1.521 -0.837 0.027 N 
170 1 CG  A LYS 84 ? ? CD  A LYS 84 ? ? 1.011 1.520 -0.509 0.034 N 
171 1 CD  A LYS 84 ? ? CE  A LYS 84 ? ? 0.960 1.508 -0.548 0.025 N 
172 1 CE  A LYS 84 ? ? NZ  A LYS 84 ? ? 0.704 1.486 -0.782 0.025 N 
173 1 CA  A ASP 85 ? ? CB  A ASP 85 ? ? 1.358 1.535 -0.177 0.022 N 
174 1 CB  A ASP 85 ? ? CG  A ASP 85 ? ? 1.126 1.513 -0.387 0.021 N 
175 1 CG  A ASP 85 ? ? OD1 A ASP 85 ? ? 0.603 1.249 -0.646 0.023 N 
176 1 CG  A ASP 85 ? ? OD2 A ASP 85 ? ? 0.598 1.249 -0.651 0.023 N 
177 1 C   A ASP 85 ? ? N   A LEU 86 ? ? 1.162 1.336 -0.174 0.023 Y 
178 1 CA  A LEU 86 ? ? CB  A LEU 86 ? ? 1.349 1.533 -0.184 0.023 N 
179 1 CB  A LEU 86 ? ? CG  A LEU 86 ? ? 1.267 1.521 -0.254 0.029 N 
180 1 CG  A LEU 86 ? ? CD1 A LEU 86 ? ? 0.420 1.514 -1.094 0.037 N 
181 1 CG  A LEU 86 ? ? CD2 A LEU 86 ? ? 0.840 1.514 -0.674 0.037 N 
182 1 CA  A LEU 86 ? ? C   A LEU 86 ? ? 1.230 1.525 -0.295 0.026 N 
183 1 C   A LEU 86 ? ? O   A LEU 86 ? ? 1.046 1.229 -0.183 0.019 N 
184 1 C   A LEU 86 ? ? N   A GLU 87 ? ? 1.185 1.336 -0.151 0.023 Y 
185 1 N   A GLU 87 ? ? CA  A GLU 87 ? ? 1.181 1.459 -0.278 0.020 N 
186 1 CA  A GLU 87 ? ? CB  A GLU 87 ? ? 1.137 1.535 -0.398 0.022 N 
187 1 CB  A GLU 87 ? ? CG  A GLU 87 ? ? 1.103 1.517 -0.414 0.019 N 
188 1 CG  A GLU 87 ? ? CD  A GLU 87 ? ? 0.753 1.515 -0.762 0.015 N 
189 1 CD  A GLU 87 ? ? OE1 A GLU 87 ? ? 0.646 1.252 -0.606 0.011 N 
190 1 CD  A GLU 87 ? ? OE2 A GLU 87 ? ? 0.728 1.252 -0.524 0.011 N 
191 1 CA  A GLU 87 ? ? C   A GLU 87 ? ? 1.149 1.525 -0.376 0.026 N 
192 1 C   A GLU 87 ? ? O   A GLU 87 ? ? 0.503 1.229 -0.726 0.019 N 
# 
loop_
_pdbx_validate_rmsd_angle.id 
_pdbx_validate_rmsd_angle.PDB_model_num 
_pdbx_validate_rmsd_angle.auth_atom_id_1 
_pdbx_validate_rmsd_angle.auth_asym_id_1 
_pdbx_validate_rmsd_angle.auth_comp_id_1 
_pdbx_validate_rmsd_angle.auth_seq_id_1 
_pdbx_validate_rmsd_angle.PDB_ins_code_1 
_pdbx_validate_rmsd_angle.label_alt_id_1 
_pdbx_validate_rmsd_angle.auth_atom_id_2 
_pdbx_validate_rmsd_angle.auth_asym_id_2 
_pdbx_validate_rmsd_angle.auth_comp_id_2 
_pdbx_validate_rmsd_angle.auth_seq_id_2 
_pdbx_validate_rmsd_angle.PDB_ins_code_2 
_pdbx_validate_rmsd_angle.label_alt_id_2 
_pdbx_validate_rmsd_angle.auth_atom_id_3 
_pdbx_validate_rmsd_angle.auth_asym_id_3 
_pdbx_validate_rmsd_angle.auth_comp_id_3 
_pdbx_validate_rmsd_angle.auth_seq_id_3 
_pdbx_validate_rmsd_angle.PDB_ins_code_3 
_pdbx_validate_rmsd_angle.label_alt_id_3 
_pdbx_validate_rmsd_angle.angle_value 
_pdbx_validate_rmsd_angle.angle_target_value 
_pdbx_validate_rmsd_angle.angle_deviation 
_pdbx_validate_rmsd_angle.angle_standard_deviation 
_pdbx_validate_rmsd_angle.linker_flag 
1   1 CB  A MET 1  ? ? CA  A MET 1  ? ? C   A MET 1  ? ? 129.30 110.40 18.90  2.00 N 
2   1 N   A MET 1  ? ? CA  A MET 1  ? ? CB  A MET 1  ? ? 84.46  110.60 -26.14 1.80 N 
3   1 CA  A MET 1  ? ? CB  A MET 1  ? ? CG  A MET 1  ? ? 158.97 113.30 45.67  1.70 N 
4   1 CB  A MET 1  ? ? CG  A MET 1  ? ? SD  A MET 1  ? ? 166.38 112.40 53.98  3.00 N 
5   1 CG  A MET 1  ? ? SD  A MET 1  ? ? CE  A MET 1  ? ? 136.28 100.20 36.08  1.60 N 
6   1 N   A MET 1  ? ? CA  A MET 1  ? ? C   A MET 1  ? ? 133.19 111.00 22.19  2.70 N 
7   1 CA  A GLN 3  ? ? CB  A GLN 3  ? ? CG  A GLN 3  ? ? 133.40 113.40 20.00  2.20 N 
8   1 CB  A GLN 3  ? ? CG  A GLN 3  ? ? CD  A GLN 3  ? ? 144.59 111.60 32.99  2.60 N 
9   1 OE1 A GLN 3  ? ? CD  A GLN 3  ? ? NE2 A GLN 3  ? ? 60.33  121.90 -61.57 2.30 N 
10  1 CG  A GLN 3  ? ? CD  A GLN 3  ? ? OE1 A GLN 3  ? ? 143.71 121.60 22.11  2.00 N 
11  1 CG  A GLN 3  ? ? CD  A GLN 3  ? ? NE2 A GLN 3  ? ? 155.96 116.70 39.26  2.40 N 
12  1 OE1 A GLN 6  ? ? CD  A GLN 6  ? ? NE2 A GLN 6  ? ? 106.36 121.90 -15.54 2.30 N 
13  1 CG  A GLN 6  ? ? CD  A GLN 6  ? ? NE2 A GLN 6  ? ? 132.13 116.70 15.43  2.40 N 
14  1 CA  A LYS 8  ? ? CB  A LYS 8  ? ? CG  A LYS 8  ? ? 127.85 113.40 14.45  2.20 N 
15  1 CG  A LYS 8  ? ? CD  A LYS 8  ? ? CE  A LYS 8  ? ? 138.68 111.90 26.78  3.00 N 
16  1 CA  A SER 10 ? ? CB  A SER 10 ? ? OG  A SER 10 ? ? 138.26 111.20 27.06  2.70 N 
17  1 CA  A SER 10 ? ? C   A SER 10 ? ? N   A ASP 11 ? ? 137.25 117.20 20.05  2.20 Y 
18  1 O   A SER 10 ? ? C   A SER 10 ? ? N   A ASP 11 ? ? 97.67  122.70 -25.03 1.60 Y 
19  1 C   A SER 10 ? ? N   A ASP 11 ? ? CA  A ASP 11 ? ? 140.90 121.70 19.20  2.50 Y 
20  1 CA  A ASP 11 ? ? CB  A ASP 11 ? ? CG  A ASP 11 ? ? 128.99 113.40 15.59  2.20 N 
21  1 CB  A ASP 11 ? ? CG  A ASP 11 ? ? OD1 A ASP 11 ? ? 143.24 118.30 24.94  0.90 N 
22  1 CB  A ASP 11 ? ? CG  A ASP 11 ? ? OD2 A ASP 11 ? ? 83.87  118.30 -34.43 0.90 N 
23  1 CG1 A ILE 12 ? ? CB  A ILE 12 ? ? CG2 A ILE 12 ? ? 94.71  111.40 -16.69 2.20 N 
24  1 CA  A ILE 12 ? ? CB  A ILE 12 ? ? CG1 A ILE 12 ? ? 127.94 111.00 16.94  1.90 N 
25  1 CB  A ILE 12 ? ? CG1 A ILE 12 ? ? CD1 A ILE 12 ? ? 133.73 113.90 19.83  2.80 N 
26  1 CA  A GLU 14 ? ? CB  A GLU 14 ? ? CG  A GLU 14 ? ? 144.57 113.40 31.17  2.20 N 
27  1 CB  A GLU 14 ? ? CG  A GLU 14 ? ? CD  A GLU 14 ? ? 138.65 114.20 24.45  2.70 N 
28  1 OE1 A GLU 14 ? ? CD  A GLU 14 ? ? OE2 A GLU 14 ? ? 108.78 123.30 -14.52 1.20 N 
29  1 CG  A GLU 14 ? ? CD  A GLU 14 ? ? OE1 A GLU 14 ? ? 132.64 118.30 14.34  2.00 N 
30  1 CA  A ARG 17 ? ? CB  A ARG 17 ? ? CG  A ARG 17 ? ? 127.32 113.40 13.92  2.20 N 
31  1 CB  A ARG 17 ? ? CG  A ARG 17 ? ? CD  A ARG 17 ? ? 144.90 111.60 33.30  2.60 N 
32  1 CG  A ARG 17 ? ? CD  A ARG 17 ? ? NE  A ARG 17 ? ? 155.71 111.80 43.91  2.10 N 
33  1 CD  A ARG 17 ? ? NE  A ARG 17 ? ? CZ  A ARG 17 ? ? 168.56 123.60 44.96  1.40 N 
34  1 NH1 A ARG 17 ? ? CZ  A ARG 17 ? ? NH2 A ARG 17 ? ? 31.45  119.40 -87.95 1.10 N 
35  1 NE  A ARG 17 ? ? CZ  A ARG 17 ? ? NH1 A ARG 17 ? ? 161.22 120.30 40.92  0.50 N 
36  1 NE  A ARG 17 ? ? CZ  A ARG 17 ? ? NH2 A ARG 17 ? ? 167.32 120.30 47.02  0.50 N 
37  1 OE1 A GLU 18 ? ? CD  A GLU 18 ? ? OE2 A GLU 18 ? ? 101.40 123.30 -21.90 1.20 N 
38  1 CB  A LYS 22 ? ? CG  A LYS 22 ? ? CD  A LYS 22 ? ? 167.09 111.60 55.49  2.60 N 
39  1 CG  A LYS 22 ? ? CD  A LYS 22 ? ? CE  A LYS 22 ? ? 164.72 111.90 52.82  3.00 N 
40  1 CD  A LYS 22 ? ? CE  A LYS 22 ? ? NZ  A LYS 22 ? ? 158.14 111.70 46.44  2.30 N 
41  1 CB  A GLU 23 ? ? CG  A GLU 23 ? ? CD  A GLU 23 ? ? 154.75 114.20 40.55  2.70 N 
42  1 OE1 A GLU 23 ? ? CD  A GLU 23 ? ? OE2 A GLU 23 ? ? 107.79 123.30 -15.51 1.20 N 
43  1 CG  A GLU 23 ? ? CD  A GLU 23 ? ? OE2 A GLU 23 ? ? 139.51 118.30 21.21  2.00 N 
44  1 CB  A TYR 25 ? ? CG  A TYR 25 ? ? CD2 A TYR 25 ? ? 124.72 121.00 3.72   0.60 N 
45  1 CD1 A TYR 25 ? ? CG  A TYR 25 ? ? CD2 A TYR 25 ? ? 111.26 117.90 -6.64  1.10 N 
46  1 CB  A LYS 27 ? ? CG  A LYS 27 ? ? CD  A LYS 27 ? ? 144.50 111.60 32.90  2.60 N 
47  1 CG  A LYS 27 ? ? CD  A LYS 27 ? ? CE  A LYS 27 ? ? 148.16 111.90 36.26  3.00 N 
48  1 CD  A LYS 27 ? ? CE  A LYS 27 ? ? NZ  A LYS 27 ? ? 138.90 111.70 27.20  2.30 N 
49  1 OE1 A GLU 28 ? ? CD  A GLU 28 ? ? OE2 A GLU 28 ? ? 101.85 123.30 -21.45 1.20 N 
50  1 CG  A GLU 28 ? ? CD  A GLU 28 ? ? OE2 A GLU 28 ? ? 133.36 118.30 15.06  2.00 N 
51  1 OD1 A ASP 30 ? ? CG  A ASP 30 ? ? OD2 A ASP 30 ? ? 99.01  123.30 -24.29 1.90 N 
52  1 CB  A ASP 30 ? ? CG  A ASP 30 ? ? OD1 A ASP 30 ? ? 133.27 118.30 14.97  0.90 N 
53  1 CB  A ASP 30 ? ? CG  A ASP 30 ? ? OD2 A ASP 30 ? ? 127.73 118.30 9.43   0.90 N 
54  1 CA  A GLN 34 ? ? CB  A GLN 34 ? ? CG  A GLN 34 ? ? 132.37 113.40 18.97  2.20 N 
55  1 OE1 A GLN 34 ? ? CD  A GLN 34 ? ? NE2 A GLN 34 ? ? 58.61  121.90 -63.29 2.30 N 
56  1 CG  A GLN 34 ? ? CD  A GLN 34 ? ? OE1 A GLN 34 ? ? 154.03 121.60 32.43  2.00 N 
57  1 CG  A GLN 34 ? ? CD  A GLN 34 ? ? NE2 A GLN 34 ? ? 147.36 116.70 30.66  2.40 N 
58  1 CA  A PHE 35 ? ? CB  A PHE 35 ? ? CG  A PHE 35 ? ? 141.79 113.90 27.89  2.40 N 
59  1 CB  A PHE 35 ? ? CG  A PHE 35 ? ? CD2 A PHE 35 ? ? 113.89 120.80 -6.91  0.70 N 
60  1 CD1 A PHE 35 ? ? CG  A PHE 35 ? ? CD2 A PHE 35 ? ? 131.92 118.30 13.62  1.30 N 
61  1 CB  A PHE 35 ? ? CG  A PHE 35 ? ? CD1 A PHE 35 ? ? 114.20 120.80 -6.60  0.70 N 
62  1 CG  A PHE 35 ? ? CD2 A PHE 35 ? ? CE2 A PHE 35 ? ? 114.08 120.80 -6.72  1.10 N 
63  1 CE1 A PHE 35 ? ? CZ  A PHE 35 ? ? CE2 A PHE 35 ? ? 132.67 120.00 12.67  1.80 N 
64  1 CB  A ASP 36 ? ? CG  A ASP 36 ? ? OD1 A ASP 36 ? ? 123.87 118.30 5.57   0.90 N 
65  1 CB  A ASP 36 ? ? CG  A ASP 36 ? ? OD2 A ASP 36 ? ? 123.74 118.30 5.44   0.90 N 
66  1 CA  A CYS 39 ? ? CB  A CYS 39 ? ? SG  A CYS 39 ? ? 142.37 114.20 28.17  1.10 N 
67  1 OE1 A GLU 40 ? ? CD  A GLU 40 ? ? OE2 A GLU 40 ? ? 102.52 123.30 -20.78 1.20 N 
68  1 CG  A GLU 40 ? ? CD  A GLU 40 ? ? OE2 A GLU 40 ? ? 150.17 118.30 31.87  2.00 N 
69  1 CA  A ASP 44 ? ? CB  A ASP 44 ? ? CG  A ASP 44 ? ? 148.61 113.40 35.21  2.20 N 
70  1 OD1 A ASP 44 ? ? CG  A ASP 44 ? ? OD2 A ASP 44 ? ? 152.03 123.30 28.73  1.90 N 
71  1 CB  A ASP 44 ? ? CG  A ASP 44 ? ? OD1 A ASP 44 ? ? 52.46  118.30 -65.84 0.90 N 
72  1 CB  A ASP 44 ? ? CG  A ASP 44 ? ? OD2 A ASP 44 ? ? 155.51 118.30 37.21  0.90 N 
73  1 CA  A LYS 45 ? ? CB  A LYS 45 ? ? CG  A LYS 45 ? ? 156.06 113.40 42.66  2.20 N 
74  1 CB  A LYS 45 ? ? CG  A LYS 45 ? ? CD  A LYS 45 ? ? 163.60 111.60 52.00  2.60 N 
75  1 CG  A LYS 45 ? ? CD  A LYS 45 ? ? CE  A LYS 45 ? ? 141.13 111.90 29.23  3.00 N 
76  1 CA  A ARG 53 ? ? CB  A ARG 53 ? ? CG  A ARG 53 ? ? 131.95 113.40 18.55  2.20 N 
77  1 CB  A ARG 53 ? ? CG  A ARG 53 ? ? CD  A ARG 53 ? ? 77.94  111.60 -33.66 2.60 N 
78  1 CG  A ARG 53 ? ? CD  A ARG 53 ? ? NE  A ARG 53 ? ? 159.92 111.80 48.12  2.10 N 
79  1 CD  A ARG 53 ? ? NE  A ARG 53 ? ? CZ  A ARG 53 ? ? 167.79 123.60 44.19  1.40 N 
80  1 NH1 A ARG 53 ? ? CZ  A ARG 53 ? ? NH2 A ARG 53 ? ? 75.38  119.40 -44.02 1.10 N 
81  1 NE  A ARG 53 ? ? CZ  A ARG 53 ? ? NH2 A ARG 53 ? ? 166.88 120.30 46.58  0.50 N 
82  1 CA  A ASP 55 ? ? CB  A ASP 55 ? ? CG  A ASP 55 ? ? 130.32 113.40 16.92  2.20 N 
83  1 CB  A ASP 55 ? ? CG  A ASP 55 ? ? OD1 A ASP 55 ? ? 129.62 118.30 11.32  0.90 N 
84  1 CB  A ASP 55 ? ? CG  A ASP 55 ? ? OD2 A ASP 55 ? ? 100.01 118.30 -18.29 0.90 N 
85  1 CD  A LYS 59 ? ? CE  A LYS 59 ? ? NZ  A LYS 59 ? ? 137.56 111.70 25.86  2.30 N 
86  1 CB  A TYR 63 ? ? CG  A TYR 63 ? ? CD2 A TYR 63 ? ? 125.88 121.00 4.88   0.60 N 
87  1 CD1 A TYR 63 ? ? CG  A TYR 63 ? ? CD2 A TYR 63 ? ? 108.52 117.90 -9.38  1.10 N 
88  1 CB  A TYR 63 ? ? CG  A TYR 63 ? ? CD1 A TYR 63 ? ? 125.60 121.00 4.60   0.60 N 
89  1 OD1 A ASP 66 ? ? CG  A ASP 66 ? ? OD2 A ASP 66 ? ? 107.47 123.30 -15.83 1.90 N 
90  1 CB  A ASP 66 ? ? CG  A ASP 66 ? ? OD2 A ASP 66 ? ? 129.99 118.30 11.69  0.90 N 
91  1 OD1 A ASP 67 ? ? CG  A ASP 67 ? ? OD2 A ASP 67 ? ? 111.02 123.30 -12.28 1.90 N 
92  1 CB  A ASP 67 ? ? CG  A ASP 67 ? ? OD1 A ASP 67 ? ? 125.87 118.30 7.57   0.90 N 
93  1 CA  A TYR 70 ? ? CB  A TYR 70 ? ? CG  A TYR 70 ? ? 136.36 113.40 22.96  1.90 N 
94  1 CG1 A VAL 71 ? ? CB  A VAL 71 ? ? CG2 A VAL 71 ? ? 98.86  110.90 -12.04 1.60 N 
95  1 CA  A VAL 71 ? ? CB  A VAL 71 ? ? CG1 A VAL 71 ? ? 121.34 110.90 10.44  1.50 N 
96  1 CA  A LYS 73 ? ? CB  A LYS 73 ? ? CG  A LYS 73 ? ? 129.98 113.40 16.58  2.20 N 
97  1 CB  A LYS 73 ? ? CG  A LYS 73 ? ? CD  A LYS 73 ? ? 157.36 111.60 45.76  2.60 N 
98  1 CG  A LYS 73 ? ? CD  A LYS 73 ? ? CE  A LYS 73 ? ? 147.42 111.90 35.52  3.00 N 
99  1 CD  A LYS 73 ? ? CE  A LYS 73 ? ? NZ  A LYS 73 ? ? 146.32 111.70 34.62  2.30 N 
100 1 CA  A LEU 75 ? ? CB  A LEU 75 ? ? CG  A LEU 75 ? ? 135.55 115.30 20.25  2.30 N 
101 1 CD1 A LEU 75 ? ? CG  A LEU 75 ? ? CD2 A LEU 75 ? ? 69.33  110.50 -41.17 3.00 N 
102 1 CB  A LEU 75 ? ? CG  A LEU 75 ? ? CD1 A LEU 75 ? ? 134.40 111.00 23.40  1.70 N 
103 1 CB  A LEU 75 ? ? CG  A LEU 75 ? ? CD2 A LEU 75 ? ? 141.90 111.00 30.90  1.70 N 
104 1 CB  A ASP 77 ? ? CG  A ASP 77 ? ? OD1 A ASP 77 ? ? 124.04 118.30 5.74   0.90 N 
105 1 OE1 A GLU 79 ? ? CD  A GLU 79 ? ? OE2 A GLU 79 ? ? 115.73 123.30 -7.57  1.20 N 
106 1 CB  A GLU 81 ? ? CG  A GLU 81 ? ? CD  A GLU 81 ? ? 143.75 114.20 29.55  2.70 N 
107 1 CG  A GLU 81 ? ? CD  A GLU 81 ? ? OE1 A GLU 81 ? ? 104.16 118.30 -14.14 2.00 N 
108 1 CG  A GLU 81 ? ? CD  A GLU 81 ? ? OE2 A GLU 81 ? ? 137.10 118.30 18.80  2.00 N 
109 1 CB  A LEU 83 ? ? CG  A LEU 83 ? ? CD1 A LEU 83 ? ? 124.24 111.00 13.24  1.70 N 
110 1 CB  A LEU 83 ? ? CG  A LEU 83 ? ? CD2 A LEU 83 ? ? 122.32 111.00 11.32  1.70 N 
111 1 CA  A LYS 84 ? ? CB  A LYS 84 ? ? CG  A LYS 84 ? ? 165.93 113.40 52.53  2.20 N 
112 1 CB  A LYS 84 ? ? CG  A LYS 84 ? ? CD  A LYS 84 ? ? 163.70 111.60 52.10  2.60 N 
113 1 CG  A LYS 84 ? ? CD  A LYS 84 ? ? CE  A LYS 84 ? ? 159.22 111.90 47.32  3.00 N 
114 1 CD  A LYS 84 ? ? CE  A LYS 84 ? ? NZ  A LYS 84 ? ? 152.14 111.70 40.44  2.30 N 
115 1 OD1 A ASP 85 ? ? CG  A ASP 85 ? ? OD2 A ASP 85 ? ? 85.57  123.30 -37.73 1.90 N 
116 1 CB  A ASP 85 ? ? CG  A ASP 85 ? ? OD1 A ASP 85 ? ? 137.59 118.30 19.29  0.90 N 
117 1 CB  A ASP 85 ? ? CG  A ASP 85 ? ? OD2 A ASP 85 ? ? 136.84 118.30 18.54  0.90 N 
118 1 CA  A LEU 86 ? ? CB  A LEU 86 ? ? CG  A LEU 86 ? ? 134.84 115.30 19.54  2.30 N 
119 1 CD1 A LEU 86 ? ? CG  A LEU 86 ? ? CD2 A LEU 86 ? ? 21.07  110.50 -89.43 3.00 N 
120 1 CB  A LEU 86 ? ? CG  A LEU 86 ? ? CD1 A LEU 86 ? ? 159.18 111.00 48.18  1.70 N 
121 1 CB  A LEU 86 ? ? CG  A LEU 86 ? ? CD2 A LEU 86 ? ? 172.30 111.00 61.30  1.70 N 
122 1 CA  A GLU 87 ? ? C   A GLU 87 ? ? O   A GLU 87 ? ? 160.94 120.10 40.84  2.10 N 
# 
loop_
_pdbx_validate_torsion.id 
_pdbx_validate_torsion.PDB_model_num 
_pdbx_validate_torsion.auth_comp_id 
_pdbx_validate_torsion.auth_asym_id 
_pdbx_validate_torsion.auth_seq_id 
_pdbx_validate_torsion.PDB_ins_code 
_pdbx_validate_torsion.label_alt_id 
_pdbx_validate_torsion.phi 
_pdbx_validate_torsion.psi 
1 1 ASP A 11 ? ? 166.61 -31.35 
2 1 ILE A 38 ? ? -86.51 -74.85 
# 
_pdbx_validate_chiral.id              1 
_pdbx_validate_chiral.PDB_model_num   1 
_pdbx_validate_chiral.auth_atom_id    CA 
_pdbx_validate_chiral.label_alt_id    ? 
_pdbx_validate_chiral.auth_asym_id    A 
_pdbx_validate_chiral.auth_comp_id    MET 
_pdbx_validate_chiral.auth_seq_id     1 
_pdbx_validate_chiral.PDB_ins_code    ? 
_pdbx_validate_chiral.details         PLANAR 
_pdbx_validate_chiral.omega           . 
# 
loop_
_pdbx_validate_polymer_linkage.id 
_pdbx_validate_polymer_linkage.PDB_model_num 
_pdbx_validate_polymer_linkage.auth_atom_id_1 
_pdbx_validate_polymer_linkage.auth_asym_id_1 
_pdbx_validate_polymer_linkage.auth_comp_id_1 
_pdbx_validate_polymer_linkage.auth_seq_id_1 
_pdbx_validate_polymer_linkage.PDB_ins_code_1 
_pdbx_validate_polymer_linkage.label_alt_id_1 
_pdbx_validate_polymer_linkage.auth_atom_id_2 
_pdbx_validate_polymer_linkage.auth_asym_id_2 
_pdbx_validate_polymer_linkage.auth_comp_id_2 
_pdbx_validate_polymer_linkage.auth_seq_id_2 
_pdbx_validate_polymer_linkage.PDB_ins_code_2 
_pdbx_validate_polymer_linkage.label_alt_id_2 
_pdbx_validate_polymer_linkage.dist 
1 1 C A GLY 2  ? ? N A GLN 3  ? ? 1.17 
2 1 C A SER 10 ? ? N A ASP 11 ? ? 1.00 
3 1 C A ILE 16 ? ? N A ARG 17 ? ? 1.17 
4 1 C A ASP 85 ? ? N A LEU 86 ? ? 1.16 
5 1 C A LEU 86 ? ? N A GLU 87 ? ? 1.18 
# 
_pdbx_nmr_ensemble.entry_id                             1K8M 
_pdbx_nmr_ensemble.conformers_calculated_total_number   ? 
_pdbx_nmr_ensemble.conformers_submitted_total_number    1 
_pdbx_nmr_ensemble.conformer_selection_criteria         ? 
# 
_pdbx_nmr_representative.entry_id             1K8M 
_pdbx_nmr_representative.conformer_id         ? 
_pdbx_nmr_representative.selection_criteria   'minimized average structure' 
# 
loop_
_pdbx_nmr_sample_details.solution_id 
_pdbx_nmr_sample_details.contents 
_pdbx_nmr_sample_details.solvent_system 
1 '2mM protein U-15N; 50mM phosphate buffer, pH7.5, 100mM NaCl, 0.02% (w/v) NaN3'     '90% H2O, 10% D2O or 100% D2O' 
2 '2mM protein U-15N,13C; 50mM phosphate buffer, pH7.5, 100mM NaCl, 0.02% (w/v) NaN3' '90% H2O, 10% D2O or 100% D2O' 
# 
loop_
_pdbx_nmr_exptl_sample_conditions.conditions_id 
_pdbx_nmr_exptl_sample_conditions.temperature 
_pdbx_nmr_exptl_sample_conditions.pressure 
_pdbx_nmr_exptl_sample_conditions.pH 
_pdbx_nmr_exptl_sample_conditions.ionic_strength 
_pdbx_nmr_exptl_sample_conditions.pressure_units 
_pdbx_nmr_exptl_sample_conditions.temperature_units 
1 310 ambient 7.5 '100mM NaCl' ? K 
2 310 ambient 7.5 '100mM NaCl' ? K 
# 
loop_
_pdbx_nmr_exptl.experiment_id 
_pdbx_nmr_exptl.solution_id 
_pdbx_nmr_exptl.conditions_id 
_pdbx_nmr_exptl.type 
1 1 1 3D_15N-separated_NOESY 
2 1 1 HNHA                   
3 2 2 3D_13C-separated_NOESY 
# 
_pdbx_nmr_details.entry_id   1K8M 
_pdbx_nmr_details.text       'The structure was determined using triple-resonance NMR spectroscopy' 
# 
_pdbx_nmr_refine.entry_id           1K8M 
_pdbx_nmr_refine.method             
;distance geometry 
simulated annealing 
molecular dynamics 
torsion angle dynamics
;
_pdbx_nmr_refine.details            ? 
_pdbx_nmr_refine.software_ordinal   1 
# 
loop_
_pdbx_nmr_software.name 
_pdbx_nmr_software.version 
_pdbx_nmr_software.classification 
_pdbx_nmr_software.authors 
_pdbx_nmr_software.ordinal 
XwinNMR 2.0   collection           Bruker          1 
XwinNMR 2.0   processing           Bruker          2 
AURELIA 2.0.6 'data analysis'      Bruker          3 
ARIA    1.0   refinement           'Nilges et. al' 4 
ARIA    1.0   'structure solution' 'Nilges et. al' 5 
# 
loop_
_pdbx_unobs_or_zero_occ_residues.id 
_pdbx_unobs_or_zero_occ_residues.PDB_model_num 
_pdbx_unobs_or_zero_occ_residues.polymer_flag 
_pdbx_unobs_or_zero_occ_residues.occupancy_flag 
_pdbx_unobs_or_zero_occ_residues.auth_asym_id 
_pdbx_unobs_or_zero_occ_residues.auth_comp_id 
_pdbx_unobs_or_zero_occ_residues.auth_seq_id 
_pdbx_unobs_or_zero_occ_residues.PDB_ins_code 
_pdbx_unobs_or_zero_occ_residues.label_asym_id 
_pdbx_unobs_or_zero_occ_residues.label_comp_id 
_pdbx_unobs_or_zero_occ_residues.label_seq_id 
1 1 Y 1 A HIS 88 ? A HIS 88 
2 1 Y 1 A HIS 89 ? A HIS 89 
3 1 Y 1 A HIS 90 ? A HIS 90 
4 1 Y 1 A HIS 91 ? A HIS 91 
5 1 Y 1 A HIS 92 ? A HIS 92 
6 1 Y 1 A HIS 93 ? A HIS 93 
# 
loop_
_chem_comp_atom.comp_id 
_chem_comp_atom.atom_id 
_chem_comp_atom.type_symbol 
_chem_comp_atom.pdbx_aromatic_flag 
_chem_comp_atom.pdbx_stereo_config 
_chem_comp_atom.pdbx_ordinal 
ALA N    N N N 1   
ALA CA   C N S 2   
ALA C    C N N 3   
ALA O    O N N 4   
ALA CB   C N N 5   
ALA OXT  O N N 6   
ALA H    H N N 7   
ALA H2   H N N 8   
ALA HA   H N N 9   
ALA HB1  H N N 10  
ALA HB2  H N N 11  
ALA HB3  H N N 12  
ALA HXT  H N N 13  
ARG N    N N N 14  
ARG CA   C N S 15  
ARG C    C N N 16  
ARG O    O N N 17  
ARG CB   C N N 18  
ARG CG   C N N 19  
ARG CD   C N N 20  
ARG NE   N N N 21  
ARG CZ   C N N 22  
ARG NH1  N N N 23  
ARG NH2  N N N 24  
ARG OXT  O N N 25  
ARG H    H N N 26  
ARG H2   H N N 27  
ARG HA   H N N 28  
ARG HB2  H N N 29  
ARG HB3  H N N 30  
ARG HG2  H N N 31  
ARG HG3  H N N 32  
ARG HD2  H N N 33  
ARG HD3  H N N 34  
ARG HE   H N N 35  
ARG HH11 H N N 36  
ARG HH12 H N N 37  
ARG HH21 H N N 38  
ARG HH22 H N N 39  
ARG HXT  H N N 40  
ASN N    N N N 41  
ASN CA   C N S 42  
ASN C    C N N 43  
ASN O    O N N 44  
ASN CB   C N N 45  
ASN CG   C N N 46  
ASN OD1  O N N 47  
ASN ND2  N N N 48  
ASN OXT  O N N 49  
ASN H    H N N 50  
ASN H2   H N N 51  
ASN HA   H N N 52  
ASN HB2  H N N 53  
ASN HB3  H N N 54  
ASN HD21 H N N 55  
ASN HD22 H N N 56  
ASN HXT  H N N 57  
ASP N    N N N 58  
ASP CA   C N S 59  
ASP C    C N N 60  
ASP O    O N N 61  
ASP CB   C N N 62  
ASP CG   C N N 63  
ASP OD1  O N N 64  
ASP OD2  O N N 65  
ASP OXT  O N N 66  
ASP H    H N N 67  
ASP H2   H N N 68  
ASP HA   H N N 69  
ASP HB2  H N N 70  
ASP HB3  H N N 71  
ASP HD2  H N N 72  
ASP HXT  H N N 73  
CYS N    N N N 74  
CYS CA   C N R 75  
CYS C    C N N 76  
CYS O    O N N 77  
CYS CB   C N N 78  
CYS SG   S N N 79  
CYS OXT  O N N 80  
CYS H    H N N 81  
CYS H2   H N N 82  
CYS HA   H N N 83  
CYS HB2  H N N 84  
CYS HB3  H N N 85  
CYS HG   H N N 86  
CYS HXT  H N N 87  
GLN N    N N N 88  
GLN CA   C N S 89  
GLN C    C N N 90  
GLN O    O N N 91  
GLN CB   C N N 92  
GLN CG   C N N 93  
GLN CD   C N N 94  
GLN OE1  O N N 95  
GLN NE2  N N N 96  
GLN OXT  O N N 97  
GLN H    H N N 98  
GLN H2   H N N 99  
GLN HA   H N N 100 
GLN HB2  H N N 101 
GLN HB3  H N N 102 
GLN HG2  H N N 103 
GLN HG3  H N N 104 
GLN HE21 H N N 105 
GLN HE22 H N N 106 
GLN HXT  H N N 107 
GLU N    N N N 108 
GLU CA   C N S 109 
GLU C    C N N 110 
GLU O    O N N 111 
GLU CB   C N N 112 
GLU CG   C N N 113 
GLU CD   C N N 114 
GLU OE1  O N N 115 
GLU OE2  O N N 116 
GLU OXT  O N N 117 
GLU H    H N N 118 
GLU H2   H N N 119 
GLU HA   H N N 120 
GLU HB2  H N N 121 
GLU HB3  H N N 122 
GLU HG2  H N N 123 
GLU HG3  H N N 124 
GLU HE2  H N N 125 
GLU HXT  H N N 126 
GLY N    N N N 127 
GLY CA   C N N 128 
GLY C    C N N 129 
GLY O    O N N 130 
GLY OXT  O N N 131 
GLY H    H N N 132 
GLY H2   H N N 133 
GLY HA2  H N N 134 
GLY HA3  H N N 135 
GLY HXT  H N N 136 
HIS N    N N N 137 
HIS CA   C N S 138 
HIS C    C N N 139 
HIS O    O N N 140 
HIS CB   C N N 141 
HIS CG   C Y N 142 
HIS ND1  N Y N 143 
HIS CD2  C Y N 144 
HIS CE1  C Y N 145 
HIS NE2  N Y N 146 
HIS OXT  O N N 147 
HIS H    H N N 148 
HIS H2   H N N 149 
HIS HA   H N N 150 
HIS HB2  H N N 151 
HIS HB3  H N N 152 
HIS HD1  H N N 153 
HIS HD2  H N N 154 
HIS HE1  H N N 155 
HIS HE2  H N N 156 
HIS HXT  H N N 157 
ILE N    N N N 158 
ILE CA   C N S 159 
ILE C    C N N 160 
ILE O    O N N 161 
ILE CB   C N S 162 
ILE CG1  C N N 163 
ILE CG2  C N N 164 
ILE CD1  C N N 165 
ILE OXT  O N N 166 
ILE H    H N N 167 
ILE H2   H N N 168 
ILE HA   H N N 169 
ILE HB   H N N 170 
ILE HG12 H N N 171 
ILE HG13 H N N 172 
ILE HG21 H N N 173 
ILE HG22 H N N 174 
ILE HG23 H N N 175 
ILE HD11 H N N 176 
ILE HD12 H N N 177 
ILE HD13 H N N 178 
ILE HXT  H N N 179 
LEU N    N N N 180 
LEU CA   C N S 181 
LEU C    C N N 182 
LEU O    O N N 183 
LEU CB   C N N 184 
LEU CG   C N N 185 
LEU CD1  C N N 186 
LEU CD2  C N N 187 
LEU OXT  O N N 188 
LEU H    H N N 189 
LEU H2   H N N 190 
LEU HA   H N N 191 
LEU HB2  H N N 192 
LEU HB3  H N N 193 
LEU HG   H N N 194 
LEU HD11 H N N 195 
LEU HD12 H N N 196 
LEU HD13 H N N 197 
LEU HD21 H N N 198 
LEU HD22 H N N 199 
LEU HD23 H N N 200 
LEU HXT  H N N 201 
LYS N    N N N 202 
LYS CA   C N S 203 
LYS C    C N N 204 
LYS O    O N N 205 
LYS CB   C N N 206 
LYS CG   C N N 207 
LYS CD   C N N 208 
LYS CE   C N N 209 
LYS NZ   N N N 210 
LYS OXT  O N N 211 
LYS H    H N N 212 
LYS H2   H N N 213 
LYS HA   H N N 214 
LYS HB2  H N N 215 
LYS HB3  H N N 216 
LYS HG2  H N N 217 
LYS HG3  H N N 218 
LYS HD2  H N N 219 
LYS HD3  H N N 220 
LYS HE2  H N N 221 
LYS HE3  H N N 222 
LYS HZ1  H N N 223 
LYS HZ2  H N N 224 
LYS HZ3  H N N 225 
LYS HXT  H N N 226 
MET N    N N N 227 
MET CA   C N S 228 
MET C    C N N 229 
MET O    O N N 230 
MET CB   C N N 231 
MET CG   C N N 232 
MET SD   S N N 233 
MET CE   C N N 234 
MET OXT  O N N 235 
MET H    H N N 236 
MET H2   H N N 237 
MET HA   H N N 238 
MET HB2  H N N 239 
MET HB3  H N N 240 
MET HG2  H N N 241 
MET HG3  H N N 242 
MET HE1  H N N 243 
MET HE2  H N N 244 
MET HE3  H N N 245 
MET HXT  H N N 246 
PHE N    N N N 247 
PHE CA   C N S 248 
PHE C    C N N 249 
PHE O    O N N 250 
PHE CB   C N N 251 
PHE CG   C Y N 252 
PHE CD1  C Y N 253 
PHE CD2  C Y N 254 
PHE CE1  C Y N 255 
PHE CE2  C Y N 256 
PHE CZ   C Y N 257 
PHE OXT  O N N 258 
PHE H    H N N 259 
PHE H2   H N N 260 
PHE HA   H N N 261 
PHE HB2  H N N 262 
PHE HB3  H N N 263 
PHE HD1  H N N 264 
PHE HD2  H N N 265 
PHE HE1  H N N 266 
PHE HE2  H N N 267 
PHE HZ   H N N 268 
PHE HXT  H N N 269 
PRO N    N N N 270 
PRO CA   C N S 271 
PRO C    C N N 272 
PRO O    O N N 273 
PRO CB   C N N 274 
PRO CG   C N N 275 
PRO CD   C N N 276 
PRO OXT  O N N 277 
PRO H    H N N 278 
PRO HA   H N N 279 
PRO HB2  H N N 280 
PRO HB3  H N N 281 
PRO HG2  H N N 282 
PRO HG3  H N N 283 
PRO HD2  H N N 284 
PRO HD3  H N N 285 
PRO HXT  H N N 286 
SER N    N N N 287 
SER CA   C N S 288 
SER C    C N N 289 
SER O    O N N 290 
SER CB   C N N 291 
SER OG   O N N 292 
SER OXT  O N N 293 
SER H    H N N 294 
SER H2   H N N 295 
SER HA   H N N 296 
SER HB2  H N N 297 
SER HB3  H N N 298 
SER HG   H N N 299 
SER HXT  H N N 300 
THR N    N N N 301 
THR CA   C N S 302 
THR C    C N N 303 
THR O    O N N 304 
THR CB   C N R 305 
THR OG1  O N N 306 
THR CG2  C N N 307 
THR OXT  O N N 308 
THR H    H N N 309 
THR H2   H N N 310 
THR HA   H N N 311 
THR HB   H N N 312 
THR HG1  H N N 313 
THR HG21 H N N 314 
THR HG22 H N N 315 
THR HG23 H N N 316 
THR HXT  H N N 317 
TRP N    N N N 318 
TRP CA   C N S 319 
TRP C    C N N 320 
TRP O    O N N 321 
TRP CB   C N N 322 
TRP CG   C Y N 323 
TRP CD1  C Y N 324 
TRP CD2  C Y N 325 
TRP NE1  N Y N 326 
TRP CE2  C Y N 327 
TRP CE3  C Y N 328 
TRP CZ2  C Y N 329 
TRP CZ3  C Y N 330 
TRP CH2  C Y N 331 
TRP OXT  O N N 332 
TRP H    H N N 333 
TRP H2   H N N 334 
TRP HA   H N N 335 
TRP HB2  H N N 336 
TRP HB3  H N N 337 
TRP HD1  H N N 338 
TRP HE1  H N N 339 
TRP HE3  H N N 340 
TRP HZ2  H N N 341 
TRP HZ3  H N N 342 
TRP HH2  H N N 343 
TRP HXT  H N N 344 
TYR N    N N N 345 
TYR CA   C N S 346 
TYR C    C N N 347 
TYR O    O N N 348 
TYR CB   C N N 349 
TYR CG   C Y N 350 
TYR CD1  C Y N 351 
TYR CD2  C Y N 352 
TYR CE1  C Y N 353 
TYR CE2  C Y N 354 
TYR CZ   C Y N 355 
TYR OH   O N N 356 
TYR OXT  O N N 357 
TYR H    H N N 358 
TYR H2   H N N 359 
TYR HA   H N N 360 
TYR HB2  H N N 361 
TYR HB3  H N N 362 
TYR HD1  H N N 363 
TYR HD2  H N N 364 
TYR HE1  H N N 365 
TYR HE2  H N N 366 
TYR HH   H N N 367 
TYR HXT  H N N 368 
VAL N    N N N 369 
VAL CA   C N S 370 
VAL C    C N N 371 
VAL O    O N N 372 
VAL CB   C N N 373 
VAL CG1  C N N 374 
VAL CG2  C N N 375 
VAL OXT  O N N 376 
VAL H    H N N 377 
VAL H2   H N N 378 
VAL HA   H N N 379 
VAL HB   H N N 380 
VAL HG11 H N N 381 
VAL HG12 H N N 382 
VAL HG13 H N N 383 
VAL HG21 H N N 384 
VAL HG22 H N N 385 
VAL HG23 H N N 386 
VAL HXT  H N N 387 
# 
loop_
_chem_comp_bond.comp_id 
_chem_comp_bond.atom_id_1 
_chem_comp_bond.atom_id_2 
_chem_comp_bond.value_order 
_chem_comp_bond.pdbx_aromatic_flag 
_chem_comp_bond.pdbx_stereo_config 
_chem_comp_bond.pdbx_ordinal 
ALA N   CA   sing N N 1   
ALA N   H    sing N N 2   
ALA N   H2   sing N N 3   
ALA CA  C    sing N N 4   
ALA CA  CB   sing N N 5   
ALA CA  HA   sing N N 6   
ALA C   O    doub N N 7   
ALA C   OXT  sing N N 8   
ALA CB  HB1  sing N N 9   
ALA CB  HB2  sing N N 10  
ALA CB  HB3  sing N N 11  
ALA OXT HXT  sing N N 12  
ARG N   CA   sing N N 13  
ARG N   H    sing N N 14  
ARG N   H2   sing N N 15  
ARG CA  C    sing N N 16  
ARG CA  CB   sing N N 17  
ARG CA  HA   sing N N 18  
ARG C   O    doub N N 19  
ARG C   OXT  sing N N 20  
ARG CB  CG   sing N N 21  
ARG CB  HB2  sing N N 22  
ARG CB  HB3  sing N N 23  
ARG CG  CD   sing N N 24  
ARG CG  HG2  sing N N 25  
ARG CG  HG3  sing N N 26  
ARG CD  NE   sing N N 27  
ARG CD  HD2  sing N N 28  
ARG CD  HD3  sing N N 29  
ARG NE  CZ   sing N N 30  
ARG NE  HE   sing N N 31  
ARG CZ  NH1  sing N N 32  
ARG CZ  NH2  doub N N 33  
ARG NH1 HH11 sing N N 34  
ARG NH1 HH12 sing N N 35  
ARG NH2 HH21 sing N N 36  
ARG NH2 HH22 sing N N 37  
ARG OXT HXT  sing N N 38  
ASN N   CA   sing N N 39  
ASN N   H    sing N N 40  
ASN N   H2   sing N N 41  
ASN CA  C    sing N N 42  
ASN CA  CB   sing N N 43  
ASN CA  HA   sing N N 44  
ASN C   O    doub N N 45  
ASN C   OXT  sing N N 46  
ASN CB  CG   sing N N 47  
ASN CB  HB2  sing N N 48  
ASN CB  HB3  sing N N 49  
ASN CG  OD1  doub N N 50  
ASN CG  ND2  sing N N 51  
ASN ND2 HD21 sing N N 52  
ASN ND2 HD22 sing N N 53  
ASN OXT HXT  sing N N 54  
ASP N   CA   sing N N 55  
ASP N   H    sing N N 56  
ASP N   H2   sing N N 57  
ASP CA  C    sing N N 58  
ASP CA  CB   sing N N 59  
ASP CA  HA   sing N N 60  
ASP C   O    doub N N 61  
ASP C   OXT  sing N N 62  
ASP CB  CG   sing N N 63  
ASP CB  HB2  sing N N 64  
ASP CB  HB3  sing N N 65  
ASP CG  OD1  doub N N 66  
ASP CG  OD2  sing N N 67  
ASP OD2 HD2  sing N N 68  
ASP OXT HXT  sing N N 69  
CYS N   CA   sing N N 70  
CYS N   H    sing N N 71  
CYS N   H2   sing N N 72  
CYS CA  C    sing N N 73  
CYS CA  CB   sing N N 74  
CYS CA  HA   sing N N 75  
CYS C   O    doub N N 76  
CYS C   OXT  sing N N 77  
CYS CB  SG   sing N N 78  
CYS CB  HB2  sing N N 79  
CYS CB  HB3  sing N N 80  
CYS SG  HG   sing N N 81  
CYS OXT HXT  sing N N 82  
GLN N   CA   sing N N 83  
GLN N   H    sing N N 84  
GLN N   H2   sing N N 85  
GLN CA  C    sing N N 86  
GLN CA  CB   sing N N 87  
GLN CA  HA   sing N N 88  
GLN C   O    doub N N 89  
GLN C   OXT  sing N N 90  
GLN CB  CG   sing N N 91  
GLN CB  HB2  sing N N 92  
GLN CB  HB3  sing N N 93  
GLN CG  CD   sing N N 94  
GLN CG  HG2  sing N N 95  
GLN CG  HG3  sing N N 96  
GLN CD  OE1  doub N N 97  
GLN CD  NE2  sing N N 98  
GLN NE2 HE21 sing N N 99  
GLN NE2 HE22 sing N N 100 
GLN OXT HXT  sing N N 101 
GLU N   CA   sing N N 102 
GLU N   H    sing N N 103 
GLU N   H2   sing N N 104 
GLU CA  C    sing N N 105 
GLU CA  CB   sing N N 106 
GLU CA  HA   sing N N 107 
GLU C   O    doub N N 108 
GLU C   OXT  sing N N 109 
GLU CB  CG   sing N N 110 
GLU CB  HB2  sing N N 111 
GLU CB  HB3  sing N N 112 
GLU CG  CD   sing N N 113 
GLU CG  HG2  sing N N 114 
GLU CG  HG3  sing N N 115 
GLU CD  OE1  doub N N 116 
GLU CD  OE2  sing N N 117 
GLU OE2 HE2  sing N N 118 
GLU OXT HXT  sing N N 119 
GLY N   CA   sing N N 120 
GLY N   H    sing N N 121 
GLY N   H2   sing N N 122 
GLY CA  C    sing N N 123 
GLY CA  HA2  sing N N 124 
GLY CA  HA3  sing N N 125 
GLY C   O    doub N N 126 
GLY C   OXT  sing N N 127 
GLY OXT HXT  sing N N 128 
HIS N   CA   sing N N 129 
HIS N   H    sing N N 130 
HIS N   H2   sing N N 131 
HIS CA  C    sing N N 132 
HIS CA  CB   sing N N 133 
HIS CA  HA   sing N N 134 
HIS C   O    doub N N 135 
HIS C   OXT  sing N N 136 
HIS CB  CG   sing N N 137 
HIS CB  HB2  sing N N 138 
HIS CB  HB3  sing N N 139 
HIS CG  ND1  sing Y N 140 
HIS CG  CD2  doub Y N 141 
HIS ND1 CE1  doub Y N 142 
HIS ND1 HD1  sing N N 143 
HIS CD2 NE2  sing Y N 144 
HIS CD2 HD2  sing N N 145 
HIS CE1 NE2  sing Y N 146 
HIS CE1 HE1  sing N N 147 
HIS NE2 HE2  sing N N 148 
HIS OXT HXT  sing N N 149 
ILE N   CA   sing N N 150 
ILE N   H    sing N N 151 
ILE N   H2   sing N N 152 
ILE CA  C    sing N N 153 
ILE CA  CB   sing N N 154 
ILE CA  HA   sing N N 155 
ILE C   O    doub N N 156 
ILE C   OXT  sing N N 157 
ILE CB  CG1  sing N N 158 
ILE CB  CG2  sing N N 159 
ILE CB  HB   sing N N 160 
ILE CG1 CD1  sing N N 161 
ILE CG1 HG12 sing N N 162 
ILE CG1 HG13 sing N N 163 
ILE CG2 HG21 sing N N 164 
ILE CG2 HG22 sing N N 165 
ILE CG2 HG23 sing N N 166 
ILE CD1 HD11 sing N N 167 
ILE CD1 HD12 sing N N 168 
ILE CD1 HD13 sing N N 169 
ILE OXT HXT  sing N N 170 
LEU N   CA   sing N N 171 
LEU N   H    sing N N 172 
LEU N   H2   sing N N 173 
LEU CA  C    sing N N 174 
LEU CA  CB   sing N N 175 
LEU CA  HA   sing N N 176 
LEU C   O    doub N N 177 
LEU C   OXT  sing N N 178 
LEU CB  CG   sing N N 179 
LEU CB  HB2  sing N N 180 
LEU CB  HB3  sing N N 181 
LEU CG  CD1  sing N N 182 
LEU CG  CD2  sing N N 183 
LEU CG  HG   sing N N 184 
LEU CD1 HD11 sing N N 185 
LEU CD1 HD12 sing N N 186 
LEU CD1 HD13 sing N N 187 
LEU CD2 HD21 sing N N 188 
LEU CD2 HD22 sing N N 189 
LEU CD2 HD23 sing N N 190 
LEU OXT HXT  sing N N 191 
LYS N   CA   sing N N 192 
LYS N   H    sing N N 193 
LYS N   H2   sing N N 194 
LYS CA  C    sing N N 195 
LYS CA  CB   sing N N 196 
LYS CA  HA   sing N N 197 
LYS C   O    doub N N 198 
LYS C   OXT  sing N N 199 
LYS CB  CG   sing N N 200 
LYS CB  HB2  sing N N 201 
LYS CB  HB3  sing N N 202 
LYS CG  CD   sing N N 203 
LYS CG  HG2  sing N N 204 
LYS CG  HG3  sing N N 205 
LYS CD  CE   sing N N 206 
LYS CD  HD2  sing N N 207 
LYS CD  HD3  sing N N 208 
LYS CE  NZ   sing N N 209 
LYS CE  HE2  sing N N 210 
LYS CE  HE3  sing N N 211 
LYS NZ  HZ1  sing N N 212 
LYS NZ  HZ2  sing N N 213 
LYS NZ  HZ3  sing N N 214 
LYS OXT HXT  sing N N 215 
MET N   CA   sing N N 216 
MET N   H    sing N N 217 
MET N   H2   sing N N 218 
MET CA  C    sing N N 219 
MET CA  CB   sing N N 220 
MET CA  HA   sing N N 221 
MET C   O    doub N N 222 
MET C   OXT  sing N N 223 
MET CB  CG   sing N N 224 
MET CB  HB2  sing N N 225 
MET CB  HB3  sing N N 226 
MET CG  SD   sing N N 227 
MET CG  HG2  sing N N 228 
MET CG  HG3  sing N N 229 
MET SD  CE   sing N N 230 
MET CE  HE1  sing N N 231 
MET CE  HE2  sing N N 232 
MET CE  HE3  sing N N 233 
MET OXT HXT  sing N N 234 
PHE N   CA   sing N N 235 
PHE N   H    sing N N 236 
PHE N   H2   sing N N 237 
PHE CA  C    sing N N 238 
PHE CA  CB   sing N N 239 
PHE CA  HA   sing N N 240 
PHE C   O    doub N N 241 
PHE C   OXT  sing N N 242 
PHE CB  CG   sing N N 243 
PHE CB  HB2  sing N N 244 
PHE CB  HB3  sing N N 245 
PHE CG  CD1  doub Y N 246 
PHE CG  CD2  sing Y N 247 
PHE CD1 CE1  sing Y N 248 
PHE CD1 HD1  sing N N 249 
PHE CD2 CE2  doub Y N 250 
PHE CD2 HD2  sing N N 251 
PHE CE1 CZ   doub Y N 252 
PHE CE1 HE1  sing N N 253 
PHE CE2 CZ   sing Y N 254 
PHE CE2 HE2  sing N N 255 
PHE CZ  HZ   sing N N 256 
PHE OXT HXT  sing N N 257 
PRO N   CA   sing N N 258 
PRO N   CD   sing N N 259 
PRO N   H    sing N N 260 
PRO CA  C    sing N N 261 
PRO CA  CB   sing N N 262 
PRO CA  HA   sing N N 263 
PRO C   O    doub N N 264 
PRO C   OXT  sing N N 265 
PRO CB  CG   sing N N 266 
PRO CB  HB2  sing N N 267 
PRO CB  HB3  sing N N 268 
PRO CG  CD   sing N N 269 
PRO CG  HG2  sing N N 270 
PRO CG  HG3  sing N N 271 
PRO CD  HD2  sing N N 272 
PRO CD  HD3  sing N N 273 
PRO OXT HXT  sing N N 274 
SER N   CA   sing N N 275 
SER N   H    sing N N 276 
SER N   H2   sing N N 277 
SER CA  C    sing N N 278 
SER CA  CB   sing N N 279 
SER CA  HA   sing N N 280 
SER C   O    doub N N 281 
SER C   OXT  sing N N 282 
SER CB  OG   sing N N 283 
SER CB  HB2  sing N N 284 
SER CB  HB3  sing N N 285 
SER OG  HG   sing N N 286 
SER OXT HXT  sing N N 287 
THR N   CA   sing N N 288 
THR N   H    sing N N 289 
THR N   H2   sing N N 290 
THR CA  C    sing N N 291 
THR CA  CB   sing N N 292 
THR CA  HA   sing N N 293 
THR C   O    doub N N 294 
THR C   OXT  sing N N 295 
THR CB  OG1  sing N N 296 
THR CB  CG2  sing N N 297 
THR CB  HB   sing N N 298 
THR OG1 HG1  sing N N 299 
THR CG2 HG21 sing N N 300 
THR CG2 HG22 sing N N 301 
THR CG2 HG23 sing N N 302 
THR OXT HXT  sing N N 303 
TRP N   CA   sing N N 304 
TRP N   H    sing N N 305 
TRP N   H2   sing N N 306 
TRP CA  C    sing N N 307 
TRP CA  CB   sing N N 308 
TRP CA  HA   sing N N 309 
TRP C   O    doub N N 310 
TRP C   OXT  sing N N 311 
TRP CB  CG   sing N N 312 
TRP CB  HB2  sing N N 313 
TRP CB  HB3  sing N N 314 
TRP CG  CD1  doub Y N 315 
TRP CG  CD2  sing Y N 316 
TRP CD1 NE1  sing Y N 317 
TRP CD1 HD1  sing N N 318 
TRP CD2 CE2  doub Y N 319 
TRP CD2 CE3  sing Y N 320 
TRP NE1 CE2  sing Y N 321 
TRP NE1 HE1  sing N N 322 
TRP CE2 CZ2  sing Y N 323 
TRP CE3 CZ3  doub Y N 324 
TRP CE3 HE3  sing N N 325 
TRP CZ2 CH2  doub Y N 326 
TRP CZ2 HZ2  sing N N 327 
TRP CZ3 CH2  sing Y N 328 
TRP CZ3 HZ3  sing N N 329 
TRP CH2 HH2  sing N N 330 
TRP OXT HXT  sing N N 331 
TYR N   CA   sing N N 332 
TYR N   H    sing N N 333 
TYR N   H2   sing N N 334 
TYR CA  C    sing N N 335 
TYR CA  CB   sing N N 336 
TYR CA  HA   sing N N 337 
TYR C   O    doub N N 338 
TYR C   OXT  sing N N 339 
TYR CB  CG   sing N N 340 
TYR CB  HB2  sing N N 341 
TYR CB  HB3  sing N N 342 
TYR CG  CD1  doub Y N 343 
TYR CG  CD2  sing Y N 344 
TYR CD1 CE1  sing Y N 345 
TYR CD1 HD1  sing N N 346 
TYR CD2 CE2  doub Y N 347 
TYR CD2 HD2  sing N N 348 
TYR CE1 CZ   doub Y N 349 
TYR CE1 HE1  sing N N 350 
TYR CE2 CZ   sing Y N 351 
TYR CE2 HE2  sing N N 352 
TYR CZ  OH   sing N N 353 
TYR OH  HH   sing N N 354 
TYR OXT HXT  sing N N 355 
VAL N   CA   sing N N 356 
VAL N   H    sing N N 357 
VAL N   H2   sing N N 358 
VAL CA  C    sing N N 359 
VAL CA  CB   sing N N 360 
VAL CA  HA   sing N N 361 
VAL C   O    doub N N 362 
VAL C   OXT  sing N N 363 
VAL CB  CG1  sing N N 364 
VAL CB  CG2  sing N N 365 
VAL CB  HB   sing N N 366 
VAL CG1 HG11 sing N N 367 
VAL CG1 HG12 sing N N 368 
VAL CG1 HG13 sing N N 369 
VAL CG2 HG21 sing N N 370 
VAL CG2 HG22 sing N N 371 
VAL CG2 HG23 sing N N 372 
VAL OXT HXT  sing N N 373 
# 
loop_
_pdbx_nmr_spectrometer.spectrometer_id 
_pdbx_nmr_spectrometer.type 
_pdbx_nmr_spectrometer.manufacturer 
_pdbx_nmr_spectrometer.model 
_pdbx_nmr_spectrometer.field_strength 
1 ? Bruker AVANCE 600 
2 ? Bruker AMX    500 
# 
_atom_sites.entry_id                    1K8M 
_atom_sites.fract_transf_matrix[1][1]   1.000000 
_atom_sites.fract_transf_matrix[1][2]   0.000000 
_atom_sites.fract_transf_matrix[1][3]   0.000000 
_atom_sites.fract_transf_matrix[2][1]   0.000000 
_atom_sites.fract_transf_matrix[2][2]   1.000000 
_atom_sites.fract_transf_matrix[2][3]   0.000000 
_atom_sites.fract_transf_matrix[3][1]   0.000000 
_atom_sites.fract_transf_matrix[3][2]   0.000000 
_atom_sites.fract_transf_matrix[3][3]   1.000000 
_atom_sites.fract_transf_vector[1]      0.00000 
_atom_sites.fract_transf_vector[2]      0.00000 
_atom_sites.fract_transf_vector[3]      0.00000 
# 
loop_
_atom_type.symbol 
C 
H 
N 
O 
S 
# 
loop_
_atom_site.group_PDB 
_atom_site.id 
_atom_site.type_symbol 
_atom_site.label_atom_id 
_atom_site.label_alt_id 
_atom_site.label_comp_id 
_atom_site.label_asym_id 
_atom_site.label_entity_id 
_atom_site.label_seq_id 
_atom_site.pdbx_PDB_ins_code 
_atom_site.Cartn_x 
_atom_site.Cartn_y 
_atom_site.Cartn_z 
_atom_site.occupancy 
_atom_site.B_iso_or_equiv 
_atom_site.pdbx_formal_charge 
_atom_site.auth_seq_id 
_atom_site.auth_comp_id 
_atom_site.auth_asym_id 
_atom_site.auth_atom_id 
_atom_site.pdbx_PDB_model_num 
ATOM 1    N N    . MET A 1 1  ? 0.723   -20.232 -0.890  1.00 2.75 ? 1  MET A N    1 
ATOM 2    C CA   . MET A 1 1  ? 1.153   -20.623 -0.320  1.00 2.33 ? 1  MET A CA   1 
ATOM 3    C C    . MET A 1 1  ? 2.179   -20.275 0.438   1.00 1.88 ? 1  MET A C    1 
ATOM 4    O O    . MET A 1 1  ? 3.071   -20.905 0.438   1.00 1.89 ? 1  MET A O    1 
ATOM 5    C CB   . MET A 1 1  ? 1.073   -21.239 -0.789  1.00 2.72 ? 1  MET A CB   1 
ATOM 6    C CG   . MET A 1 1  ? 0.930   -22.018 -1.020  1.00 3.23 ? 1  MET A CG   1 
ATOM 7    S SD   . MET A 1 1  ? 0.931   -22.747 -1.372  1.00 4.01 ? 1  MET A SD   1 
ATOM 8    C CE   . MET A 1 1  ? 1.115   -23.205 -1.264  1.00 4.75 ? 1  MET A CE   1 
ATOM 9    H H1   . MET A 1 1  ? 0.670   -20.182 -0.974  1.00 3.07 ? 1  MET A H1   1 
ATOM 10   H H2   . MET A 1 1  ? 0.669   -20.104 -1.088  1.00 3.14 ? 1  MET A H2   1 
ATOM 11   H H3   . MET A 1 1  ? 0.519   -20.127 -1.018  1.00 3.04 ? 1  MET A H3   1 
ATOM 12   H HA   . MET A 1 1  ? 0.771   -20.729 -0.121  1.00 2.75 ? 1  MET A HA   1 
ATOM 13   H HB2  . MET A 1 1  ? 0.791   -21.169 -1.019  1.00 3.08 ? 1  MET A HB2  1 
ATOM 14   H HB3  . MET A 1 1  ? 1.402   -21.189 -0.739  1.00 3.02 ? 1  MET A HB3  1 
ATOM 15   H HG2  . MET A 1 1  ? 0.862   -21.997 -0.915  1.00 3.64 ? 1  MET A HG2  1 
ATOM 16   H HG3  . MET A 1 1  ? 0.892   -22.163 -1.075  1.00 3.38 ? 1  MET A HG3  1 
ATOM 17   H HE1  . MET A 1 1  ? 1.082   -23.356 -1.437  1.00 5.11 ? 1  MET A HE1  1 
ATOM 18   H HE2  . MET A 1 1  ? 0.955   -23.128 -1.149  1.00 5.07 ? 1  MET A HE2  1 
ATOM 19   H HE3  . MET A 1 1  ? 1.418   -23.409 -1.138  1.00 4.98 ? 1  MET A HE3  1 
ATOM 20   N N    . GLY A 1 2  ? 2.045   -19.269 1.082   1.00 1.76 ? 2  GLY A N    1 
ATOM 21   C CA   . GLY A 1 2  ? 2.967   -18.855 1.836   1.00 1.67 ? 2  GLY A CA   1 
ATOM 22   C C    . GLY A 1 2  ? 3.614   -17.688 1.327   1.00 1.31 ? 2  GLY A C    1 
ATOM 23   O O    . GLY A 1 2  ? 4.475   -17.323 1.759   1.00 1.62 ? 2  GLY A O    1 
ATOM 24   H H    . GLY A 1 2  ? 1.314   -18.803 1.046   1.00 1.95 ? 2  GLY A H    1 
ATOM 25   H HA2  . GLY A 1 2  ? 2.572   -18.611 2.668   1.00 2.00 ? 2  GLY A HA2  1 
ATOM 26   H HA3  . GLY A 1 2  ? 3.597   -19.647 1.975   1.00 1.77 ? 2  GLY A HA3  1 
ATOM 27   N N    . GLN A 1 3  ? 3.201   -17.099 0.409   1.00 0.97 ? 3  GLN A N    1 
ATOM 28   C CA   . GLN A 1 3  ? 3.750   -15.967 -0.150  1.00 0.66 ? 3  GLN A CA   1 
ATOM 29   C C    . GLN A 1 3  ? 2.836   -14.762 -0.039  1.00 0.58 ? 3  GLN A C    1 
ATOM 30   O O    . GLN A 1 3  ? 1.642   -14.885 -0.076  1.00 0.70 ? 3  GLN A O    1 
ATOM 31   C CB   . GLN A 1 3  ? 4.089   -16.247 -1.523  1.00 0.74 ? 3  GLN A CB   1 
ATOM 32   C CG   . GLN A 1 3  ? 4.660   -17.046 -2.010  1.00 1.35 ? 3  GLN A CG   1 
ATOM 33   C CD   . GLN A 1 3  ? 4.979   -17.403 -2.894  1.00 1.87 ? 3  GLN A CD   1 
ATOM 34   O OE1  . GLN A 1 3  ? 4.968   -17.349 -3.250  1.00 2.39 ? 3  GLN A OE1  1 
ATOM 35   N NE2  . GLN A 1 3  ? 5.264   -17.773 -3.254  1.00 2.56 ? 3  GLN A NE2  1 
ATOM 36   H H    . GLN A 1 3  ? 2.511   -17.432 0.102   1.00 1.20 ? 3  GLN A H    1 
ATOM 37   H HA   . GLN A 1 3  ? 4.608   -15.779 0.350   1.00 0.76 ? 3  GLN A HA   1 
ATOM 38   H HB2  . GLN A 1 3  ? 3.599   -16.319 -1.882  1.00 1.28 ? 3  GLN A HB2  1 
ATOM 39   H HB3  . GLN A 1 3  ? 4.403   -15.784 -1.834  1.00 1.08 ? 3  GLN A HB3  1 
ATOM 40   H HG2  . GLN A 1 3  ? 5.035   -17.141 -1.948  1.00 1.76 ? 3  GLN A HG2  1 
ATOM 41   H HG3  . GLN A 1 3  ? 4.474   -17.275 -1.776  1.00 2.03 ? 3  GLN A HG3  1 
ATOM 42   H HE21 . GLN A 1 3  ? 5.253   -17.794 -2.933  1.00 2.84 ? 3  GLN A HE21 1 
ATOM 43   H HE22 . GLN A 1 3  ? 5.473   -18.011 -3.826  1.00 3.09 ? 3  GLN A HE22 1 
ATOM 44   N N    . VAL A 1 4  ? 3.402   -13.597 0.097   1.00 0.49 ? 4  VAL A N    1 
ATOM 45   C CA   . VAL A 1 4  ? 2.637   -12.367 0.215   1.00 0.39 ? 4  VAL A CA   1 
ATOM 46   C C    . VAL A 1 4  ? 3.106   -11.319 -0.782  1.00 0.39 ? 4  VAL A C    1 
ATOM 47   O O    . VAL A 1 4  ? 4.290   -11.228 -1.093  1.00 0.46 ? 4  VAL A O    1 
ATOM 48   C CB   . VAL A 1 4  ? 2.725   -11.771 1.632   1.00 0.38 ? 4  VAL A CB   1 
ATOM 49   C CG1  . VAL A 1 4  ? 2.148   -12.723 2.643   1.00 0.44 ? 4  VAL A CG1  1 
ATOM 50   C CG2  . VAL A 1 4  ? 4.147   -11.417 1.981   1.00 0.52 ? 4  VAL A CG2  1 
ATOM 51   H H    . VAL A 1 4  ? 4.358   -13.564 0.121   1.00 0.58 ? 4  VAL A H    1 
ATOM 52   H HA   . VAL A 1 4  ? 1.606   -12.602 0.013   1.00 0.37 ? 4  VAL A HA   1 
ATOM 53   H HB   . VAL A 1 4  ? 2.148   -10.869 1.660   1.00 0.32 ? 4  VAL A HB   1 
ATOM 54   H HG11 . VAL A 1 4  ? 1.964   -12.605 3.175   1.00 0.97 ? 4  VAL A HG11 1 
ATOM 55   H HG12 . VAL A 1 4  ? 2.398   -13.176 2.867   1.00 1.15 ? 4  VAL A HG12 1 
ATOM 56   H HG13 . VAL A 1 4  ? 1.672   -13.061 2.606   1.00 0.96 ? 4  VAL A HG13 1 
ATOM 57   H HG21 . VAL A 1 4  ? 4.522   -11.372 1.977   1.00 1.11 ? 4  VAL A HG21 1 
ATOM 58   H HG22 . VAL A 1 4  ? 4.451   -11.394 2.140   1.00 1.26 ? 4  VAL A HG22 1 
ATOM 59   H HG23 . VAL A 1 4  ? 4.478   -11.231 2.074   1.00 1.10 ? 4  VAL A HG23 1 
ATOM 60   N N    . VAL A 1 5  ? 2.171   -10.516 -1.257  1.00 0.35 ? 5  VAL A N    1 
ATOM 61   C CA   . VAL A 1 5  ? 2.475   -9.451  -2.195  1.00 0.38 ? 5  VAL A CA   1 
ATOM 62   C C    . VAL A 1 5  ? 2.622   -8.145  -1.435  1.00 0.34 ? 5  VAL A C    1 
ATOM 63   O O    . VAL A 1 5  ? 1.777   -7.796  -0.617  1.00 0.34 ? 5  VAL A O    1 
ATOM 64   C CB   . VAL A 1 5  ? 1.377   -9.297  -3.259  1.00 0.41 ? 5  VAL A CB   1 
ATOM 65   C CG1  . VAL A 1 5  ? 1.260   -10.556 -4.095  1.00 0.47 ? 5  VAL A CG1  1 
ATOM 66   C CG2  . VAL A 1 5  ? 0.047   -8.961  -2.614  1.00 0.38 ? 5  VAL A CG2  1 
ATOM 67   H H    . VAL A 1 5  ? 1.249   -10.630 -0.954  1.00 0.32 ? 5  VAL A H    1 
ATOM 68   H HA   . VAL A 1 5  ? 3.406   -9.684  -2.686  1.00 0.43 ? 5  VAL A HA   1 
ATOM 69   H HB   . VAL A 1 5  ? 1.650   -8.487  -3.909  1.00 0.47 ? 5  VAL A HB   1 
ATOM 70   H HG11 . VAL A 1 5  ? 1.160   -10.834 -4.309  1.00 1.15 ? 5  VAL A HG11 1 
ATOM 71   H HG12 . VAL A 1 5  ? 1.247   -10.909 -4.237  1.00 1.08 ? 5  VAL A HG12 1 
ATOM 72   H HG13 . VAL A 1 5  ? 1.292   -10.820 -4.332  1.00 1.15 ? 5  VAL A HG13 1 
ATOM 73   H HG21 . VAL A 1 5  ? -0.277  -8.818  -2.503  1.00 1.13 ? 5  VAL A HG21 1 
ATOM 74   H HG22 . VAL A 1 5  ? -0.244  -8.876  -2.391  1.00 1.04 ? 5  VAL A HG22 1 
ATOM 75   H HG23 . VAL A 1 5  ? -0.282  -8.950  -2.492  1.00 1.08 ? 5  VAL A HG23 1 
ATOM 76   N N    . GLN A 1 6  ? 3.715   -7.445  -1.670  1.00 0.35 ? 6  GLN A N    1 
ATOM 77   C CA   . GLN A 1 6  ? 3.978   -6.205  -0.966  1.00 0.34 ? 6  GLN A CA   1 
ATOM 78   C C    . GLN A 1 6  ? 3.695   -4.979  -1.816  1.00 0.33 ? 6  GLN A C    1 
ATOM 79   O O    . GLN A 1 6  ? 3.956   -4.963  -3.015  1.00 0.35 ? 6  GLN A O    1 
ATOM 80   C CB   . GLN A 1 6  ? 5.425   -6.179  -0.494  1.00 0.37 ? 6  GLN A CB   1 
ATOM 81   C CG   . GLN A 1 6  ? 5.765   -6.888  0.461   1.00 0.84 ? 6  GLN A CG   1 
ATOM 82   C CD   . GLN A 1 6  ? 6.786   -7.747  0.096   1.00 1.25 ? 6  GLN A CD   1 
ATOM 83   O OE1  . GLN A 1 6  ? 7.354   -7.988  0.631   1.00 1.89 ? 6  GLN A OE1  1 
ATOM 84   N NE2  . GLN A 1 6  ? 7.026   -8.214  -0.824  1.00 1.40 ? 6  GLN A NE2  1 
ATOM 85   H H    . GLN A 1 6  ? 4.372   -7.783  -2.307  1.00 0.38 ? 6  GLN A H    1 
ATOM 86   H HA   . GLN A 1 6  ? 3.336   -6.182  -0.105  1.00 0.36 ? 6  GLN A HA   1 
ATOM 87   H HB2  . GLN A 1 6  ? 5.997   -6.412  -1.100  1.00 0.72 ? 6  GLN A HB2  1 
ATOM 88   H HB3  . GLN A 1 6  ? 5.687   -5.398  -0.248  1.00 0.88 ? 6  GLN A HB3  1 
ATOM 89   H HG2  . GLN A 1 6  ? 5.964   -6.323  1.151   1.00 1.19 ? 6  GLN A HG2  1 
ATOM 90   H HG3  . GLN A 1 6  ? 5.058   -7.340  0.752   1.00 1.15 ? 6  GLN A HG3  1 
ATOM 91   H HE21 . GLN A 1 6  ? 6.539   -7.982  -1.209  1.00 1.58 ? 6  GLN A HE21 1 
ATOM 92   H HE22 . GLN A 1 6  ? 7.681   -8.773  -1.079  1.00 1.69 ? 6  GLN A HE22 1 
ATOM 93   N N    . PHE A 1 7  ? 3.178   -3.943  -1.169  1.00 0.32 ? 7  PHE A N    1 
ATOM 94   C CA   . PHE A 1 7  ? 2.875   -2.693  -1.836  1.00 0.33 ? 7  PHE A CA   1 
ATOM 95   C C    . PHE A 1 7  ? 3.968   -1.677  -1.527  1.00 0.27 ? 7  PHE A C    1 
ATOM 96   O O    . PHE A 1 7  ? 4.397   -1.541  -0.384  1.00 0.31 ? 7  PHE A O    1 
ATOM 97   C CB   . PHE A 1 7  ? 1.505   -2.173  -1.394  1.00 0.41 ? 7  PHE A CB   1 
ATOM 98   C CG   . PHE A 1 7  ? 1.282   -0.723  -1.695  1.00 0.47 ? 7  PHE A CG   1 
ATOM 99   C CD1  . PHE A 1 7  ? 1.041   -0.297  -2.955  1.00 0.60 ? 7  PHE A CD1  1 
ATOM 100  C CD2  . PHE A 1 7  ? 1.312   0.209   -0.716  1.00 0.56 ? 7  PHE A CD2  1 
ATOM 101  C CE1  . PHE A 1 7  ? 0.835   1.033   -3.235  1.00 0.67 ? 7  PHE A CE1  1 
ATOM 102  C CE2  . PHE A 1 7  ? 1.105   1.540   -0.988  1.00 0.64 ? 7  PHE A CE2  1 
ATOM 103  C CZ   . PHE A 1 7  ? 0.893   1.959   -2.245  1.00 0.64 ? 7  PHE A CZ   1 
ATOM 104  H H    . PHE A 1 7  ? 3.010   -4.017  -0.210  1.00 0.34 ? 7  PHE A H    1 
ATOM 105  H HA   . PHE A 1 7  ? 2.860   -2.877  -2.896  1.00 0.36 ? 7  PHE A HA   1 
ATOM 106  H HB2  . PHE A 1 7  ? 0.738   -2.734  -1.893  1.00 0.46 ? 7  PHE A HB2  1 
ATOM 107  H HB3  . PHE A 1 7  ? 1.405   -2.310  -0.333  1.00 0.42 ? 7  PHE A HB3  1 
ATOM 108  H HD1  . PHE A 1 7  ? 1.016   -1.017  -3.725  1.00 0.74 ? 7  PHE A HD1  1 
ATOM 109  H HD2  . PHE A 1 7  ? 1.498   -0.114  0.270   1.00 0.67 ? 7  PHE A HD2  1 
ATOM 110  H HE1  . PHE A 1 7  ? 0.648   1.351   -4.221  1.00 0.84 ? 7  PHE A HE1  1 
ATOM 111  H HE2  . PHE A 1 7  ? 1.131   2.256   -0.216  1.00 0.79 ? 7  PHE A HE2  1 
ATOM 112  H HZ   . PHE A 1 7  ? 0.742   3.002   -2.459  1.00 0.71 ? 7  PHE A HZ   1 
ATOM 113  N N    . LYS A 1 8  ? 4.420   -0.984  -2.554  1.00 0.26 ? 8  LYS A N    1 
ATOM 114  C CA   . LYS A 1 8  ? 5.471   0.007   -2.410  1.00 0.27 ? 8  LYS A CA   1 
ATOM 115  C C    . LYS A 1 8  ? 5.015   1.374   -2.902  1.00 0.32 ? 8  LYS A C    1 
ATOM 116  O O    . LYS A 1 8  ? 4.316   1.478   -3.896  1.00 0.44 ? 8  LYS A O    1 
ATOM 117  C CB   . LYS A 1 8  ? 6.706   -0.437  -3.183  1.00 0.35 ? 8  LYS A CB   1 
ATOM 118  C CG   . LYS A 1 8  ? 7.032   -0.110  -4.205  1.00 0.94 ? 8  LYS A CG   1 
ATOM 119  C CD   . LYS A 1 8  ? 7.556   -0.965  -5.005  1.00 1.36 ? 8  LYS A CD   1 
ATOM 120  C CE   . LYS A 1 8  ? 8.314   -2.061  -4.943  1.00 0.88 ? 8  LYS A CE   1 
ATOM 121  N NZ   . LYS A 1 8  ? 8.854   -2.430  -5.800  1.00 1.55 ? 8  LYS A NZ   1 
ATOM 122  H H    . LYS A 1 8  ? 4.042   -1.154  -3.436  1.00 0.32 ? 8  LYS A H    1 
ATOM 123  H HA   . LYS A 1 8  ? 5.719   0.077   -1.366  1.00 0.26 ? 8  LYS A HA   1 
ATOM 124  H HB2  . LYS A 1 8  ? 7.327   -0.309  -2.857  1.00 0.95 ? 8  LYS A HB2  1 
ATOM 125  H HB3  . LYS A 1 8  ? 6.768   -1.153  -3.333  1.00 0.94 ? 8  LYS A HB3  1 
ATOM 126  H HG2  . LYS A 1 8  ? 6.330   0.348   -4.411  1.00 1.40 ? 8  LYS A HG2  1 
ATOM 127  H HG3  . LYS A 1 8  ? 7.591   0.291   -4.162  1.00 1.43 ? 8  LYS A HG3  1 
ATOM 128  H HD2  . LYS A 1 8  ? 7.041   -1.105  -5.260  1.00 1.82 ? 8  LYS A HD2  1 
ATOM 129  H HD3  . LYS A 1 8  ? 7.900   -0.650  -5.377  1.00 2.08 ? 8  LYS A HD3  1 
ATOM 130  H HE2  . LYS A 1 8  ? 8.806   -2.055  -4.438  1.00 1.10 ? 8  LYS A HE2  1 
ATOM 131  H HE3  . LYS A 1 8  ? 7.973   -2.590  -4.758  1.00 0.96 ? 8  LYS A HE3  1 
ATOM 132  H HZ1  . LYS A 1 8  ? 9.339   -2.428  -6.003  1.00 1.80 ? 8  LYS A HZ1  1 
ATOM 133  H HZ2  . LYS A 1 8  ? 8.660   -2.291  -6.175  1.00 2.06 ? 8  LYS A HZ2  1 
ATOM 134  H HZ3  . LYS A 1 8  ? 8.949   -2.839  -5.840  1.00 2.05 ? 8  LYS A HZ3  1 
ATOM 135  N N    . LEU A 1 9  ? 5.427   2.422   -2.203  1.00 0.28 ? 9  LEU A N    1 
ATOM 136  C CA   . LEU A 1 9  ? 5.078   3.790   -2.568  1.00 0.34 ? 9  LEU A CA   1 
ATOM 137  C C    . LEU A 1 9  ? 5.353   4.026   -4.033  1.00 0.49 ? 9  LEU A C    1 
ATOM 138  O O    . LEU A 1 9  ? 6.462   3.905   -4.475  1.00 0.62 ? 9  LEU A O    1 
ATOM 139  C CB   . LEU A 1 9  ? 5.870   4.771   -1.712  1.00 0.33 ? 9  LEU A CB   1 
ATOM 140  C CG   . LEU A 1 9  ? 5.538   6.262   -1.872  1.00 0.33 ? 9  LEU A CG   1 
ATOM 141  C CD1  . LEU A 1 9  ? 5.915   6.758   -3.252  1.00 0.39 ? 9  LEU A CD1  1 
ATOM 142  C CD2  . LEU A 1 9  ? 4.076   6.535   -1.586  1.00 0.30 ? 9  LEU A CD2  1 
ATOM 143  H H    . LEU A 1 9  ? 5.989   2.271   -1.425  1.00 0.28 ? 9  LEU A H    1 
ATOM 144  H HA   . LEU A 1 9  ? 4.035   3.929   -2.383  1.00 0.40 ? 9  LEU A HA   1 
ATOM 145  H HB2  . LEU A 1 9  ? 5.715   4.503   -0.690  1.00 0.35 ? 9  LEU A HB2  1 
ATOM 146  H HB3  . LEU A 1 9  ? 6.906   4.636   -1.937  1.00 0.40 ? 9  LEU A HB3  1 
ATOM 147  H HG   . LEU A 1 9  ? 6.114   6.825   -1.158  1.00 0.34 ? 9  LEU A HG   1 
ATOM 148  H HD11 . LEU A 1 9  ? 6.266   7.018   -3.475  1.00 1.00 ? 9  LEU A HD11 1 
ATOM 149  H HD12 . LEU A 1 9  ? 5.736   7.036   -3.594  1.00 1.05 ? 9  LEU A HD12 1 
ATOM 150  H HD13 . LEU A 1 9  ? 6.012   6.573   -3.667  1.00 1.10 ? 9  LEU A HD13 1 
ATOM 151  H HD21 . LEU A 1 9  ? 3.778   6.750   -1.440  1.00 1.09 ? 9  LEU A HD21 1 
ATOM 152  H HD22 . LEU A 1 9  ? 3.731   6.455   -1.429  1.00 1.04 ? 9  LEU A HD22 1 
ATOM 153  H HD23 . LEU A 1 9  ? 3.686   6.604   -1.682  1.00 1.01 ? 9  LEU A HD23 1 
ATOM 154  N N    . SER A 1 10 ? 4.336   4.353   -4.783  1.00 0.63 ? 10 SER A N    1 
ATOM 155  C CA   . SER A 1 10 ? 4.475   4.592   -6.196  1.00 0.82 ? 10 SER A CA   1 
ATOM 156  C C    . SER A 1 10 ? 3.877   5.797   -6.654  1.00 0.93 ? 10 SER A C    1 
ATOM 157  O O    . SER A 1 10 ? 3.161   5.944   -6.636  1.00 1.75 ? 10 SER A O    1 
ATOM 158  C CB   . SER A 1 10 ? 3.934   3.541   -6.943  1.00 1.21 ? 10 SER A CB   1 
ATOM 159  O OG   . SER A 1 10 ? 4.061   3.152   -7.100  1.00 2.15 ? 10 SER A OG   1 
ATOM 160  H H    . SER A 1 10 ? 3.473   4.427   -4.377  1.00 0.68 ? 10 SER A H    1 
ATOM 161  H HA   . SER A 1 10 ? 5.427   4.654   -6.398  1.00 0.96 ? 10 SER A HA   1 
ATOM 162  H HB2  . SER A 1 10 ? 3.637   3.265   -7.023  1.00 1.61 ? 10 SER A HB2  1 
ATOM 163  H HB3  . SER A 1 10 ? 3.739   3.354   -7.286  1.00 1.46 ? 10 SER A HB3  1 
ATOM 164  H HG   . SER A 1 10 ? 3.968   3.009   -7.160  1.00 2.65 ? 10 SER A HG   1 
ATOM 165  N N    . ASP A 1 11 ? 4.179   6.653   -7.073  1.00 0.84 ? 11 ASP A N    1 
ATOM 166  C CA   . ASP A 1 11 ? 3.678   7.841   -7.556  1.00 1.11 ? 11 ASP A CA   1 
ATOM 167  C C    . ASP A 1 11 ? 4.704   8.878   -7.789  1.00 1.02 ? 11 ASP A C    1 
ATOM 168  O O    . ASP A 1 11 ? 4.589   9.657   -8.623  1.00 1.35 ? 11 ASP A O    1 
ATOM 169  C CB   . ASP A 1 11 ? 2.719   8.381   -6.694  1.00 1.40 ? 11 ASP A CB   1 
ATOM 170  C CG   . ASP A 1 11 ? 2.076   8.684   -6.856  1.00 2.29 ? 11 ASP A CG   1 
ATOM 171  O OD1  . ASP A 1 11 ? 1.517   8.703   -7.389  1.00 2.79 ? 11 ASP A OD1  1 
ATOM 172  O OD2  . ASP A 1 11 ? 2.133   8.903   -6.450  1.00 2.99 ? 11 ASP A OD2  1 
ATOM 173  H H    . ASP A 1 11 ? 4.756   6.478   -7.064  1.00 1.25 ? 11 ASP A H    1 
ATOM 174  H HA   . ASP A 1 11 ? 3.235   7.589   -8.407  1.00 1.43 ? 11 ASP A HA   1 
ATOM 175  H HB2  . ASP A 1 11 ? 2.430   8.097   -6.318  1.00 1.67 ? 11 ASP A HB2  1 
ATOM 176  H HB3  . ASP A 1 11 ? 2.769   8.845   -6.317  1.00 1.58 ? 11 ASP A HB3  1 
ATOM 177  N N    . ILE A 1 12 ? 5.708   8.884   -7.052  1.00 0.77 ? 12 ILE A N    1 
ATOM 178  C CA   . ILE A 1 12 ? 6.752   9.826   -7.188  1.00 0.87 ? 12 ILE A CA   1 
ATOM 179  C C    . ILE A 1 12 ? 7.997   9.194   -7.676  1.00 0.99 ? 12 ILE A C    1 
ATOM 180  O O    . ILE A 1 12 ? 8.061   8.085   -7.763  1.00 1.29 ? 12 ILE A O    1 
ATOM 181  C CB   . ILE A 1 12 ? 7.038   10.531  -5.929  1.00 0.97 ? 12 ILE A CB   1 
ATOM 182  C CG1  . ILE A 1 12 ? 6.619   10.274  -4.815  1.00 0.61 ? 12 ILE A CG1  1 
ATOM 183  C CG2  . ILE A 1 12 ? 6.812   11.558  -5.871  1.00 1.72 ? 12 ILE A CG2  1 
ATOM 184  C CD1  . ILE A 1 12 ? 5.336   10.003  -4.292  1.00 0.71 ? 12 ILE A CD1  1 
ATOM 185  H H    . ILE A 1 12 ? 5.749   8.242   -6.401  1.00 0.71 ? 12 ILE A H    1 
ATOM 186  H HA   . ILE A 1 12 ? 6.438   10.528  -7.864  1.00 1.04 ? 12 ILE A HA   1 
ATOM 187  H HB   . ILE A 1 12 ? 7.731   10.486  -5.883  1.00 1.55 ? 12 ILE A HB   1 
ATOM 188  H HG12 . ILE A 1 12 ? 6.977   9.752   -4.688  1.00 1.17 ? 12 ILE A HG12 1 
ATOM 189  H HG13 . ILE A 1 12 ? 6.907   10.802  -4.486  1.00 1.09 ? 12 ILE A HG13 1 
ATOM 190  H HG21 . ILE A 1 12 ? 6.971   11.948  -6.010  1.00 2.19 ? 12 ILE A HG21 1 
ATOM 191  H HG22 . ILE A 1 12 ? 6.780   11.771  -5.559  1.00 2.05 ? 12 ILE A HG22 1 
ATOM 192  H HG23 . ILE A 1 12 ? 6.524   11.682  -6.005  1.00 2.29 ? 12 ILE A HG23 1 
ATOM 193  H HD11 . ILE A 1 12 ? 5.069   9.850   -4.034  1.00 1.17 ? 12 ILE A HD11 1 
ATOM 194  H HD12 . ILE A 1 12 ? 4.992   9.885   -4.262  1.00 1.34 ? 12 ILE A HD12 1 
ATOM 195  H HD13 . ILE A 1 12 ? 5.031   10.082  -4.210  1.00 1.33 ? 12 ILE A HD13 1 
ATOM 196  N N    . GLY A 1 13 ? 8.982   9.911   -7.996  1.00 1.02 ? 13 GLY A N    1 
ATOM 197  C CA   . GLY A 1 13 ? 10.210  9.413   -8.474  1.00 1.21 ? 13 GLY A CA   1 
ATOM 198  C C    . GLY A 1 13 ? 11.225  9.178   -7.475  1.00 1.14 ? 13 GLY A C    1 
ATOM 199  O O    . GLY A 1 13 ? 11.120  9.659   -6.505  1.00 1.13 ? 13 GLY A O    1 
ATOM 200  H H    . GLY A 1 13 ? 8.873   10.787  -7.909  1.00 1.08 ? 13 GLY A H    1 
ATOM 201  H HA2  . GLY A 1 13 ? 10.005  8.561   -8.944  1.00 1.47 ? 13 GLY A HA2  1 
ATOM 202  H HA3  . GLY A 1 13 ? 10.616  10.052  -9.122  1.00 1.35 ? 13 GLY A HA3  1 
ATOM 203  N N    . GLU A 1 14 ? 12.207  8.433   -7.711  1.00 1.38 ? 14 GLU A N    1 
ATOM 204  C CA   . GLU A 1 14 ? 13.245  8.130   -6.824  1.00 1.46 ? 14 GLU A CA   1 
ATOM 205  C C    . GLU A 1 14 ? 14.147  9.196   -6.623  1.00 1.30 ? 14 GLU A C    1 
ATOM 206  O O    . GLU A 1 14 ? 15.052  9.028   -6.896  1.00 1.58 ? 14 GLU A O    1 
ATOM 207  C CB   . GLU A 1 14 ? 14.027  7.026   -7.271  1.00 1.87 ? 14 GLU A CB   1 
ATOM 208  C CG   . GLU A 1 14 ? 14.261  6.352   -7.101  1.00 2.30 ? 14 GLU A CG   1 
ATOM 209  C CD   . GLU A 1 14 ? 14.669  5.553   -7.563  1.00 2.82 ? 14 GLU A CD   1 
ATOM 210  O OE1  . GLU A 1 14 ? 15.358  5.381   -7.743  1.00 3.35 ? 14 GLU A OE1  1 
ATOM 211  O OE2  . GLU A 1 14 ? 14.299  5.098   -7.744  1.00 3.14 ? 14 GLU A OE2  1 
ATOM 212  H H    . GLU A 1 14 ? 12.233  8.077   -8.500  1.00 1.64 ? 14 GLU A H    1 
ATOM 213  H HA   . GLU A 1 14 ? 12.802  7.912   -5.957  1.00 1.56 ? 14 GLU A HA   1 
ATOM 214  H HB2  . GLU A 1 14 ? 14.038  6.726   -7.629  1.00 2.23 ? 14 GLU A HB2  1 
ATOM 215  H HB3  . GLU A 1 14 ? 14.428  7.000   -7.375  1.00 2.29 ? 14 GLU A HB3  1 
ATOM 216  H HG2  . GLU A 1 14 ? 14.442  6.412   -6.807  1.00 2.69 ? 14 GLU A HG2  1 
ATOM 217  H HG3  . GLU A 1 14 ? 13.950  6.383   -6.929  1.00 2.66 ? 14 GLU A HG3  1 
ATOM 218  N N    . GLY A 1 15 ? 13.896  10.292  -6.140  1.00 1.26 ? 15 GLY A N    1 
ATOM 219  C CA   . GLY A 1 15 ? 14.700  11.361  -5.908  1.00 1.24 ? 15 GLY A CA   1 
ATOM 220  C C    . GLY A 1 15 ? 14.001  12.646  -5.656  1.00 1.13 ? 15 GLY A C    1 
ATOM 221  O O    . GLY A 1 15 ? 14.563  13.548  -5.291  1.00 1.39 ? 15 GLY A O    1 
ATOM 222  H H    . GLY A 1 15 ? 13.164  10.373  -5.938  1.00 1.53 ? 15 GLY A H    1 
ATOM 223  H HA2  . GLY A 1 15 ? 15.255  11.132  -5.131  1.00 1.41 ? 15 GLY A HA2  1 
ATOM 224  H HA3  . GLY A 1 15 ? 15.293  11.467  -6.691  1.00 1.37 ? 15 GLY A HA3  1 
ATOM 225  N N    . ILE A 1 16 ? 12.774  12.728  -5.853  1.00 0.97 ? 16 ILE A N    1 
ATOM 226  C CA   . ILE A 1 16 ? 12.000  13.911  -5.648  1.00 0.93 ? 16 ILE A CA   1 
ATOM 227  C C    . ILE A 1 16 ? 11.286  13.877  -4.322  1.00 0.90 ? 16 ILE A C    1 
ATOM 228  O O    . ILE A 1 16 ? 11.529  13.216  -3.591  1.00 1.34 ? 16 ILE A O    1 
ATOM 229  C CB   . ILE A 1 16 ? 10.975  14.096  -6.757  1.00 0.91 ? 16 ILE A CB   1 
ATOM 230  C CG1  . ILE A 1 16 ? 9.861   13.070  -6.658  1.00 0.81 ? 16 ILE A CG1  1 
ATOM 231  C CG2  . ILE A 1 16 ? 11.651  14.020  -8.090  1.00 1.03 ? 16 ILE A CG2  1 
ATOM 232  C CD1  . ILE A 1 16 ? 8.706   13.453  -6.706  1.00 1.05 ? 16 ILE A CD1  1 
ATOM 233  H H    . ILE A 1 16 ? 12.379  11.975  -6.145  1.00 1.06 ? 16 ILE A H    1 
ATOM 234  H HA   . ILE A 1 16 ? 12.672  14.739  -5.662  1.00 1.02 ? 16 ILE A HA   1 
ATOM 235  H HB   . ILE A 1 16 ? 10.556  15.060  -6.660  1.00 0.97 ? 16 ILE A HB   1 
ATOM 236  H HG12 . ILE A 1 16 ? 9.881   12.484  -7.280  1.00 1.19 ? 16 ILE A HG12 1 
ATOM 237  H HG13 . ILE A 1 16 ? 9.856   12.597  -5.928  1.00 0.96 ? 16 ILE A HG13 1 
ATOM 238  H HG21 . ILE A 1 16 ? 11.731  14.157  -8.459  1.00 1.38 ? 16 ILE A HG21 1 
ATOM 239  H HG22 . ILE A 1 16 ? 11.751  13.832  -8.478  1.00 1.37 ? 16 ILE A HG22 1 
ATOM 240  H HG23 . ILE A 1 16 ? 11.951  14.019  -8.279  1.00 1.63 ? 16 ILE A HG23 1 
ATOM 241  H HD11 . ILE A 1 16 ? 8.332   13.531  -6.927  1.00 1.42 ? 16 ILE A HD11 1 
ATOM 242  H HD12 . ILE A 1 16 ? 8.482   13.623  -6.582  1.00 1.56 ? 16 ILE A HD12 1 
ATOM 243  H HD13 . ILE A 1 16 ? 8.481   13.481  -6.641  1.00 1.71 ? 16 ILE A HD13 1 
ATOM 244  N N    . ARG A 1 17 ? 10.399  14.586  -4.026  1.00 0.80 ? 17 ARG A N    1 
ATOM 245  C CA   . ARG A 1 17 ? 9.641   14.625  -2.797  1.00 0.73 ? 17 ARG A CA   1 
ATOM 246  C C    . ARG A 1 17 ? 8.858   13.336  -2.614  1.00 0.61 ? 17 ARG A C    1 
ATOM 247  O O    . ARG A 1 17 ? 8.456   12.703  -3.583  1.00 0.60 ? 17 ARG A O    1 
ATOM 248  C CB   . ARG A 1 17 ? 8.689   15.812  -2.794  1.00 0.80 ? 17 ARG A CB   1 
ATOM 249  C CG   . ARG A 1 17 ? 8.650   16.568  -2.118  1.00 1.31 ? 17 ARG A CG   1 
ATOM 250  C CD   . ARG A 1 17 ? 8.131   17.290  -1.791  1.00 1.82 ? 17 ARG A CD   1 
ATOM 251  N NE   . ARG A 1 17 ? 7.708   17.618  -1.344  1.00 2.51 ? 17 ARG A NE   1 
ATOM 252  C CZ   . ARG A 1 17 ? 7.232   18.219  -0.779  1.00 2.92 ? 17 ARG A CZ   1 
ATOM 253  N NH1  . ARG A 1 17 ? 7.118   18.555  -0.593  1.00 2.87 ? 17 ARG A NH1  1 
ATOM 254  N NH2  . ARG A 1 17 ? 6.870   18.484  -0.399  1.00 3.85 ? 17 ARG A NH2  1 
ATOM 255  H H    . ARG A 1 17 ? 10.247  15.088  -4.654  1.00 1.10 ? 17 ARG A H    1 
ATOM 256  H HA   . ARG A 1 17 ? 10.337  14.729  -1.987  1.00 0.75 ? 17 ARG A HA   1 
ATOM 257  H HB2  . ARG A 1 17 ? 8.671   16.252  -3.326  1.00 1.09 ? 17 ARG A HB2  1 
ATOM 258  H HB3  . ARG A 1 17 ? 8.019   15.698  -2.767  1.00 1.32 ? 17 ARG A HB3  1 
ATOM 259  H HG2  . ARG A 1 17 ? 8.858   16.367  -1.904  1.00 1.95 ? 17 ARG A HG2  1 
ATOM 260  H HG3  . ARG A 1 17 ? 8.792   16.794  -2.078  1.00 1.81 ? 17 ARG A HG3  1 
ATOM 261  H HD2  . ARG A 1 17 ? 8.220   17.412  -1.784  1.00 2.21 ? 17 ARG A HD2  1 
ATOM 262  H HD3  . ARG A 1 17 ? 7.983   17.449  -1.903  1.00 2.29 ? 17 ARG A HD3  1 
ATOM 263  H HE   . ARG A 1 17 ? 7.783   17.378  -1.470  1.00 3.06 ? 17 ARG A HE   1 
ATOM 264  H HH11 . ARG A 1 17 ? 7.391   18.357  -0.878  1.00 2.64 ? 17 ARG A HH11 1 
ATOM 265  H HH12 . ARG A 1 17 ? 6.760   19.008  -0.168  1.00 3.44 ? 17 ARG A HH12 1 
ATOM 266  H HH21 . ARG A 1 17 ? 6.955   18.232  -0.537  1.00 4.34 ? 17 ARG A HH21 1 
ATOM 267  H HH22 . ARG A 1 17 ? 6.513   18.937  0.026   1.00 4.26 ? 17 ARG A HH22 1 
ATOM 268  N N    . GLU A 1 18 ? 8.649   12.953  -1.368  1.00 0.53 ? 18 GLU A N    1 
ATOM 269  C CA   . GLU A 1 18 ? 7.917   11.738  -1.059  1.00 0.43 ? 18 GLU A CA   1 
ATOM 270  C C    . GLU A 1 18 ? 6.472   12.070  -0.709  1.00 0.37 ? 18 GLU A C    1 
ATOM 271  O O    . GLU A 1 18 ? 6.109   13.240  -0.622  1.00 0.42 ? 18 GLU A O    1 
ATOM 272  C CB   . GLU A 1 18 ? 8.604   10.994  0.076   1.00 0.41 ? 18 GLU A CB   1 
ATOM 273  C CG   . GLU A 1 18 ? 9.936   10.403  -0.327  1.00 0.47 ? 18 GLU A CG   1 
ATOM 274  C CD   . GLU A 1 18 ? 10.984  10.823  0.192   1.00 0.90 ? 18 GLU A CD   1 
ATOM 275  O OE1  . GLU A 1 18 ? 11.368  11.490  0.078   1.00 1.53 ? 18 GLU A OE1  1 
ATOM 276  O OE2  . GLU A 1 18 ? 11.423  10.484  0.713   1.00 1.51 ? 18 GLU A OE2  1 
ATOM 277  H H    . GLU A 1 18 ? 8.996   13.498  -0.635  1.00 0.57 ? 18 GLU A H    1 
ATOM 278  H HA   . GLU A 1 18 ? 7.924   11.118  -1.939  1.00 0.43 ? 18 GLU A HA   1 
ATOM 279  H HB2  . GLU A 1 18 ? 8.770   11.673  0.890   1.00 0.45 ? 18 GLU A HB2  1 
ATOM 280  H HB3  . GLU A 1 18 ? 7.967   10.199  0.407   1.00 0.38 ? 18 GLU A HB3  1 
ATOM 281  H HG2  . GLU A 1 18 ? 9.969   9.572   -0.174  1.00 0.93 ? 18 GLU A HG2  1 
ATOM 282  H HG3  . GLU A 1 18 ? 10.114  10.489  -1.166  1.00 0.79 ? 18 GLU A HG3  1 
ATOM 283  N N    . VAL A 1 19 ? 5.638   11.052  -0.534  1.00 0.29 ? 19 VAL A N    1 
ATOM 284  C CA   . VAL A 1 19 ? 4.230   11.306  -0.228  1.00 0.26 ? 19 VAL A CA   1 
ATOM 285  C C    . VAL A 1 19 ? 3.768   10.622  1.053   1.00 0.23 ? 19 VAL A C    1 
ATOM 286  O O    . VAL A 1 19 ? 4.253   9.554   1.417   1.00 0.26 ? 19 VAL A O    1 
ATOM 287  C CB   . VAL A 1 19 ? 3.313   10.878  -1.386  1.00 0.27 ? 19 VAL A CB   1 
ATOM 288  C CG1  . VAL A 1 19 ? 3.313   9.371   -1.544  1.00 0.27 ? 19 VAL A CG1  1 
ATOM 289  C CG2  . VAL A 1 19 ? 1.903   11.396  -1.169  1.00 0.28 ? 19 VAL A CG2  1 
ATOM 290  H H    . VAL A 1 19 ? 5.964   10.127  -0.630  1.00 0.28 ? 19 VAL A H    1 
ATOM 291  H HA   . VAL A 1 19 ? 4.118   12.371  -0.100  1.00 0.28 ? 19 VAL A HA   1 
ATOM 292  H HB   . VAL A 1 19 ? 3.694   11.311  -2.297  1.00 0.30 ? 19 VAL A HB   1 
ATOM 293  H HG11 . VAL A 1 19 ? 3.384   9.048   -1.804  1.00 1.01 ? 19 VAL A HG11 1 
ATOM 294  H HG12 . VAL A 1 19 ? 3.081   9.007   -1.531  1.00 1.02 ? 19 VAL A HG12 1 
ATOM 295  H HG13 . VAL A 1 19 ? 3.473   8.988   -1.408  1.00 1.06 ? 19 VAL A HG13 1 
ATOM 296  H HG21 . VAL A 1 19 ? 1.600   11.485  -0.863  1.00 1.06 ? 19 VAL A HG21 1 
ATOM 297  H HG22 . VAL A 1 19 ? 1.474   11.327  -1.263  1.00 1.01 ? 19 VAL A HG22 1 
ATOM 298  H HG23 . VAL A 1 19 ? 1.633   11.744  -1.226  1.00 1.01 ? 19 VAL A HG23 1 
ATOM 299  N N    . THR A 1 20 ? 2.815   11.258  1.726   1.00 0.22 ? 20 THR A N    1 
ATOM 300  C CA   . THR A 1 20 ? 2.262   10.739  2.969   1.00 0.24 ? 20 THR A CA   1 
ATOM 301  C C    . THR A 1 20 ? 0.945   10.028  2.722   1.00 0.19 ? 20 THR A C    1 
ATOM 302  O O    . THR A 1 20 ? 0.269   10.280  1.727   1.00 0.20 ? 20 THR A O    1 
ATOM 303  C CB   . THR A 1 20 ? 2.019   11.863  3.991   1.00 0.33 ? 20 THR A CB   1 
ATOM 304  O OG1  . THR A 1 20 ? 2.884   12.800  3.850   1.00 0.88 ? 20 THR A OG1  1 
ATOM 305  C CG2  . THR A 1 20 ? 2.046   11.463  5.346   1.00 0.44 ? 20 THR A CG2  1 
ATOM 306  H H    . THR A 1 20 ? 2.471   12.105  1.374   1.00 0.23 ? 20 THR A H    1 
ATOM 307  H HA   . THR A 1 20 ? 2.966   10.041  3.387   1.00 0.28 ? 20 THR A HA   1 
ATOM 308  H HB   . THR A 1 20 ? 1.139   12.253  3.853   1.00 0.60 ? 20 THR A HB   1 
ATOM 309  H HG1  . THR A 1 20 ? 2.523   13.485  3.879   1.00 1.18 ? 20 THR A HG1  1 
ATOM 310  H HG21 . THR A 1 20 ? 1.953   11.513  5.740   1.00 1.14 ? 20 THR A HG21 1 
ATOM 311  H HG22 . THR A 1 20 ? 2.236   11.389  5.635   1.00 1.16 ? 20 THR A HG22 1 
ATOM 312  H HG23 . THR A 1 20 ? 1.968   11.205  5.626   1.00 1.13 ? 20 THR A HG23 1 
ATOM 313  N N    . VAL A 1 21 ? 0.574   9.154   3.644   1.00 0.17 ? 21 VAL A N    1 
ATOM 314  C CA   . VAL A 1 21 ? -0.679  8.426   3.530   1.00 0.16 ? 21 VAL A CA   1 
ATOM 315  C C    . VAL A 1 21 ? -1.843  9.300   3.976   1.00 0.18 ? 21 VAL A C    1 
ATOM 316  O O    . VAL A 1 21 ? -1.803  9.903   5.039   1.00 0.26 ? 21 VAL A O    1 
ATOM 317  C CB   . VAL A 1 21 ? -0.666  7.133   4.362   1.00 0.16 ? 21 VAL A CB   1 
ATOM 318  C CG1  . VAL A 1 21 ? -1.941  6.343   4.135   1.00 0.22 ? 21 VAL A CG1  1 
ATOM 319  C CG2  . VAL A 1 21 ? 0.555   6.295   4.026   1.00 0.20 ? 21 VAL A CG2  1 
ATOM 320  H H    . VAL A 1 21 ? 1.152   9.005   4.424   1.00 0.19 ? 21 VAL A H    1 
ATOM 321  H HA   . VAL A 1 21 ? -0.816  8.162   2.492   1.00 0.18 ? 21 VAL A HA   1 
ATOM 322  H HB   . VAL A 1 21 ? -0.617  7.400   5.404   1.00 0.17 ? 21 VAL A HB   1 
ATOM 323  H HG11 . VAL A 1 21 ? -2.288  6.258   4.021   1.00 1.04 ? 21 VAL A HG11 1 
ATOM 324  H HG12 . VAL A 1 21 ? -2.265  6.139   4.204   1.00 1.04 ? 21 VAL A HG12 1 
ATOM 325  H HG13 . VAL A 1 21 ? -2.175  6.071   4.016   1.00 1.03 ? 21 VAL A HG13 1 
ATOM 326  H HG21 . VAL A 1 21 ? 0.765   6.041   3.834   1.00 1.02 ? 21 VAL A HG21 1 
ATOM 327  H HG22 . VAL A 1 21 ? 0.827   6.039   4.081   1.00 1.07 ? 21 VAL A HG22 1 
ATOM 328  H HG23 . VAL A 1 21 ? 0.937   6.210   3.924   1.00 1.00 ? 21 VAL A HG23 1 
ATOM 329  N N    . LYS A 1 22 ? -2.875  9.376   3.153   1.00 0.18 ? 22 LYS A N    1 
ATOM 330  C CA   . LYS A 1 22 ? -4.040  10.190  3.466   1.00 0.23 ? 22 LYS A CA   1 
ATOM 331  C C    . LYS A 1 22 ? -5.151  9.352   4.086   1.00 0.23 ? 22 LYS A C    1 
ATOM 332  O O    . LYS A 1 22 ? -5.936  9.850   4.887   1.00 0.29 ? 22 LYS A O    1 
ATOM 333  C CB   . LYS A 1 22 ? -4.554  10.885  2.208   1.00 0.29 ? 22 LYS A CB   1 
ATOM 334  C CG   . LYS A 1 22 ? -5.095  12.202  2.425   1.00 0.61 ? 22 LYS A CG   1 
ATOM 335  C CD   . LYS A 1 22 ? -5.267  13.016  2.440   1.00 1.12 ? 22 LYS A CD   1 
ATOM 336  C CE   . LYS A 1 22 ? -5.676  13.983  2.657   1.00 1.57 ? 22 LYS A CE   1 
ATOM 337  N NZ   . LYS A 1 22 ? -5.885  14.708  2.536   1.00 2.34 ? 22 LYS A NZ   1 
ATOM 338  H H    . LYS A 1 22 ? -2.847  8.882   2.314   1.00 0.22 ? 22 LYS A H    1 
ATOM 339  H HA   . LYS A 1 22 ? -3.736  10.940  4.177   1.00 0.26 ? 22 LYS A HA   1 
ATOM 340  H HB2  . LYS A 1 22 ? -3.797  10.982  1.524   1.00 0.39 ? 22 LYS A HB2  1 
ATOM 341  H HB3  . LYS A 1 22 ? -5.291  10.324  1.782   1.00 0.50 ? 22 LYS A HB3  1 
ATOM 342  H HG2  . LYS A 1 22 ? -5.284  12.360  2.399   1.00 1.41 ? 22 LYS A HG2  1 
ATOM 343  H HG3  . LYS A 1 22 ? -5.175  12.413  2.601   1.00 1.36 ? 22 LYS A HG3  1 
ATOM 344  H HD2  . LYS A 1 22 ? -5.106  12.979  2.396   1.00 1.79 ? 22 LYS A HD2  1 
ATOM 345  H HD3  . LYS A 1 22 ? -5.254  12.940  2.335   1.00 1.84 ? 22 LYS A HD3  1 
ATOM 346  H HE2  . LYS A 1 22 ? -5.892  14.026  2.794   1.00 2.10 ? 22 LYS A HE2  1 
ATOM 347  H HE3  . LYS A 1 22 ? -5.603  14.103  2.769   1.00 1.87 ? 22 LYS A HE3  1 
ATOM 348  H HZ1  . LYS A 1 22 ? -6.005  14.995  2.483   1.00 2.69 ? 22 LYS A HZ1  1 
ATOM 349  H HZ2  . LYS A 1 22 ? -5.946  14.820  2.493   1.00 2.91 ? 22 LYS A HZ2  1 
ATOM 350  H HZ3  . LYS A 1 22 ? -5.855  14.830  2.548   1.00 2.69 ? 22 LYS A HZ3  1 
ATOM 351  N N    . GLU A 1 23 ? -5.218  8.082   3.709   1.00 0.22 ? 23 GLU A N    1 
ATOM 352  C CA   . GLU A 1 23 ? -6.243  7.190   4.232   1.00 0.25 ? 23 GLU A CA   1 
ATOM 353  C C    . GLU A 1 23 ? -5.680  5.810   4.556   1.00 0.21 ? 23 GLU A C    1 
ATOM 354  O O    . GLU A 1 23 ? -5.009  5.196   3.741   1.00 0.28 ? 23 GLU A O    1 
ATOM 355  C CB   . GLU A 1 23 ? -7.389  7.060   3.234   1.00 0.33 ? 23 GLU A CB   1 
ATOM 356  C CG   . GLU A 1 23 ? -8.558  7.567   3.584   1.00 0.85 ? 23 GLU A CG   1 
ATOM 357  C CD   . GLU A 1 23 ? -9.501  7.767   3.463   1.00 1.21 ? 23 GLU A CD   1 
ATOM 358  O OE1  . GLU A 1 23 ? -9.684  7.595   3.010   1.00 2.04 ? 23 GLU A OE1  1 
ATOM 359  O OE2  . GLU A 1 23 ? -10.053 8.096   3.820   1.00 1.65 ? 23 GLU A OE2  1 
ATOM 360  H H    . GLU A 1 23 ? -4.569  7.739   3.064   1.00 0.21 ? 23 GLU A H    1 
ATOM 361  H HA   . GLU A 1 23 ? -6.624  7.627   5.139   1.00 0.29 ? 23 GLU A HA   1 
ATOM 362  H HB2  . GLU A 1 23 ? -7.206  7.470   2.411   1.00 0.55 ? 23 GLU A HB2  1 
ATOM 363  H HB3  . GLU A 1 23 ? -7.558  6.173   3.043   1.00 0.73 ? 23 GLU A HB3  1 
ATOM 364  H HG2  . GLU A 1 23 ? -8.644  7.480   3.866   1.00 1.66 ? 23 GLU A HG2  1 
ATOM 365  H HG3  . GLU A 1 23 ? -8.640  7.881   3.650   1.00 1.47 ? 23 GLU A HG3  1 
ATOM 366  N N    . TRP A 1 24 ? -5.974  5.330   5.751   1.00 0.22 ? 24 TRP A N    1 
ATOM 367  C CA   . TRP A 1 24 ? -5.518  4.020   6.199   1.00 0.21 ? 24 TRP A CA   1 
ATOM 368  C C    . TRP A 1 24 ? -6.700  3.208   6.716   1.00 0.23 ? 24 TRP A C    1 
ATOM 369  O O    . TRP A 1 24 ? -7.353  3.599   7.680   1.00 0.27 ? 24 TRP A O    1 
ATOM 370  C CB   . TRP A 1 24 ? -4.462  4.173   7.295   1.00 0.22 ? 24 TRP A CB   1 
ATOM 371  C CG   . TRP A 1 24 ? -3.059  4.107   6.784   1.00 0.20 ? 24 TRP A CG   1 
ATOM 372  C CD1  . TRP A 1 24 ? -2.115  5.079   6.875   1.00 0.24 ? 24 TRP A CD1  1 
ATOM 373  C CD2  . TRP A 1 24 ? -2.440  3.014   6.103   1.00 0.23 ? 24 TRP A CD2  1 
ATOM 374  N NE1  . TRP A 1 24 ? -0.945  4.659   6.295   1.00 0.26 ? 24 TRP A NE1  1 
ATOM 375  C CE2  . TRP A 1 24 ? -1.119  3.395   5.815   1.00 0.24 ? 24 TRP A CE2  1 
ATOM 376  C CE3  . TRP A 1 24 ? -2.872  1.751   5.712   1.00 0.29 ? 24 TRP A CE3  1 
ATOM 377  C CZ2  . TRP A 1 24 ? -0.228  2.558   5.153   1.00 0.28 ? 24 TRP A CZ2  1 
ATOM 378  C CZ3  . TRP A 1 24 ? -1.987  0.922   5.055   1.00 0.35 ? 24 TRP A CZ3  1 
ATOM 379  C CH2  . TRP A 1 24 ? -0.679  1.328   4.781   1.00 0.33 ? 24 TRP A CH2  1 
ATOM 380  H H    . TRP A 1 24 ? -6.521  5.869   6.349   1.00 0.29 ? 24 TRP A H    1 
ATOM 381  H HA   . TRP A 1 24 ? -5.082  3.511   5.354   1.00 0.22 ? 24 TRP A HA   1 
ATOM 382  H HB2  . TRP A 1 24 ? -4.592  5.127   7.777   1.00 0.24 ? 24 TRP A HB2  1 
ATOM 383  H HB3  . TRP A 1 24 ? -4.589  3.389   8.024   1.00 0.25 ? 24 TRP A HB3  1 
ATOM 384  H HD1  . TRP A 1 24 ? -2.280  6.035   7.337   1.00 0.29 ? 24 TRP A HD1  1 
ATOM 385  H HE1  . TRP A 1 24 ? -0.121  5.180   6.236   1.00 0.31 ? 24 TRP A HE1  1 
ATOM 386  H HE3  . TRP A 1 24 ? -3.877  1.420   5.915   1.00 0.33 ? 24 TRP A HE3  1 
ATOM 387  H HZ2  . TRP A 1 24 ? 0.783   2.857   4.935   1.00 0.31 ? 24 TRP A HZ2  1 
ATOM 388  H HZ3  . TRP A 1 24 ? -2.303  -0.057  4.745   1.00 0.43 ? 24 TRP A HZ3  1 
ATOM 389  H HH2  . TRP A 1 24 ? -0.022  0.647   4.265   1.00 0.38 ? 24 TRP A HH2  1 
ATOM 390  N N    . TYR A 1 25 ? -6.987  2.088   6.064   1.00 0.24 ? 25 TYR A N    1 
ATOM 391  C CA   . TYR A 1 25 ? -8.112  1.249   6.466   1.00 0.27 ? 25 TYR A CA   1 
ATOM 392  C C    . TYR A 1 25 ? -7.676  -0.170  6.805   1.00 0.29 ? 25 TYR A C    1 
ATOM 393  O O    . TYR A 1 25 ? -8.448  -1.084  6.711   1.00 0.50 ? 25 TYR A O    1 
ATOM 394  C CB   . TYR A 1 25 ? -9.162  1.213   5.359   1.00 0.31 ? 25 TYR A CB   1 
ATOM 395  C CG   . TYR A 1 25 ? -10.353 2.036   5.630   1.00 0.56 ? 25 TYR A CG   1 
ATOM 396  C CD1  . TYR A 1 25 ? -11.293 1.673   6.327   1.00 0.92 ? 25 TYR A CD1  1 
ATOM 397  C CD2  . TYR A 1 25 ? -10.536 3.177   5.188   1.00 0.95 ? 25 TYR A CD2  1 
ATOM 398  C CE1  . TYR A 1 25 ? -12.382 2.423   6.577   1.00 1.18 ? 25 TYR A CE1  1 
ATOM 399  C CE2  . TYR A 1 25 ? -11.623 3.932   5.433   1.00 1.18 ? 25 TYR A CE2  1 
ATOM 400  C CZ   . TYR A 1 25 ? -12.544 3.549   6.127   1.00 1.15 ? 25 TYR A CZ   1 
ATOM 401  O OH   . TYR A 1 25 ? -13.626 4.300   6.373   1.00 1.46 ? 25 TYR A OH   1 
ATOM 402  H H    . TYR A 1 25 ? -6.441  1.827   5.291   1.00 0.25 ? 25 TYR A H    1 
ATOM 403  H HA   . TYR A 1 25 ? -8.552  1.691   7.342   1.00 0.31 ? 25 TYR A HA   1 
ATOM 404  H HB2  . TYR A 1 25 ? -8.741  1.563   4.457   1.00 0.40 ? 25 TYR A HB2  1 
ATOM 405  H HB3  . TYR A 1 25 ? -9.487  0.223   5.219   1.00 0.33 ? 25 TYR A HB3  1 
ATOM 406  H HD1  . TYR A 1 25 ? -11.165 0.789   6.679   1.00 1.23 ? 25 TYR A HD1  1 
ATOM 407  H HD2  . TYR A 1 25 ? -9.814  3.472   4.643   1.00 1.29 ? 25 TYR A HD2  1 
ATOM 408  H HE1  . TYR A 1 25 ? -13.102 2.124   7.120   1.00 1.58 ? 25 TYR A HE1  1 
ATOM 409  H HE2  . TYR A 1 25 ? -11.748 4.816   5.081   1.00 1.57 ? 25 TYR A HE2  1 
ATOM 410  H HH   . TYR A 1 25 ? -13.945 4.398   6.456   1.00 1.72 ? 25 TYR A HH   1 
ATOM 411  N N    . VAL A 1 26 ? -6.444  -0.355  7.203   1.00 0.22 ? 26 VAL A N    1 
ATOM 412  C CA   . VAL A 1 26 ? -5.928  -1.670  7.556   1.00 0.20 ? 26 VAL A CA   1 
ATOM 413  C C    . VAL A 1 26 ? -4.830  -1.572  8.607   1.00 0.20 ? 26 VAL A C    1 
ATOM 414  O O    . VAL A 1 26 ? -4.268  -0.509  8.824   1.00 0.29 ? 26 VAL A O    1 
ATOM 415  C CB   . VAL A 1 26 ? -5.390  -2.408  6.320   1.00 0.27 ? 26 VAL A CB   1 
ATOM 416  C CG1  . VAL A 1 26 ? -6.440  -2.463  5.251   1.00 0.46 ? 26 VAL A CG1  1 
ATOM 417  C CG2  . VAL A 1 26 ? -4.141  -1.750  5.801   1.00 0.37 ? 26 VAL A CG2  1 
ATOM 418  H H    . VAL A 1 26 ? -5.870  0.408   7.263   1.00 0.34 ? 26 VAL A H    1 
ATOM 419  H HA   . VAL A 1 26 ? -6.744  -2.243  7.960   1.00 0.23 ? 26 VAL A HA   1 
ATOM 420  H HB   . VAL A 1 26 ? -5.145  -3.416  6.592   1.00 0.26 ? 26 VAL A HB   1 
ATOM 421  H HG11 . VAL A 1 26 ? -6.711  -2.565  5.041   1.00 1.18 ? 26 VAL A HG11 1 
ATOM 422  H HG12 . VAL A 1 26 ? -6.596  -2.471  4.935   1.00 1.18 ? 26 VAL A HG12 1 
ATOM 423  H HG13 . VAL A 1 26 ? -6.758  -2.389  5.014   1.00 1.03 ? 26 VAL A HG13 1 
ATOM 424  H HG21 . VAL A 1 26 ? -3.837  -1.751  5.595   1.00 1.17 ? 26 VAL A HG21 1 
ATOM 425  H HG22 . VAL A 1 26 ? -3.760  -1.572  5.823   1.00 1.02 ? 26 VAL A HG22 1 
ATOM 426  H HG23 . VAL A 1 26 ? -3.942  -1.461  5.617   1.00 1.06 ? 26 VAL A HG23 1 
ATOM 427  N N    . LYS A 1 27 ? -4.532  -2.687  9.259   1.00 0.19 ? 27 LYS A N    1 
ATOM 428  C CA   . LYS A 1 27 ? -3.504  -2.719  10.291  1.00 0.24 ? 27 LYS A CA   1 
ATOM 429  C C    . LYS A 1 27 ? -2.701  -4.013  10.239  1.00 0.20 ? 27 LYS A C    1 
ATOM 430  O O    . LYS A 1 27 ? -3.108  -4.984  9.609   1.00 0.20 ? 27 LYS A O    1 
ATOM 431  C CB   . LYS A 1 27 ? -4.135  -2.560  11.666  1.00 0.33 ? 27 LYS A CB   1 
ATOM 432  C CG   . LYS A 1 27 ? -4.231  -1.229  12.127  1.00 0.74 ? 27 LYS A CG   1 
ATOM 433  C CD   . LYS A 1 27 ? -3.906  -0.569  12.836  1.00 1.02 ? 27 LYS A CD   1 
ATOM 434  C CE   . LYS A 1 27 ? -3.441  0.620   13.116  1.00 1.09 ? 27 LYS A CE   1 
ATOM 435  N NZ   . LYS A 1 27 ? -3.417  1.187   13.803  1.00 1.81 ? 27 LYS A NZ   1 
ATOM 436  H H    . LYS A 1 27 ? -5.016  -3.504  9.046   1.00 0.23 ? 27 LYS A H    1 
ATOM 437  H HA   . LYS A 1 27 ? -2.840  -1.894  10.117  1.00 0.30 ? 27 LYS A HA   1 
ATOM 438  H HB2  . LYS A 1 27 ? -5.065  -2.930  11.663  1.00 0.51 ? 27 LYS A HB2  1 
ATOM 439  H HB3  . LYS A 1 27 ? -3.609  -3.067  12.360  1.00 0.49 ? 27 LYS A HB3  1 
ATOM 440  H HG2  . LYS A 1 27 ? -4.112  -0.890  11.811  1.00 1.44 ? 27 LYS A HG2  1 
ATOM 441  H HG3  . LYS A 1 27 ? -4.655  -1.080  12.261  1.00 1.42 ? 27 LYS A HG3  1 
ATOM 442  H HD2  . LYS A 1 27 ? -4.229  -0.593  13.032  1.00 1.66 ? 27 LYS A HD2  1 
ATOM 443  H HD3  . LYS A 1 27 ? -3.685  -0.932  12.951  1.00 1.72 ? 27 LYS A HD3  1 
ATOM 444  H HE2  . LYS A 1 27 ? -2.961  0.682   13.080  1.00 1.46 ? 27 LYS A HE2  1 
ATOM 445  H HE3  . LYS A 1 27 ? -3.599  1.003   12.841  1.00 1.45 ? 27 LYS A HE3  1 
ATOM 446  H HZ1  . LYS A 1 27 ? -3.460  1.057   13.846  1.00 2.42 ? 27 LYS A HZ1  1 
ATOM 447  H HZ2  . LYS A 1 27 ? -3.419  1.366   13.874  1.00 2.31 ? 27 LYS A HZ2  1 
ATOM 448  H HZ3  . LYS A 1 27 ? -3.352  1.545   14.184  1.00 2.03 ? 27 LYS A HZ3  1 
ATOM 449  N N    . GLU A 1 28 ? -1.555  -4.015  10.908  1.00 0.23 ? 28 GLU A N    1 
ATOM 450  C CA   . GLU A 1 28 ? -0.686  -5.187  10.946  1.00 0.23 ? 28 GLU A CA   1 
ATOM 451  C C    . GLU A 1 28 ? -1.454  -6.411  11.429  1.00 0.21 ? 28 GLU A C    1 
ATOM 452  O O    . GLU A 1 28 ? -2.210  -6.336  12.396  1.00 0.22 ? 28 GLU A O    1 
ATOM 453  C CB   . GLU A 1 28 ? 0.512   -4.938  11.867  1.00 0.27 ? 28 GLU A CB   1 
ATOM 454  C CG   . GLU A 1 28 ? 1.051   -3.524  11.807  1.00 0.33 ? 28 GLU A CG   1 
ATOM 455  C CD   . GLU A 1 28 ? 1.750   -3.110  12.556  1.00 1.04 ? 28 GLU A CD   1 
ATOM 456  O OE1  . GLU A 1 28 ? 2.176   -3.454  12.888  1.00 1.78 ? 28 GLU A OE1  1 
ATOM 457  O OE2  . GLU A 1 28 ? 1.870   -2.439  12.807  1.00 1.66 ? 28 GLU A OE2  1 
ATOM 458  H H    . GLU A 1 28 ? -1.290  -3.207  11.389  1.00 0.28 ? 28 GLU A H    1 
ATOM 459  H HA   . GLU A 1 28 ? -0.331  -5.372  9.944   1.00 0.24 ? 28 GLU A HA   1 
ATOM 460  H HB2  . GLU A 1 28 ? 0.216   -5.139  12.882  1.00 0.31 ? 28 GLU A HB2  1 
ATOM 461  H HB3  . GLU A 1 28 ? 1.306   -5.611  11.597  1.00 0.27 ? 28 GLU A HB3  1 
ATOM 462  H HG2  . GLU A 1 28 ? 1.449   -3.321  11.194  1.00 0.80 ? 28 GLU A HG2  1 
ATOM 463  H HG3  . GLU A 1 28 ? 0.537   -2.988  11.825  1.00 0.95 ? 28 GLU A HG3  1 
ATOM 464  N N    . GLY A 1 29 ? -1.266  -7.540  10.749  1.00 0.22 ? 29 GLY A N    1 
ATOM 465  C CA   . GLY A 1 29 ? -1.962  -8.752  11.136  1.00 0.22 ? 29 GLY A CA   1 
ATOM 466  C C    . GLY A 1 29 ? -3.439  -8.717  10.779  1.00 0.19 ? 29 GLY A C    1 
ATOM 467  O O    . GLY A 1 29 ? -4.185  -9.634  11.119  1.00 0.20 ? 29 GLY A O    1 
ATOM 468  H H    . GLY A 1 29 ? -0.659  -7.546  9.984   1.00 0.23 ? 29 GLY A H    1 
ATOM 469  H HA2  . GLY A 1 29 ? -1.504  -9.591  10.635  1.00 0.24 ? 29 GLY A HA2  1 
ATOM 470  H HA3  . GLY A 1 29 ? -1.865  -8.885  12.202  1.00 0.25 ? 29 GLY A HA3  1 
ATOM 471  N N    . ASP A 1 30 ? -3.866  -7.647  10.111  1.00 0.15 ? 30 ASP A N    1 
ATOM 472  C CA   . ASP A 1 30 ? -5.265  -7.488  9.734   1.00 0.14 ? 30 ASP A CA   1 
ATOM 473  C C    . ASP A 1 30 ? -5.508  -7.927  8.298   1.00 0.12 ? 30 ASP A C    1 
ATOM 474  O O    . ASP A 1 30 ? -4.601  -7.898  7.466   1.00 0.11 ? 30 ASP A O    1 
ATOM 475  C CB   . ASP A 1 30 ? -5.696  -6.032  9.906   1.00 0.15 ? 30 ASP A CB   1 
ATOM 476  C CG   . ASP A 1 30 ? -6.871  -5.840  10.512  1.00 0.73 ? 30 ASP A CG   1 
ATOM 477  O OD1  . ASP A 1 30 ? -7.523  -6.341  10.673  1.00 1.29 ? 30 ASP A OD1  1 
ATOM 478  O OD2  . ASP A 1 30 ? -7.140  -5.189  10.823  1.00 1.42 ? 30 ASP A OD2  1 
ATOM 479  H H    . ASP A 1 30 ? -3.227  -6.947  9.870   1.00 0.16 ? 30 ASP A H    1 
ATOM 480  H HA   . ASP A 1 30 ? -5.857  -8.107  10.391  1.00 0.15 ? 30 ASP A HA   1 
ATOM 481  H HB2  . ASP A 1 30 ? -5.077  -5.537  10.417  1.00 0.54 ? 30 ASP A HB2  1 
ATOM 482  H HB3  . ASP A 1 30 ? -5.771  -5.588  9.076   1.00 0.56 ? 30 ASP A HB3  1 
ATOM 483  N N    . THR A 1 31 ? -6.741  -8.328  8.013   1.00 0.13 ? 31 THR A N    1 
ATOM 484  C CA   . THR A 1 31 ? -7.108  -8.768  6.678   1.00 0.13 ? 31 THR A CA   1 
ATOM 485  C C    . THR A 1 31 ? -7.822  -7.662  5.911   1.00 0.14 ? 31 THR A C    1 
ATOM 486  O O    . THR A 1 31 ? -8.519  -6.837  6.494   1.00 0.18 ? 31 THR A O    1 
ATOM 487  C CB   . THR A 1 31 ? -8.012  -10.012 6.720   1.00 0.16 ? 31 THR A CB   1 
ATOM 488  O OG1  . THR A 1 31 ? -7.540  -10.929 7.702   1.00 0.24 ? 31 THR A OG1  1 
ATOM 489  C CG2  . THR A 1 31 ? -8.052  -10.691 5.370   1.00 0.25 ? 31 THR A CG2  1 
ATOM 490  H H    . THR A 1 31 ? -7.419  -8.324  8.719   1.00 0.14 ? 31 THR A H    1 
ATOM 491  H HA   . THR A 1 31 ? -6.201  -9.027  6.152   1.00 0.12 ? 31 THR A HA   1 
ATOM 492  H HB   . THR A 1 31 ? -9.007  -9.708  6.978   1.00 0.20 ? 31 THR A HB   1 
ATOM 493  H HG1  . THR A 1 31 ? -7.709  -11.172 8.050   1.00 0.82 ? 31 THR A HG1  1 
ATOM 494  H HG21 . THR A 1 31 ? -7.937  -10.797 5.028   1.00 1.07 ? 31 THR A HG21 1 
ATOM 495  H HG22 . THR A 1 31 ? -8.172  -10.786 5.009   1.00 1.04 ? 31 THR A HG22 1 
ATOM 496  H HG23 . THR A 1 31 ? -8.071  -10.972 5.113   1.00 1.04 ? 31 THR A HG23 1 
ATOM 497  N N    . VAL A 1 32 ? -7.640  -7.659  4.599   1.00 0.15 ? 32 VAL A N    1 
ATOM 498  C CA   . VAL A 1 32 ? -8.256  -6.664  3.733   1.00 0.17 ? 32 VAL A CA   1 
ATOM 499  C C    . VAL A 1 32 ? -9.408  -7.270  2.945   1.00 0.19 ? 32 VAL A C    1 
ATOM 500  O O    . VAL A 1 32 ? -9.518  -8.488  2.830   1.00 0.21 ? 32 VAL A O    1 
ATOM 501  C CB   . VAL A 1 32 ? -7.247  -6.040  2.733   1.00 0.18 ? 32 VAL A CB   1 
ATOM 502  C CG1  . VAL A 1 32 ? -6.994  -4.593  3.081   1.00 0.22 ? 32 VAL A CG1  1 
ATOM 503  C CG2  . VAL A 1 32 ? -5.935  -6.810  2.682   1.00 0.23 ? 32 VAL A CG2  1 
ATOM 504  H H    . VAL A 1 32 ? -7.075  -8.342  4.202   1.00 0.18 ? 32 VAL A H    1 
ATOM 505  H HA   . VAL A 1 32 ? -8.642  -5.874  4.358   1.00 0.17 ? 32 VAL A HA   1 
ATOM 506  H HB   . VAL A 1 32 ? -7.687  -6.071  1.751   1.00 0.20 ? 32 VAL A HB   1 
ATOM 507  H HG11 . VAL A 1 32 ? -6.882  -4.239  3.040   1.00 1.05 ? 32 VAL A HG11 1 
ATOM 508  H HG12 . VAL A 1 32 ? -6.855  -4.287  3.267   1.00 1.04 ? 32 VAL A HG12 1 
ATOM 509  H HG13 . VAL A 1 32 ? -7.064  -4.224  3.186   1.00 1.02 ? 32 VAL A HG13 1 
ATOM 510  H HG21 . VAL A 1 32 ? -5.592  -6.954  2.702   1.00 1.06 ? 32 VAL A HG21 1 
ATOM 511  H HG22 . VAL A 1 32 ? -5.627  -6.983  2.610   1.00 1.03 ? 32 VAL A HG22 1 
ATOM 512  H HG23 . VAL A 1 32 ? -5.656  -7.036  2.694   1.00 1.04 ? 32 VAL A HG23 1 
ATOM 513  N N    . SER A 1 33 ? -10.257 -6.410  2.401   1.00 0.22 ? 33 SER A N    1 
ATOM 514  C CA   . SER A 1 33 ? -11.402 -6.853  1.616   1.00 0.27 ? 33 SER A CA   1 
ATOM 515  C C    . SER A 1 33 ? -11.524 -6.038  0.338   1.00 0.32 ? 33 SER A C    1 
ATOM 516  O O    . SER A 1 33 ? -10.872 -5.021  0.185   1.00 0.39 ? 33 SER A O    1 
ATOM 517  C CB   . SER A 1 33 ? -12.684 -6.734  2.432   1.00 0.33 ? 33 SER A CB   1 
ATOM 518  O OG   . SER A 1 33 ? -12.985 -7.476  3.030   1.00 1.05 ? 33 SER A OG   1 
ATOM 519  H H    . SER A 1 33 ? -10.109 -5.451  2.527   1.00 0.24 ? 33 SER A H    1 
ATOM 520  H HA   . SER A 1 33 ? -11.248 -7.885  1.356   1.00 0.28 ? 33 SER A HA   1 
ATOM 521  H HB2  . SER A 1 33 ? -12.734 -6.176  2.928   1.00 0.90 ? 33 SER A HB2  1 
ATOM 522  H HB3  . SER A 1 33 ? -13.332 -6.632  2.063   1.00 0.82 ? 33 SER A HB3  1 
ATOM 523  H HG   . SER A 1 33 ? -13.222 -7.720  3.151   1.00 1.45 ? 33 SER A HG   1 
ATOM 524  N N    . GLN A 1 34 ? -12.359 -6.493  -0.575  1.00 0.37 ? 34 GLN A N    1 
ATOM 525  C CA   . GLN A 1 34 ? -12.562 -5.805  -1.840  1.00 0.45 ? 34 GLN A CA   1 
ATOM 526  C C    . GLN A 1 34 ? -13.022 -4.375  -1.622  1.00 0.48 ? 34 GLN A C    1 
ATOM 527  O O    . GLN A 1 34 ? -12.757 -3.501  -2.432  1.00 0.58 ? 34 GLN A O    1 
ATOM 528  C CB   . GLN A 1 34 ? -13.583 -6.555  -2.692  1.00 0.53 ? 34 GLN A CB   1 
ATOM 529  C CG   . GLN A 1 34 ? -13.512 -7.014  -3.504  1.00 1.18 ? 34 GLN A CG   1 
ATOM 530  C CD   . GLN A 1 34 ? -14.405 -7.690  -4.007  1.00 1.67 ? 34 GLN A CD   1 
ATOM 531  O OE1  . GLN A 1 34 ? -14.681 -7.959  -4.459  1.00 2.22 ? 34 GLN A OE1  1 
ATOM 532  N NE2  . GLN A 1 34 ? -14.863 -7.967  -3.933  1.00 2.26 ? 34 GLN A NE2  1 
ATOM 533  H H    . GLN A 1 34 ? -12.850 -7.310  -0.397  1.00 0.42 ? 34 GLN A H    1 
ATOM 534  H HA   . GLN A 1 34 ? -11.620 -5.788  -2.358  1.00 0.47 ? 34 GLN A HA   1 
ATOM 535  H HB2  . GLN A 1 34 ? -13.909 -7.038  -2.496  1.00 1.09 ? 34 GLN A HB2  1 
ATOM 536  H HB3  . GLN A 1 34 ? -14.079 -6.291  -2.918  1.00 1.13 ? 34 GLN A HB3  1 
ATOM 537  H HG2  . GLN A 1 34 ? -13.226 -6.550  -3.771  1.00 1.75 ? 34 GLN A HG2  1 
ATOM 538  H HG3  . GLN A 1 34 ? -13.083 -7.319  -3.469  1.00 1.68 ? 34 GLN A HG3  1 
ATOM 539  H HE21 . GLN A 1 34 ? -14.602 -7.723  -3.562  1.00 2.55 ? 34 GLN A HE21 1 
ATOM 540  H HE22 . GLN A 1 34 ? -15.444 -8.403  -4.251  1.00 2.71 ? 34 GLN A HE22 1 
ATOM 541  N N    . PHE A 1 35 ? -13.714 -4.142  -0.524  1.00 0.47 ? 35 PHE A N    1 
ATOM 542  C CA   . PHE A 1 35 ? -14.213 -2.817  -0.203  1.00 0.54 ? 35 PHE A CA   1 
ATOM 543  C C    . PHE A 1 35 ? -13.296 -2.096  0.778   1.00 0.48 ? 35 PHE A C    1 
ATOM 544  O O    . PHE A 1 35 ? -13.340 -0.877  0.901   1.00 0.56 ? 35 PHE A O    1 
ATOM 545  C CB   . PHE A 1 35 ? -15.617 -2.914  0.375   1.00 0.65 ? 35 PHE A CB   1 
ATOM 546  C CG   . PHE A 1 35 ? -16.348 -2.632  0.278   1.00 1.47 ? 35 PHE A CG   1 
ATOM 547  C CD1  . PHE A 1 35 ? -16.850 -3.094  -0.327  1.00 2.20 ? 35 PHE A CD1  1 
ATOM 548  C CD2  . PHE A 1 35 ? -16.533 -1.907  0.791   1.00 2.19 ? 35 PHE A CD2  1 
ATOM 549  C CE1  . PHE A 1 35 ? -17.521 -2.836  -0.418  1.00 3.28 ? 35 PHE A CE1  1 
ATOM 550  C CE2  . PHE A 1 35 ? -17.204 -1.646  0.703   1.00 3.27 ? 35 PHE A CE2  1 
ATOM 551  C CZ   . PHE A 1 35 ? -17.702 -2.113  0.101   1.00 3.74 ? 35 PHE A CZ   1 
ATOM 552  H H    . PHE A 1 35 ? -13.896 -4.879  0.084   1.00 0.45 ? 35 PHE A H    1 
ATOM 553  H HA   . PHE A 1 35 ? -14.251 -2.251  -1.115  1.00 0.61 ? 35 PHE A HA   1 
ATOM 554  H HB2  . PHE A 1 35 ? -15.934 -3.292  0.430   1.00 1.15 ? 35 PHE A HB2  1 
ATOM 555  H HB3  . PHE A 1 35 ? -15.812 -2.822  0.829   1.00 1.17 ? 35 PHE A HB3  1 
ATOM 556  H HD1  . PHE A 1 35 ? -16.711 -3.661  -0.730  1.00 2.22 ? 35 PHE A HD1  1 
ATOM 557  H HD2  . PHE A 1 35 ? -16.147 -1.543  1.265   1.00 2.20 ? 35 PHE A HD2  1 
ATOM 558  H HE1  . PHE A 1 35 ? -17.907 -3.201  -0.892  1.00 3.93 ? 35 PHE A HE1  1 
ATOM 559  H HE2  . PHE A 1 35 ? -17.342 -1.079  1.108   1.00 3.92 ? 35 PHE A HE2  1 
ATOM 560  H HZ   . PHE A 1 35 ? -18.229 -1.912  0.032   1.00 4.65 ? 35 PHE A HZ   1 
ATOM 561  N N    . ASP A 1 36 ? -12.470 -2.854  1.479   1.00 0.36 ? 36 ASP A N    1 
ATOM 562  C CA   . ASP A 1 36 ? -11.553 -2.277  2.450   1.00 0.32 ? 36 ASP A CA   1 
ATOM 563  C C    . ASP A 1 36 ? -10.176 -2.051  1.843   1.00 0.25 ? 36 ASP A C    1 
ATOM 564  O O    . ASP A 1 36 ? -9.353  -2.957  1.798   1.00 0.23 ? 36 ASP A O    1 
ATOM 565  C CB   . ASP A 1 36 ? -11.440 -3.186  3.671   1.00 0.33 ? 36 ASP A CB   1 
ATOM 566  C CG   . ASP A 1 36 ? -12.017 -2.629  4.860   1.00 0.59 ? 36 ASP A CG   1 
ATOM 567  O OD1  . ASP A 1 36 ? -12.580 -1.792  4.874   1.00 1.05 ? 36 ASP A OD1  1 
ATOM 568  O OD2  . ASP A 1 36 ? -11.904 -3.031  5.779   1.00 1.03 ? 36 ASP A OD2  1 
ATOM 569  H H    . ASP A 1 36 ? -12.480 -3.822  1.344   1.00 0.32 ? 36 ASP A H    1 
ATOM 570  H HA   . ASP A 1 36 ? -11.954 -1.326  2.758   1.00 0.37 ? 36 ASP A HA   1 
ATOM 571  H HB2  . ASP A 1 36 ? -11.911 -4.074  3.500   1.00 0.47 ? 36 ASP A HB2  1 
ATOM 572  H HB3  . ASP A 1 36 ? -10.462 -3.378  3.871   1.00 0.51 ? 36 ASP A HB3  1 
ATOM 573  N N    . SER A 1 37 ? -9.930  -0.832  1.382   1.00 0.27 ? 37 SER A N    1 
ATOM 574  C CA   . SER A 1 37 ? -8.649  -0.482  0.783   1.00 0.24 ? 37 SER A CA   1 
ATOM 575  C C    . SER A 1 37 ? -7.535  -0.559  1.819   1.00 0.19 ? 37 SER A C    1 
ATOM 576  O O    . SER A 1 37 ? -7.788  -0.496  3.019   1.00 0.22 ? 37 SER A O    1 
ATOM 577  C CB   . SER A 1 37 ? -8.709  0.922   0.186   1.00 0.29 ? 37 SER A CB   1 
ATOM 578  O OG   . SER A 1 37 ? -9.550  1.510   0.342   1.00 1.04 ? 37 SER A OG   1 
ATOM 579  H H    . SER A 1 37 ? -10.625 -0.151  1.450   1.00 0.34 ? 37 SER A H    1 
ATOM 580  H HA   . SER A 1 37 ? -8.445  -1.191  -0.001  1.00 0.24 ? 37 SER A HA   1 
ATOM 581  H HB2  . SER A 1 37 ? -8.157  1.432   0.406   1.00 0.75 ? 37 SER A HB2  1 
ATOM 582  H HB3  . SER A 1 37 ? -8.655  0.980   -0.590  1.00 0.83 ? 37 SER A HB3  1 
ATOM 583  H HG   . SER A 1 37 ? -9.690  2.006   0.411   1.00 1.33 ? 37 SER A HG   1 
ATOM 584  N N    . ILE A 1 38 ? -6.300  -0.696  1.353   1.00 0.18 ? 38 ILE A N    1 
ATOM 585  C CA   . ILE A 1 38 ? -5.156  -0.781  2.253   1.00 0.17 ? 38 ILE A CA   1 
ATOM 586  C C    . ILE A 1 38 ? -4.643  0.606   2.612   1.00 0.22 ? 38 ILE A C    1 
ATOM 587  O O    . ILE A 1 38 ? -4.866  1.094   3.719   1.00 0.26 ? 38 ILE A O    1 
ATOM 588  C CB   . ILE A 1 38 ? -4.018  -1.620  1.641   1.00 0.20 ? 38 ILE A CB   1 
ATOM 589  C CG1  . ILE A 1 38 ? -4.547  -3.007  1.276   1.00 0.23 ? 38 ILE A CG1  1 
ATOM 590  C CG2  . ILE A 1 38 ? -2.844  -1.715  2.606   1.00 0.24 ? 38 ILE A CG2  1 
ATOM 591  C CD1  . ILE A 1 38 ? -3.499  -4.066  1.068   1.00 0.22 ? 38 ILE A CD1  1 
ATOM 592  H H    . ILE A 1 38 ? -6.156  -0.739  0.385   1.00 0.21 ? 38 ILE A H    1 
ATOM 593  H HA   . ILE A 1 38 ? -5.482  -1.273  3.155   1.00 0.17 ? 38 ILE A HA   1 
ATOM 594  H HB   . ILE A 1 38 ? -3.679  -1.128  0.749   1.00 0.27 ? 38 ILE A HB   1 
ATOM 595  H HG12 . ILE A 1 38 ? -5.184  -3.344  2.051   1.00 0.32 ? 38 ILE A HG12 1 
ATOM 596  H HG13 . ILE A 1 38 ? -5.107  -2.930  0.377   1.00 0.37 ? 38 ILE A HG13 1 
ATOM 597  H HG21 . ILE A 1 38 ? -2.474  -1.710  2.711   1.00 1.08 ? 38 ILE A HG21 1 
ATOM 598  H HG22 . ILE A 1 38 ? -2.602  -1.883  2.872   1.00 1.00 ? 38 ILE A HG22 1 
ATOM 599  H HG23 . ILE A 1 38 ? -2.622  -1.619  2.919   1.00 1.03 ? 38 ILE A HG23 1 
ATOM 600  H HD11 . ILE A 1 38 ? -3.383  -4.411  0.840   1.00 0.98 ? 38 ILE A HD11 1 
ATOM 601  H HD12 . ILE A 1 38 ? -3.272  -4.411  1.242   1.00 1.02 ? 38 ILE A HD12 1 
ATOM 602  H HD13 . ILE A 1 38 ? -3.096  -4.132  0.974   1.00 1.05 ? 38 ILE A HD13 1 
ATOM 603  N N    . CYS A 1 39 ? -3.959  1.241   1.675   1.00 0.29 ? 39 CYS A N    1 
ATOM 604  C CA   . CYS A 1 39 ? -3.419  2.572   1.898   1.00 0.37 ? 39 CYS A CA   1 
ATOM 605  C C    . CYS A 1 39 ? -3.775  3.517   0.764   1.00 0.29 ? 39 CYS A C    1 
ATOM 606  O O    . CYS A 1 39 ? -3.925  3.098   -0.375  1.00 0.31 ? 39 CYS A O    1 
ATOM 607  C CB   . CYS A 1 39 ? -1.913  2.510   2.064   1.00 0.52 ? 39 CYS A CB   1 
ATOM 608  S SG   . CYS A 1 39 ? -1.002  2.428   1.509   1.00 1.30 ? 39 CYS A SG   1 
ATOM 609  H H    . CYS A 1 39 ? -3.817  0.804   0.814   1.00 0.32 ? 39 CYS A H    1 
ATOM 610  H HA   . CYS A 1 39 ? -3.850  2.950   2.800   1.00 0.47 ? 39 CYS A HA   1 
ATOM 611  H HB2  . CYS A 1 39 ? -1.562  2.863   2.280   1.00 1.14 ? 39 CYS A HB2  1 
ATOM 612  H HB3  . CYS A 1 39 ? -1.685  2.163   2.326   1.00 1.28 ? 39 CYS A HB3  1 
ATOM 613  H HG   . CYS A 1 39 ? -0.802  2.398   1.289   1.00 1.98 ? 39 CYS A HG   1 
ATOM 614  N N    . GLU A 1 40 ? -3.898  4.793   1.084   1.00 0.28 ? 40 GLU A N    1 
ATOM 615  C CA   . GLU A 1 40 ? -4.225  5.803   0.096   1.00 0.27 ? 40 GLU A CA   1 
ATOM 616  C C    . GLU A 1 40 ? -3.361  7.040   0.294   1.00 0.22 ? 40 GLU A C    1 
ATOM 617  O O    . GLU A 1 40 ? -3.314  7.605   1.379   1.00 0.26 ? 40 GLU A O    1 
ATOM 618  C CB   . GLU A 1 40 ? -5.697  6.175   0.188   1.00 0.38 ? 40 GLU A CB   1 
ATOM 619  C CG   . GLU A 1 40 ? -6.560  5.483   -0.284  1.00 0.95 ? 40 GLU A CG   1 
ATOM 620  C CD   . GLU A 1 40 ? -7.658  5.686   0.017   1.00 1.51 ? 40 GLU A CD   1 
ATOM 621  O OE1  . GLU A 1 40 ? -7.727  5.487   0.427   1.00 2.29 ? 40 GLU A OE1  1 
ATOM 622  O OE2  . GLU A 1 40 ? -8.450  6.042   -0.160  1.00 1.81 ? 40 GLU A OE2  1 
ATOM 623  H H    . GLU A 1 40 ? -3.759  5.064   2.008   1.00 0.35 ? 40 GLU A H    1 
ATOM 624  H HA   . GLU A 1 40 ? -4.028  5.390   -0.876  1.00 0.28 ? 40 GLU A HA   1 
ATOM 625  H HB2  . GLU A 1 40 ? -5.999  6.259   0.956   1.00 0.70 ? 40 GLU A HB2  1 
ATOM 626  H HB3  . GLU A 1 40 ? -5.855  6.892   -0.158  1.00 0.97 ? 40 GLU A HB3  1 
ATOM 627  H HG2  . GLU A 1 40 ? -6.441  5.457   -0.972  1.00 1.50 ? 40 GLU A HG2  1 
ATOM 628  H HG3  . GLU A 1 40 ? -6.506  4.845   -0.168  1.00 1.38 ? 40 GLU A HG3  1 
ATOM 629  N N    . VAL A 1 41 ? -2.679  7.457   -0.757  1.00 0.23 ? 41 VAL A N    1 
ATOM 630  C CA   . VAL A 1 41 ? -1.817  8.629   -0.687  1.00 0.22 ? 41 VAL A CA   1 
ATOM 631  C C    . VAL A 1 41 ? -2.255  9.691   -1.686  1.00 0.27 ? 41 VAL A C    1 
ATOM 632  O O    . VAL A 1 41 ? -2.751  9.375   -2.762  1.00 0.35 ? 41 VAL A O    1 
ATOM 633  C CB   . VAL A 1 41 ? -0.346  8.264   -0.948  1.00 0.25 ? 41 VAL A CB   1 
ATOM 634  C CG1  . VAL A 1 41 ? 0.126   7.219   0.042   1.00 0.27 ? 41 VAL A CG1  1 
ATOM 635  C CG2  . VAL A 1 41 ? -0.156  7.776   -2.372  1.00 0.32 ? 41 VAL A CG2  1 
ATOM 636  H H    . VAL A 1 41 ? -2.755  6.967   -1.597  1.00 0.28 ? 41 VAL A H    1 
ATOM 637  H HA   . VAL A 1 41 ? -1.891  9.037   0.308   1.00 0.19 ? 41 VAL A HA   1 
ATOM 638  H HB   . VAL A 1 41 ? 0.251   9.149   -0.813  1.00 0.28 ? 41 VAL A HB   1 
ATOM 639  H HG11 . VAL A 1 41 ? -0.046  6.957   0.431   1.00 0.99 ? 41 VAL A HG11 1 
ATOM 640  H HG12 . VAL A 1 41 ? 0.461   7.186   0.367   1.00 1.07 ? 41 VAL A HG12 1 
ATOM 641  H HG13 . VAL A 1 41 ? 0.299   6.769   0.032   1.00 0.96 ? 41 VAL A HG13 1 
ATOM 642  H HG21 . VAL A 1 41 ? -0.105  7.470   -2.605  1.00 1.16 ? 41 VAL A HG21 1 
ATOM 643  H HG22 . VAL A 1 41 ? 0.072   7.773   -2.743  1.00 0.95 ? 41 VAL A HG22 1 
ATOM 644  H HG23 . VAL A 1 41 ? -0.300  7.743   -2.778  1.00 1.03 ? 41 VAL A HG23 1 
ATOM 645  N N    . GLN A 1 42 ? -2.067  10.950  -1.322  1.00 0.26 ? 42 GLN A N    1 
ATOM 646  C CA   . GLN A 1 42 ? -2.446  12.058  -2.188  1.00 0.33 ? 42 GLN A CA   1 
ATOM 647  C C    . GLN A 1 42 ? -1.334  13.091  -2.274  1.00 0.37 ? 42 GLN A C    1 
ATOM 648  O O    . GLN A 1 42 ? -0.872  13.599  -1.267  1.00 0.41 ? 42 GLN A O    1 
ATOM 649  C CB   . GLN A 1 42 ? -3.726  12.713  -1.683  1.00 0.37 ? 42 GLN A CB   1 
ATOM 650  C CG   . GLN A 1 42 ? -4.946  11.878  -1.880  1.00 0.52 ? 42 GLN A CG   1 
ATOM 651  C CD   . GLN A 1 42 ? -6.110  12.308  -1.682  1.00 0.86 ? 42 GLN A CD   1 
ATOM 652  O OE1  . GLN A 1 42 ? -6.125  13.286  -1.349  1.00 1.41 ? 42 GLN A OE1  1 
ATOM 653  N NE2  . GLN A 1 42 ? -7.096  11.577  -1.887  1.00 1.05 ? 42 GLN A NE2  1 
ATOM 654  H H    . GLN A 1 42 ? -1.667  11.140  -0.451  1.00 0.25 ? 42 GLN A H    1 
ATOM 655  H HA   . GLN A 1 42 ? -2.624  11.659  -3.171  1.00 0.38 ? 42 GLN A HA   1 
ATOM 656  H HB2  . GLN A 1 42 ? -3.632  12.912  -0.646  1.00 0.38 ? 42 GLN A HB2  1 
ATOM 657  H HB3  . GLN A 1 42 ? -3.871  13.632  -2.192  1.00 0.45 ? 42 GLN A HB3  1 
ATOM 658  H HG2  . GLN A 1 42 ? -5.013  11.599  -2.651  1.00 0.88 ? 42 GLN A HG2  1 
ATOM 659  H HG3  . GLN A 1 42 ? -4.919  11.221  -1.401  1.00 1.05 ? 42 GLN A HG3  1 
ATOM 660  H HE21 . GLN A 1 42 ? -7.017  10.812  -2.151  1.00 0.95 ? 42 GLN A HE21 1 
ATOM 661  H HE22 . GLN A 1 42 ? -7.861  11.832  -1.768  1.00 1.52 ? 42 GLN A HE22 1 
ATOM 662  N N    . SER A 1 43 ? -0.910  13.396  -3.487  1.00 0.43 ? 43 SER A N    1 
ATOM 663  C CA   . SER A 1 43 ? 0.146   14.368  -3.709  1.00 0.49 ? 43 SER A CA   1 
ATOM 664  C C    . SER A 1 43 ? -0.349  15.547  -4.515  1.00 0.54 ? 43 SER A C    1 
ATOM 665  O O    . SER A 1 43 ? -1.284  15.414  -5.282  1.00 0.62 ? 43 SER A O    1 
ATOM 666  C CB   . SER A 1 43 ? 1.307   13.718  -4.416  1.00 0.67 ? 43 SER A CB   1 
ATOM 667  O OG   . SER A 1 43 ? 2.195   13.973  -4.371  1.00 1.14 ? 43 SER A OG   1 
ATOM 668  H H    . SER A 1 43 ? -1.320  12.956  -4.250  1.00 0.47 ? 43 SER A H    1 
ATOM 669  H HA   . SER A 1 43 ? 0.473   14.722  -2.761  1.00 0.48 ? 43 SER A HA   1 
ATOM 670  H HB2  . SER A 1 43 ? 1.458   13.075  -4.316  1.00 1.14 ? 43 SER A HB2  1 
ATOM 671  H HB3  . SER A 1 43 ? 1.314   13.694  -5.064  1.00 1.23 ? 43 SER A HB3  1 
ATOM 672  H HG   . SER A 1 43 ? 2.651   13.994  -4.307  1.00 1.35 ? 43 SER A HG   1 
ATOM 673  N N    . ASP A 1 44 ? 0.281   16.700  -4.335  1.00 0.55 ? 44 ASP A N    1 
ATOM 674  C CA   . ASP A 1 44 ? -0.096  17.903  -5.045  1.00 0.64 ? 44 ASP A CA   1 
ATOM 675  C C    . ASP A 1 44 ? -0.219  17.643  -6.525  1.00 0.76 ? 44 ASP A C    1 
ATOM 676  O O    . ASP A 1 44 ? -1.008  18.263  -7.199  1.00 0.89 ? 44 ASP A O    1 
ATOM 677  C CB   . ASP A 1 44 ? 0.923   19.011  -4.796  1.00 0.68 ? 44 ASP A CB   1 
ATOM 678  C CG   . ASP A 1 44 ? 1.048   19.665  -4.637  1.00 1.49 ? 44 ASP A CG   1 
ATOM 679  O OD1  . ASP A 1 44 ? 0.630   19.466  -4.730  1.00 2.45 ? 44 ASP A OD1  1 
ATOM 680  O OD2  . ASP A 1 44 ? 1.564   20.374  -4.419  1.00 1.84 ? 44 ASP A OD2  1 
ATOM 681  H H    . ASP A 1 44 ? 1.017   16.741  -3.710  1.00 0.54 ? 44 ASP A H    1 
ATOM 682  H HA   . ASP A 1 44 ? -1.047  18.214  -4.674  1.00 0.66 ? 44 ASP A HA   1 
ATOM 683  H HB2  . ASP A 1 44 ? 1.260   19.126  -4.546  1.00 1.16 ? 44 ASP A HB2  1 
ATOM 684  H HB3  . ASP A 1 44 ? 1.247   19.236  -4.981  1.00 1.28 ? 44 ASP A HB3  1 
ATOM 685  N N    . LYS A 1 45 ? 0.565   16.721  -7.025  1.00 0.82 ? 45 LYS A N    1 
ATOM 686  C CA   . LYS A 1 45 ? 0.541   16.381  -8.425  1.00 0.99 ? 45 LYS A CA   1 
ATOM 687  C C    . LYS A 1 45 ? -0.652  15.513  -8.769  1.00 0.94 ? 45 LYS A C    1 
ATOM 688  O O    . LYS A 1 45 ? -1.477  15.891  -9.576  1.00 1.00 ? 45 LYS A O    1 
ATOM 689  C CB   . LYS A 1 45 ? 1.807   15.676  -8.807  1.00 1.12 ? 45 LYS A CB   1 
ATOM 690  C CG   . LYS A 1 45 ? 2.289   15.077  -9.198  1.00 1.31 ? 45 LYS A CG   1 
ATOM 691  C CD   . LYS A 1 45 ? 3.221   14.355  -9.544  1.00 1.39 ? 45 LYS A CD   1 
ATOM 692  C CE   . LYS A 1 45 ? 3.537   13.347  -9.512  1.00 1.56 ? 45 LYS A CE   1 
ATOM 693  N NZ   . LYS A 1 45 ? 4.129   13.360  -10.081 1.00 2.27 ? 45 LYS A NZ   1 
ATOM 694  H H    . LYS A 1 45 ? 1.173   16.260  -6.438  1.00 0.80 ? 45 LYS A H    1 
ATOM 695  H HA   . LYS A 1 45 ? 0.474   17.288  -8.971  1.00 1.12 ? 45 LYS A HA   1 
ATOM 696  H HB2  . LYS A 1 45 ? 2.162   15.745  -8.989  1.00 1.66 ? 45 LYS A HB2  1 
ATOM 697  H HB3  . LYS A 1 45 ? 2.047   15.528  -8.619  1.00 1.72 ? 45 LYS A HB3  1 
ATOM 698  H HG2  . LYS A 1 45 ? 2.001   15.150  -9.128  1.00 1.95 ? 45 LYS A HG2  1 
ATOM 699  H HG3  . LYS A 1 45 ? 2.250   15.093  -9.304  1.00 1.93 ? 45 LYS A HG3  1 
ATOM 700  H HD2  . LYS A 1 45 ? 3.271   14.366  -10.013 1.00 1.87 ? 45 LYS A HD2  1 
ATOM 701  H HD3  . LYS A 1 45 ? 3.619   14.553  -9.350  1.00 1.86 ? 45 LYS A HD3  1 
ATOM 702  H HE2  . LYS A 1 45 ? 3.682   13.005  -8.951  1.00 1.86 ? 45 LYS A HE2  1 
ATOM 703  H HE3  . LYS A 1 45 ? 3.179   12.943  -9.624  1.00 1.83 ? 45 LYS A HE3  1 
ATOM 704  H HZ1  . LYS A 1 45 ? 4.114   13.368  -10.358 1.00 2.69 ? 45 LYS A HZ1  1 
ATOM 705  H HZ2  . LYS A 1 45 ? 4.446   13.176  -10.159 1.00 2.59 ? 45 LYS A HZ2  1 
ATOM 706  H HZ3  . LYS A 1 45 ? 4.254   13.544  -10.136 1.00 2.74 ? 45 LYS A HZ3  1 
ATOM 707  N N    . ALA A 1 46 ? -0.737  14.349  -8.153  1.00 0.87 ? 46 ALA A N    1 
ATOM 708  C CA   . ALA A 1 46 ? -1.831  13.430  -8.399  1.00 0.84 ? 46 ALA A CA   1 
ATOM 709  C C    . ALA A 1 46 ? -2.198  12.654  -7.146  1.00 0.75 ? 46 ALA A C    1 
ATOM 710  O O    . ALA A 1 46 ? -1.396  12.517  -6.235  1.00 0.76 ? 46 ALA A O    1 
ATOM 711  C CB   . ALA A 1 46 ? -1.475  12.480  -9.517  1.00 0.93 ? 46 ALA A CB   1 
ATOM 712  H H    . ALA A 1 46 ? -0.051  14.102  -7.520  1.00 0.86 ? 46 ALA A H    1 
ATOM 713  H HA   . ALA A 1 46 ? -2.678  14.008  -8.710  1.00 0.87 ? 46 ALA A HA   1 
ATOM 714  H HB1  . ALA A 1 46 ? -1.574  12.081  -9.700  1.00 1.35 ? 46 ALA A HB1  1 
ATOM 715  H HB2  . ALA A 1 46 ? -1.147  12.251  -9.676  1.00 1.50 ? 46 ALA A HB2  1 
ATOM 716  H HB3  . ALA A 1 46 ? -1.449  12.434  -9.969  1.00 1.24 ? 46 ALA A HB3  1 
ATOM 717  N N    . SER A 1 47 ? -3.413  12.142  -7.108  1.00 0.70 ? 47 SER A N    1 
ATOM 718  C CA   . SER A 1 47 ? -3.887  11.372  -5.971  1.00 0.63 ? 47 SER A CA   1 
ATOM 719  C C    . SER A 1 47 ? -3.972  9.899   -6.322  1.00 0.60 ? 47 SER A C    1 
ATOM 720  O O    . SER A 1 47 ? -4.510  9.534   -7.346  1.00 0.70 ? 47 SER A O    1 
ATOM 721  C CB   . SER A 1 47 ? -5.247  11.879  -5.519  1.00 0.67 ? 47 SER A CB   1 
ATOM 722  O OG   . SER A 1 47 ? -5.629  12.687  -5.779  1.00 1.27 ? 47 SER A OG   1 
ATOM 723  H H    . SER A 1 47 ? -4.004  12.283  -7.867  1.00 0.75 ? 47 SER A H    1 
ATOM 724  H HA   . SER A 1 47 ? -3.186  11.499  -5.169  1.00 0.62 ? 47 SER A HA   1 
ATOM 725  H HB2  . SER A 1 47 ? -5.819  11.521  -5.650  1.00 1.03 ? 47 SER A HB2  1 
ATOM 726  H HB3  . SER A 1 47 ? -5.364  11.979  -4.858  1.00 1.12 ? 47 SER A HB3  1 
ATOM 727  H HG   . SER A 1 47 ? -6.061  12.805  -5.933  1.00 1.66 ? 47 SER A HG   1 
ATOM 728  N N    . VAL A 1 48 ? -3.433  9.053   -5.474  1.00 0.52 ? 48 VAL A N    1 
ATOM 729  C CA   . VAL A 1 48 ? -3.445  7.621   -5.709  1.00 0.51 ? 48 VAL A CA   1 
ATOM 730  C C    . VAL A 1 48 ? -4.107  6.865   -4.569  1.00 0.43 ? 48 VAL A C    1 
ATOM 731  O O    . VAL A 1 48 ? -3.845  7.119   -3.412  1.00 0.50 ? 48 VAL A O    1 
ATOM 732  C CB   . VAL A 1 48 ? -2.034  7.072   -5.904  1.00 0.63 ? 48 VAL A CB   1 
ATOM 733  C CG1  . VAL A 1 48 ? -2.044  5.830   -6.626  1.00 0.84 ? 48 VAL A CG1  1 
ATOM 734  C CG2  . VAL A 1 48 ? -1.173  8.018   -6.579  1.00 0.85 ? 48 VAL A CG2  1 
ATOM 735  H H    . VAL A 1 48 ? -3.012  9.401   -4.678  1.00 0.53 ? 48 VAL A H    1 
ATOM 736  H HA   . VAL A 1 48 ? -3.999  7.442   -6.608  1.00 0.55 ? 48 VAL A HA   1 
ATOM 737  H HB   . VAL A 1 48 ? -1.624  6.882   -4.993  1.00 0.75 ? 48 VAL A HB   1 
ATOM 738  H HG11 . VAL A 1 48 ? -2.231  5.431   -6.622  1.00 1.37 ? 48 VAL A HG11 1 
ATOM 739  H HG12 . VAL A 1 48 ? -1.767  5.509   -6.712  1.00 1.28 ? 48 VAL A HG12 1 
ATOM 740  H HG13 . VAL A 1 48 ? -2.143  5.667   -7.060  1.00 1.36 ? 48 VAL A HG13 1 
ATOM 741  H HG21 . VAL A 1 48 ? -1.011  8.181   -6.923  1.00 1.35 ? 48 VAL A HG21 1 
ATOM 742  H HG22 . VAL A 1 48 ? -0.763  8.176   -6.654  1.00 1.12 ? 48 VAL A HG22 1 
ATOM 743  H HG23 . VAL A 1 48 ? -1.135  8.369   -6.639  1.00 1.57 ? 48 VAL A HG23 1 
ATOM 744  N N    . THR A 1 49 ? -4.958  5.926   -4.910  1.00 0.38 ? 49 THR A N    1 
ATOM 745  C CA   . THR A 1 49 ? -5.657  5.114   -3.928  1.00 0.32 ? 49 THR A CA   1 
ATOM 746  C C    . THR A 1 49 ? -5.401  3.637   -4.190  1.00 0.28 ? 49 THR A C    1 
ATOM 747  O O    . THR A 1 49 ? -5.540  3.167   -5.317  1.00 0.32 ? 49 THR A O    1 
ATOM 748  C CB   . THR A 1 49 ? -7.168  5.379   -3.951  1.00 0.36 ? 49 THR A CB   1 
ATOM 749  O OG1  . THR A 1 49 ? -7.709  4.990   -5.204  1.00 0.46 ? 49 THR A OG1  1 
ATOM 750  C CG2  . THR A 1 49 ? -7.464  6.840   -3.700  1.00 0.43 ? 49 THR A CG2  1 
ATOM 751  H H    . THR A 1 49 ? -5.116  5.769   -5.851  1.00 0.47 ? 49 THR A H    1 
ATOM 752  H HA   . THR A 1 49 ? -5.278  5.371   -2.952  1.00 0.30 ? 49 THR A HA   1 
ATOM 753  H HB   . THR A 1 49 ? -7.631  4.802   -3.176  1.00 0.36 ? 49 THR A HB   1 
ATOM 754  H HG1  . THR A 1 49 ? -7.971  4.905   -5.464  1.00 0.85 ? 49 THR A HG1  1 
ATOM 755  H HG21 . THR A 1 49 ? -7.563  7.163   -3.403  1.00 1.08 ? 49 THR A HG21 1 
ATOM 756  H HG22 . THR A 1 49 ? -7.724  7.161   -3.787  1.00 1.07 ? 49 THR A HG22 1 
ATOM 757  H HG23 . THR A 1 49 ? -7.317  7.233   -3.734  1.00 1.12 ? 49 THR A HG23 1 
ATOM 758  N N    . ILE A 1 50 ? -5.012  2.910   -3.152  1.00 0.25 ? 50 ILE A N    1 
ATOM 759  C CA   . ILE A 1 50 ? -4.721  1.492   -3.294  1.00 0.27 ? 50 ILE A CA   1 
ATOM 760  C C    . ILE A 1 50 ? -5.875  0.623   -2.818  1.00 0.25 ? 50 ILE A C    1 
ATOM 761  O O    . ILE A 1 50 ? -6.112  0.481   -1.619  1.00 0.24 ? 50 ILE A O    1 
ATOM 762  C CB   . ILE A 1 50 ? -3.455  1.101   -2.520  1.00 0.33 ? 50 ILE A CB   1 
ATOM 763  C CG1  . ILE A 1 50 ? -2.311  2.023   -2.895  1.00 0.45 ? 50 ILE A CG1  1 
ATOM 764  C CG2  . ILE A 1 50 ? -3.087  -0.343  -2.788  1.00 0.38 ? 50 ILE A CG2  1 
ATOM 765  C CD1  . ILE A 1 50 ? -1.979  2.126   -4.005  1.00 1.19 ? 50 ILE A CD1  1 
ATOM 766  H H    . ILE A 1 50 ? -4.904  3.337   -2.278  1.00 0.25 ? 50 ILE A H    1 
ATOM 767  H HA   . ILE A 1 50 ? -4.549  1.296   -4.338  1.00 0.31 ? 50 ILE A HA   1 
ATOM 768  H HB   . ILE A 1 50 ? -3.655  1.199   -1.472  1.00 0.32 ? 50 ILE A HB   1 
ATOM 769  H HG12 . ILE A 1 50 ? -2.397  2.828   -2.712  1.00 0.72 ? 50 ILE A HG12 1 
ATOM 770  H HG13 . ILE A 1 50 ? -1.606  1.841   -2.537  1.00 0.89 ? 50 ILE A HG13 1 
ATOM 771  H HG21 . ILE A 1 50 ? -3.174  -0.726  -2.814  1.00 1.11 ? 50 ILE A HG21 1 
ATOM 772  H HG22 . ILE A 1 50 ? -2.879  -0.665  -2.714  1.00 1.13 ? 50 ILE A HG22 1 
ATOM 773  H HG23 . ILE A 1 50 ? -2.945  -0.664  -3.029  1.00 0.99 ? 50 ILE A HG23 1 
ATOM 774  H HD11 . ILE A 1 50 ? -1.968  2.192   -4.256  1.00 1.74 ? 50 ILE A HD11 1 
ATOM 775  H HD12 . ILE A 1 50 ? -1.847  2.101   -4.344  1.00 1.68 ? 50 ILE A HD12 1 
ATOM 776  H HD13 . ILE A 1 50 ? -1.886  2.155   -4.208  1.00 1.78 ? 50 ILE A HD13 1 
ATOM 777  N N    . THR A 1 51 ? -6.573  0.027   -3.772  1.00 0.30 ? 51 THR A N    1 
ATOM 778  C CA   . THR A 1 51 ? -7.687  -0.848  -3.469  1.00 0.35 ? 51 THR A CA   1 
ATOM 779  C C    . THR A 1 51 ? -7.199  -2.272  -3.276  1.00 0.39 ? 51 THR A C    1 
ATOM 780  O O    . THR A 1 51 ? -6.018  -2.546  -3.399  1.00 0.43 ? 51 THR A O    1 
ATOM 781  C CB   . THR A 1 51 ? -8.748  -0.826  -4.580  1.00 0.37 ? 51 THR A CB   1 
ATOM 782  O OG1  . THR A 1 51 ? -8.316  -0.682  -5.647  1.00 0.88 ? 51 THR A OG1  1 
ATOM 783  C CG2  . THR A 1 51 ? -9.628  0.056   -4.486  1.00 0.94 ? 51 THR A CG2  1 
ATOM 784  H H    . THR A 1 51 ? -6.321  0.170   -4.706  1.00 0.33 ? 51 THR A H    1 
ATOM 785  H HA   . THR A 1 51 ? -8.141  -0.506  -2.555  1.00 0.38 ? 51 THR A HA   1 
ATOM 786  H HB   . THR A 1 51 ? -9.210  -1.568  -4.630  1.00 0.79 ? 51 THR A HB   1 
ATOM 787  H HG1  . THR A 1 51 ? -8.333  -0.808  -6.093  1.00 1.20 ? 51 THR A HG1  1 
ATOM 788  H HG21 . THR A 1 51 ? -9.810  0.380   -4.604  1.00 1.44 ? 51 THR A HG21 1 
ATOM 789  H HG22 . THR A 1 51 ? -9.827  0.329   -4.327  1.00 1.46 ? 51 THR A HG22 1 
ATOM 790  H HG23 . THR A 1 51 ? -9.872  0.084   -4.458  1.00 1.63 ? 51 THR A HG23 1 
ATOM 791  N N    . SER A 1 52 ? -8.103  -3.174  -2.966  1.00 0.46 ? 52 SER A N    1 
ATOM 792  C CA   . SER A 1 52 ? -7.742  -4.563  -2.754  1.00 0.53 ? 52 SER A CA   1 
ATOM 793  C C    . SER A 1 52 ? -8.198  -5.449  -3.893  1.00 0.45 ? 52 SER A C    1 
ATOM 794  O O    . SER A 1 52 ? -7.434  -6.244  -4.396  1.00 0.53 ? 52 SER A O    1 
ATOM 795  C CB   . SER A 1 52 ? -8.329  -5.066  -1.456  1.00 0.66 ? 52 SER A CB   1 
ATOM 796  O OG   . SER A 1 52 ? -7.812  -5.077  -0.683  1.00 1.49 ? 52 SER A OG   1 
ATOM 797  H H    . SER A 1 52 ? -9.031  -2.900  -2.876  1.00 0.51 ? 52 SER A H    1 
ATOM 798  H HA   . SER A 1 52 ? -6.679  -4.610  -2.690  1.00 0.61 ? 52 SER A HA   1 
ATOM 799  H HB2  . SER A 1 52 ? -8.887  -4.729  -1.203  1.00 1.12 ? 52 SER A HB2  1 
ATOM 800  H HB3  . SER A 1 52 ? -8.595  -5.759  -1.364  1.00 0.74 ? 52 SER A HB3  1 
ATOM 801  H HG   . SER A 1 52 ? -7.573  -5.240  -0.454  1.00 1.91 ? 52 SER A HG   1 
ATOM 802  N N    . ARG A 1 53 ? -9.453  -5.323  -4.281  1.00 0.42 ? 53 ARG A N    1 
ATOM 803  C CA   . ARG A 1 53 ? -10.023 -6.131  -5.348  1.00 0.42 ? 53 ARG A CA   1 
ATOM 804  C C    . ARG A 1 53 ? -10.129 -7.601  -4.926  1.00 0.41 ? 53 ARG A C    1 
ATOM 805  O O    . ARG A 1 53 ? -10.467 -8.460  -5.732  1.00 0.49 ? 53 ARG A O    1 
ATOM 806  C CB   . ARG A 1 53 ? -9.202  -5.985  -6.634  1.00 0.51 ? 53 ARG A CB   1 
ATOM 807  C CG   . ARG A 1 53 ? -8.249  -6.407  -6.939  1.00 1.08 ? 53 ARG A CG   1 
ATOM 808  C CD   . ARG A 1 53 ? -8.554  -6.330  -7.514  1.00 2.22 ? 53 ARG A CD   1 
ATOM 809  N NE   . ARG A 1 53 ? -8.698  -6.089  -8.352  1.00 2.76 ? 53 ARG A NE   1 
ATOM 810  C CZ   . ARG A 1 53 ? -8.994  -5.937  -9.124  1.00 3.51 ? 53 ARG A CZ   1 
ATOM 811  N NH1  . ARG A 1 53 ? -9.180  -5.993  -9.164  1.00 3.97 ? 53 ARG A NH1  1 
ATOM 812  N NH2  . ARG A 1 53 ? -9.107  -5.725  -9.857  1.00 4.20 ? 53 ARG A NH2  1 
ATOM 813  H H    . ARG A 1 53 ? -10.016 -4.682  -3.828  1.00 0.47 ? 53 ARG A H    1 
ATOM 814  H HA   . ARG A 1 53 ? -11.012 -5.760  -5.537  1.00 0.44 ? 53 ARG A HA   1 
ATOM 815  H HB2  . ARG A 1 53 ? -9.486  -6.168  -7.223  1.00 1.05 ? 53 ARG A HB2  1 
ATOM 816  H HB3  . ARG A 1 53 ? -9.019  -5.362  -6.801  1.00 1.05 ? 53 ARG A HB3  1 
ATOM 817  H HG2  . ARG A 1 53 ? -7.516  -6.295  -6.784  1.00 1.27 ? 53 ARG A HG2  1 
ATOM 818  H HG3  . ARG A 1 53 ? -8.059  -6.882  -6.905  1.00 1.54 ? 53 ARG A HG3  1 
ATOM 819  H HD2  . ARG A 1 53 ? -8.695  -6.466  -7.557  1.00 2.68 ? 53 ARG A HD2  1 
ATOM 820  H HD3  . ARG A 1 53 ? -8.524  -6.325  -7.251  1.00 2.82 ? 53 ARG A HD3  1 
ATOM 821  H HE   . ARG A 1 53 ? -8.568  -6.040  -8.339  1.00 2.93 ? 53 ARG A HE   1 
ATOM 822  H HH11 . ARG A 1 53 ? -9.096  -6.151  -8.612  1.00 3.84 ? 53 ARG A HH11 1 
ATOM 823  H HH12 . ARG A 1 53 ? -9.403  -5.879  -9.745  1.00 4.68 ? 53 ARG A HH12 1 
ATOM 824  H HH21 . ARG A 1 53 ? -8.968  -5.679  -9.830  1.00 4.33 ? 53 ARG A HH21 1 
ATOM 825  H HH22 . ARG A 1 53 ? -9.329  -5.611  -10.437 1.00 4.79 ? 53 ARG A HH22 1 
ATOM 826  N N    . TYR A 1 54 ? -9.830  -7.879  -3.663  1.00 0.34 ? 54 TYR A N    1 
ATOM 827  C CA   . TYR A 1 54 ? -9.876  -9.224  -3.124  1.00 0.35 ? 54 TYR A CA   1 
ATOM 828  C C    . TYR A 1 54 ? -9.584  -9.174  -1.634  1.00 0.29 ? 54 TYR A C    1 
ATOM 829  O O    . TYR A 1 54 ? -9.206  -8.128  -1.113  1.00 0.26 ? 54 TYR A O    1 
ATOM 830  C CB   . TYR A 1 54 ? -8.865  -10.120 -3.830  1.00 0.42 ? 54 TYR A CB   1 
ATOM 831  C CG   . TYR A 1 54 ? -9.458  -11.100 -4.745  1.00 0.62 ? 54 TYR A CG   1 
ATOM 832  C CD1  . TYR A 1 54 ? -10.360 -11.998 -4.380  1.00 0.78 ? 54 TYR A CD1  1 
ATOM 833  C CD2  . TYR A 1 54 ? -9.114  -11.125 -5.975  1.00 0.98 ? 54 TYR A CD2  1 
ATOM 834  C CE1  . TYR A 1 54 ? -10.902 -12.894 -5.212  1.00 1.02 ? 54 TYR A CE1  1 
ATOM 835  C CE2  . TYR A 1 54 ? -9.653  -12.018 -6.814  1.00 1.28 ? 54 TYR A CE2  1 
ATOM 836  C CZ   . TYR A 1 54 ? -10.548 -12.899 -6.428  1.00 1.23 ? 54 TYR A CZ   1 
ATOM 837  O OH   . TYR A 1 54 ? -11.084 -13.792 -7.261  1.00 1.55 ? 54 TYR A OH   1 
ATOM 838  H H    . TYR A 1 54 ? -9.569  -7.160  -3.067  1.00 0.30 ? 54 TYR A H    1 
ATOM 839  H HA   . TYR A 1 54 ? -10.869 -9.611  -3.278  1.00 0.40 ? 54 TYR A HA   1 
ATOM 840  H HB2  . TYR A 1 54 ? -8.210  -9.537  -4.391  1.00 0.50 ? 54 TYR A HB2  1 
ATOM 841  H HB3  . TYR A 1 54 ? -8.314  -10.654 -3.119  1.00 0.50 ? 54 TYR A HB3  1 
ATOM 842  H HD1  . TYR A 1 54 ? -10.637 -11.990 -3.427  1.00 0.92 ? 54 TYR A HD1  1 
ATOM 843  H HD2  . TYR A 1 54 ? -8.414  -10.433 -6.274  1.00 1.15 ? 54 TYR A HD2  1 
ATOM 844  H HE1  . TYR A 1 54 ? -11.602 -13.584 -4.911  1.00 1.21 ? 54 TYR A HE1  1 
ATOM 845  H HE2  . TYR A 1 54 ? -9.373  -12.023 -7.765  1.00 1.64 ? 54 TYR A HE2  1 
ATOM 846  H HH   . TYR A 1 54 ? -11.212 -13.942 -7.492  1.00 1.90 ? 54 TYR A HH   1 
ATOM 847  N N    . ASP A 1 55 ? -9.744  -10.291 -0.947  1.00 0.30 ? 55 ASP A N    1 
ATOM 848  C CA   . ASP A 1 55 ? -9.475  -10.321 0.481   1.00 0.27 ? 55 ASP A CA   1 
ATOM 849  C C    . ASP A 1 55 ? -8.081  -10.871 0.740   1.00 0.24 ? 55 ASP A C    1 
ATOM 850  O O    . ASP A 1 55 ? -7.753  -11.983 0.330   1.00 0.27 ? 55 ASP A O    1 
ATOM 851  C CB   . ASP A 1 55 ? -10.522 -11.152 1.219   1.00 0.32 ? 55 ASP A CB   1 
ATOM 852  C CG   . ASP A 1 55 ? -11.240 -11.623 0.899   1.00 1.28 ? 55 ASP A CG   1 
ATOM 853  O OD1  . ASP A 1 55 ? -11.356 -12.040 0.077   1.00 1.76 ? 55 ASP A OD1  1 
ATOM 854  O OD2  . ASP A 1 55 ? -11.688 -11.574 1.468   1.00 2.06 ? 55 ASP A OD2  1 
ATOM 855  H H    . ASP A 1 55 ? -10.042 -11.103 -1.403  1.00 0.35 ? 55 ASP A H    1 
ATOM 856  H HA   . ASP A 1 55 ? -9.518  -9.306  0.838   1.00 0.26 ? 55 ASP A HA   1 
ATOM 857  H HB2  . ASP A 1 55 ? -10.392 -11.644 1.572   1.00 0.87 ? 55 ASP A HB2  1 
ATOM 858  H HB3  . ASP A 1 55 ? -10.898 -10.927 1.656   1.00 0.99 ? 55 ASP A HB3  1 
ATOM 859  N N    . GLY A 1 56 ? -7.257  -10.073 1.404   1.00 0.20 ? 56 GLY A N    1 
ATOM 860  C CA   . GLY A 1 56 ? -5.897  -10.486 1.684   1.00 0.19 ? 56 GLY A CA   1 
ATOM 861  C C    . GLY A 1 56 ? -5.497  -10.279 3.126   1.00 0.15 ? 56 GLY A C    1 
ATOM 862  O O    . GLY A 1 56 ? -6.168  -9.572  3.867   1.00 0.15 ? 56 GLY A O    1 
ATOM 863  H H    . GLY A 1 56 ? -7.571  -9.191  1.692   1.00 0.22 ? 56 GLY A H    1 
ATOM 864  H HA2  . GLY A 1 56 ? -5.803  -11.534 1.447   1.00 0.21 ? 56 GLY A HA2  1 
ATOM 865  H HA3  . GLY A 1 56 ? -5.225  -9.925  1.053   1.00 0.22 ? 56 GLY A HA3  1 
ATOM 866  N N    . VAL A 1 57 ? -4.402  -10.905 3.531   1.00 0.16 ? 57 VAL A N    1 
ATOM 867  C CA   . VAL A 1 57 ? -3.924  -10.791 4.904   1.00 0.15 ? 57 VAL A CA   1 
ATOM 868  C C    . VAL A 1 57 ? -2.728  -9.849  5.018   1.00 0.13 ? 57 VAL A C    1 
ATOM 869  O O    . VAL A 1 57 ? -1.683  -10.080 4.415   1.00 0.16 ? 57 VAL A O    1 
ATOM 870  C CB   . VAL A 1 57 ? -3.528  -12.166 5.473   1.00 0.20 ? 57 VAL A CB   1 
ATOM 871  C CG1  . VAL A 1 57 ? -3.180  -12.059 6.938   1.00 0.32 ? 57 VAL A CG1  1 
ATOM 872  C CG2  . VAL A 1 57 ? -4.638  -13.171 5.261   1.00 0.27 ? 57 VAL A CG2  1 
ATOM 873  H H    . VAL A 1 57 ? -3.907  -11.463 2.892   1.00 0.20 ? 57 VAL A H    1 
ATOM 874  H HA   . VAL A 1 57 ? -4.731  -10.401 5.502   1.00 0.14 ? 57 VAL A HA   1 
ATOM 875  H HB   . VAL A 1 57 ? -2.660  -12.514 4.950   1.00 0.25 ? 57 VAL A HB   1 
ATOM 876  H HG11 . VAL A 1 57 ? -2.940  -12.169 7.264   1.00 1.08 ? 57 VAL A HG11 1 
ATOM 877  H HG12 . VAL A 1 57 ? -3.291  -12.104 7.328   1.00 1.05 ? 57 VAL A HG12 1 
ATOM 878  H HG13 . VAL A 1 57 ? -3.060  -11.825 7.263   1.00 1.03 ? 57 VAL A HG13 1 
ATOM 879  H HG21 . VAL A 1 57 ? -5.006  -13.326 5.387   1.00 1.03 ? 57 VAL A HG21 1 
ATOM 880  H HG22 . VAL A 1 57 ? -4.751  -13.572 5.240   1.00 1.07 ? 57 VAL A HG22 1 
ATOM 881  H HG23 . VAL A 1 57 ? -4.943  -13.330 5.008   1.00 1.00 ? 57 VAL A HG23 1 
ATOM 882  N N    . ILE A 1 58 ? -2.887  -8.798  5.820   1.00 0.11 ? 58 ILE A N    1 
ATOM 883  C CA   . ILE A 1 58 ? -1.819  -7.826  6.045   1.00 0.11 ? 58 ILE A CA   1 
ATOM 884  C C    . ILE A 1 58 ? -1.119  -8.132  7.358   1.00 0.13 ? 58 ILE A C    1 
ATOM 885  O O    . ILE A 1 58 ? -1.767  -8.270  8.399   1.00 0.17 ? 58 ILE A O    1 
ATOM 886  C CB   . ILE A 1 58 ? -2.365  -6.389  6.067   1.00 0.14 ? 58 ILE A CB   1 
ATOM 887  C CG1  . ILE A 1 58 ? -3.303  -6.178  4.886   1.00 0.20 ? 58 ILE A CG1  1 
ATOM 888  C CG2  . ILE A 1 58 ? -1.230  -5.380  6.029   1.00 0.18 ? 58 ILE A CG2  1 
ATOM 889  C CD1  . ILE A 1 58 ? -4.051  -4.883  4.917   1.00 0.19 ? 58 ILE A CD1  1 
ATOM 890  H H    . ILE A 1 58 ? -3.740  -8.683  6.286   1.00 0.11 ? 58 ILE A H    1 
ATOM 891  H HA   . ILE A 1 58 ? -1.109  -7.913  5.236   1.00 0.13 ? 58 ILE A HA   1 
ATOM 892  H HB   . ILE A 1 58 ? -2.911  -6.244  6.984   1.00 0.15 ? 58 ILE A HB   1 
ATOM 893  H HG12 . ILE A 1 58 ? -2.737  -6.199  3.987   1.00 0.32 ? 58 ILE A HG12 1 
ATOM 894  H HG13 . ILE A 1 58 ? -4.018  -6.964  4.865   1.00 0.33 ? 58 ILE A HG13 1 
ATOM 895  H HG21 . ILE A 1 58 ? -1.071  -5.034  6.086   1.00 1.05 ? 58 ILE A HG21 1 
ATOM 896  H HG22 . ILE A 1 58 ? -0.954  -5.155  5.853   1.00 1.05 ? 58 ILE A HG22 1 
ATOM 897  H HG23 . ILE A 1 58 ? -0.862  -5.232  6.115   1.00 0.97 ? 58 ILE A HG23 1 
ATOM 898  H HD11 . ILE A 1 58 ? -4.422  -4.665  4.947   1.00 1.01 ? 58 ILE A HD11 1 
ATOM 899  H HD12 . ILE A 1 58 ? -4.146  -4.550  4.723   1.00 1.04 ? 58 ILE A HD12 1 
ATOM 900  H HD13 . ILE A 1 58 ? -4.115  -4.510  5.104   1.00 1.00 ? 58 ILE A HD13 1 
ATOM 901  N N    . LYS A 1 59 ? 0.201   -8.280  7.298   1.00 0.14 ? 59 LYS A N    1 
ATOM 902  C CA   . LYS A 1 59 ? 0.982   -8.634  8.480   1.00 0.18 ? 59 LYS A CA   1 
ATOM 903  C C    . LYS A 1 59 ? 1.660   -7.441  9.148   1.00 0.19 ? 59 LYS A C    1 
ATOM 904  O O    . LYS A 1 59 ? 1.751   -7.398  10.369  1.00 0.26 ? 59 LYS A O    1 
ATOM 905  C CB   . LYS A 1 59 ? 2.030   -9.679  8.108   1.00 0.25 ? 59 LYS A CB   1 
ATOM 906  C CG   . LYS A 1 59 ? 2.729   -10.236 9.092   1.00 0.79 ? 59 LYS A CG   1 
ATOM 907  C CD   . LYS A 1 59 ? 3.748   -11.150 8.757   1.00 0.98 ? 59 LYS A CD   1 
ATOM 908  C CE   . LYS A 1 59 ? 4.114   -11.897 9.378   1.00 1.59 ? 59 LYS A CE   1 
ATOM 909  N NZ   . LYS A 1 59 ? 4.478   -12.376 9.332   1.00 2.41 ? 59 LYS A NZ   1 
ATOM 910  H H    . LYS A 1 59 ? 0.654   -8.188  6.432   1.00 0.16 ? 59 LYS A H    1 
ATOM 911  H HA   . LYS A 1 59 ? 0.306   -9.076  9.188   1.00 0.22 ? 59 LYS A HA   1 
ATOM 912  H HB2  . LYS A 1 59 ? 1.651   -10.398 7.658   1.00 0.65 ? 59 LYS A HB2  1 
ATOM 913  H HB3  . LYS A 1 59 ? 2.674   -9.334  7.537   1.00 0.59 ? 59 LYS A HB3  1 
ATOM 914  H HG2  . LYS A 1 59 ? 3.053   -9.601  9.557   1.00 1.16 ? 59 LYS A HG2  1 
ATOM 915  H HG3  . LYS A 1 59 ? 2.171   -10.611 9.588   1.00 1.26 ? 59 LYS A HG3  1 
ATOM 916  H HD2  . LYS A 1 59 ? 3.643   -11.530 8.195   1.00 1.48 ? 59 LYS A HD2  1 
ATOM 917  H HD3  . LYS A 1 59 ? 4.329   -10.892 8.622   1.00 1.20 ? 59 LYS A HD3  1 
ATOM 918  H HE2  . LYS A 1 59 ? 4.155   -11.878 9.683   1.00 2.08 ? 59 LYS A HE2  1 
ATOM 919  H HE3  . LYS A 1 59 ? 4.065   -12.103 9.561   1.00 1.97 ? 59 LYS A HE3  1 
ATOM 920  H HZ1  . LYS A 1 59 ? 4.387   -12.462 9.170   1.00 2.95 ? 59 LYS A HZ1  1 
ATOM 921  H HZ2  . LYS A 1 59 ? 4.539   -12.499 9.468   1.00 2.70 ? 59 LYS A HZ2  1 
ATOM 922  H HZ3  . LYS A 1 59 ? 4.772   -12.513 9.326   1.00 2.84 ? 59 LYS A HZ3  1 
ATOM 923  N N    . LYS A 1 60 ? 2.155   -6.488  8.377   1.00 0.21 ? 60 LYS A N    1 
ATOM 924  C CA   . LYS A 1 60 ? 2.830   -5.342  8.976   1.00 0.28 ? 60 LYS A CA   1 
ATOM 925  C C    . LYS A 1 60 ? 2.665   -4.059  8.172   1.00 0.22 ? 60 LYS A C    1 
ATOM 926  O O    . LYS A 1 60 ? 2.658   -4.071  6.949   1.00 0.24 ? 60 LYS A O    1 
ATOM 927  C CB   . LYS A 1 60 ? 4.313   -5.649  9.173   1.00 0.39 ? 60 LYS A CB   1 
ATOM 928  C CG   . LYS A 1 60 ? 5.109   -5.746  8.136   1.00 0.79 ? 60 LYS A CG   1 
ATOM 929  C CD   . LYS A 1 60 ? 4.843   -6.516  6.953   1.00 0.64 ? 60 LYS A CD   1 
ATOM 930  C CE   . LYS A 1 60 ? 5.421   -7.680  6.964   1.00 1.07 ? 60 LYS A CE   1 
ATOM 931  N NZ   . LYS A 1 60 ? 6.658   -7.717  7.131   1.00 1.50 ? 60 LYS A NZ   1 
ATOM 932  H H    . LYS A 1 60 ? 2.079   -6.560  7.407   1.00 0.24 ? 60 LYS A H    1 
ATOM 933  H HA   . LYS A 1 60 ? 2.390   -5.186  9.942   1.00 0.34 ? 60 LYS A HA   1 
ATOM 934  H HB2  . LYS A 1 60 ? 4.686   -5.017  9.680   1.00 0.88 ? 60 LYS A HB2  1 
ATOM 935  H HB3  . LYS A 1 60 ? 4.463   -6.440  9.603   1.00 0.65 ? 60 LYS A HB3  1 
ATOM 936  H HG2  . LYS A 1 60 ? 5.205   -4.989  7.948   1.00 1.37 ? 60 LYS A HG2  1 
ATOM 937  H HG3  . LYS A 1 60 ? 5.790   -6.012  8.432   1.00 1.25 ? 60 LYS A HG3  1 
ATOM 938  H HD2  . LYS A 1 60 ? 3.946   -6.635  6.820   1.00 0.80 ? 60 LYS A HD2  1 
ATOM 939  H HD3  . LYS A 1 60 ? 5.128   -6.108  6.217   1.00 0.91 ? 60 LYS A HD3  1 
ATOM 940  H HE2  . LYS A 1 60 ? 5.126   -8.073  7.625   1.00 1.47 ? 60 LYS A HE2  1 
ATOM 941  H HE3  . LYS A 1 60 ? 5.213   -8.113  6.187   1.00 1.26 ? 60 LYS A HE3  1 
ATOM 942  H HZ1  . LYS A 1 60 ? 6.737   -7.799  7.305   1.00 2.12 ? 60 LYS A HZ1  1 
ATOM 943  H HZ2  . LYS A 1 60 ? 7.045   -7.520  7.095   1.00 1.79 ? 60 LYS A HZ2  1 
ATOM 944  H HZ3  . LYS A 1 60 ? 7.080   -7.857  7.111   1.00 1.77 ? 60 LYS A HZ3  1 
ATOM 945  N N    . LEU A 1 61 ? 2.557   -2.951  8.892   1.00 0.24 ? 61 LEU A N    1 
ATOM 946  C CA   . LEU A 1 61 ? 2.417   -1.633  8.294   1.00 0.24 ? 61 LEU A CA   1 
ATOM 947  C C    . LEU A 1 61 ? 3.348   -0.656  8.996   1.00 0.29 ? 61 LEU A C    1 
ATOM 948  O O    . LEU A 1 61 ? 3.296   -0.494  10.179  1.00 0.55 ? 61 LEU A O    1 
ATOM 949  C CB   . LEU A 1 61 ? 0.975   -1.153  8.390   1.00 0.29 ? 61 LEU A CB   1 
ATOM 950  C CG   . LEU A 1 61 ? -0.024  -1.888  7.519   1.00 0.29 ? 61 LEU A CG   1 
ATOM 951  C CD1  . LEU A 1 61 ? -1.219  -2.048  8.148   1.00 0.84 ? 61 LEU A CD1  1 
ATOM 952  C CD2  . LEU A 1 61 ? -0.245  -1.270  6.319   1.00 0.61 ? 61 LEU A CD2  1 
ATOM 953  H H    . LEU A 1 61 ? 2.590   -3.023  9.864   1.00 0.29 ? 61 LEU A H    1 
ATOM 954  H HA   . LEU A 1 61 ? 2.699   -1.705  7.259   1.00 0.24 ? 61 LEU A HA   1 
ATOM 955  H HB2  . LEU A 1 61 ? 0.655   -1.246  9.401   1.00 0.37 ? 61 LEU A HB2  1 
ATOM 956  H HB3  . LEU A 1 61 ? 0.954   -0.124  8.123   1.00 0.42 ? 61 LEU A HB3  1 
ATOM 957  H HG   . LEU A 1 61 ? 0.283   -2.782  7.289   1.00 0.56 ? 61 LEU A HG   1 
ATOM 958  H HD11 . LEU A 1 61 ? -1.603  -1.786  8.129   1.00 1.42 ? 61 LEU A HD11 1 
ATOM 959  H HD12 . LEU A 1 61 ? -1.375  -2.049  8.640   1.00 1.33 ? 61 LEU A HD12 1 
ATOM 960  H HD13 . LEU A 1 61 ? -1.531  -2.423  8.123   1.00 1.38 ? 61 LEU A HD13 1 
ATOM 961  H HD21 . LEU A 1 61 ? -0.561  -1.206  6.034   1.00 1.19 ? 61 LEU A HD21 1 
ATOM 962  H HD22 . LEU A 1 61 ? -0.133  -1.306  6.007   1.00 1.35 ? 61 LEU A HD22 1 
ATOM 963  H HD23 . LEU A 1 61 ? -0.197  -0.858  6.068   1.00 1.18 ? 61 LEU A HD23 1 
ATOM 964  N N    . TYR A 1 62 ? 4.221   -0.028  8.273   1.00 0.26 ? 62 TYR A N    1 
ATOM 965  C CA   . TYR A 1 62 ? 5.183   0.900   8.849   1.00 0.35 ? 62 TYR A CA   1 
ATOM 966  C C    . TYR A 1 62 ? 4.765   2.358   8.695   1.00 0.30 ? 62 TYR A C    1 
ATOM 967  O O    . TYR A 1 62 ? 4.925   3.155   9.611   1.00 0.38 ? 62 TYR A O    1 
ATOM 968  C CB   . TYR A 1 62 ? 6.546   0.693   8.210   1.00 0.46 ? 62 TYR A CB   1 
ATOM 969  C CG   . TYR A 1 62 ? 7.682   1.114   9.044   1.00 0.65 ? 62 TYR A CG   1 
ATOM 970  C CD1  . TYR A 1 62 ? 8.204   0.409   9.924   1.00 0.95 ? 62 TYR A CD1  1 
ATOM 971  C CD2  . TYR A 1 62 ? 8.233   2.217   8.951   1.00 1.03 ? 62 TYR A CD2  1 
ATOM 972  C CE1  . TYR A 1 62 ? 9.242   0.792   10.689  1.00 1.19 ? 62 TYR A CE1  1 
ATOM 973  C CE2  . TYR A 1 62 ? 9.272   2.606   9.711   1.00 1.26 ? 62 TYR A CE2  1 
ATOM 974  C CZ   . TYR A 1 62 ? 9.773   1.888   10.579  1.00 1.21 ? 62 TYR A CZ   1 
ATOM 975  O OH   . TYR A 1 62 ? 10.806  2.274   11.339  1.00 1.51 ? 62 TYR A OH   1 
ATOM 976  H H    . TYR A 1 62 ? 4.234   -0.210  7.338   1.00 0.39 ? 62 TYR A H    1 
ATOM 977  H HA   . TYR A 1 62 ? 5.260   0.675   9.895   1.00 0.42 ? 62 TYR A HA   1 
ATOM 978  H HB2  . TYR A 1 62 ? 6.674   -0.328  7.997   1.00 0.57 ? 62 TYR A HB2  1 
ATOM 979  H HB3  . TYR A 1 62 ? 6.602   1.239   7.315   1.00 0.48 ? 62 TYR A HB3  1 
ATOM 980  H HD1  . TYR A 1 62 ? 7.788   -0.451  10.008  1.00 1.23 ? 62 TYR A HD1  1 
ATOM 981  H HD2  . TYR A 1 62 ? 7.838   2.776   8.270   1.00 1.32 ? 62 TYR A HD2  1 
ATOM 982  H HE1  . TYR A 1 62 ? 9.634   0.230   11.369  1.00 1.55 ? 62 TYR A HE1  1 
ATOM 983  H HE2  . TYR A 1 62 ? 9.686   3.466   9.625   1.00 1.65 ? 62 TYR A HE2  1 
ATOM 984  H HH   . TYR A 1 62 ? 11.096  2.233   11.403  1.00 2.07 ? 62 TYR A HH   1 
ATOM 985  N N    . TYR A 1 63 ? 4.250   2.714   7.533   1.00 0.22 ? 63 TYR A N    1 
ATOM 986  C CA   . TYR A 1 63 ? 3.842   4.089   7.276   1.00 0.21 ? 63 TYR A CA   1 
ATOM 987  C C    . TYR A 1 63 ? 2.373   4.318   7.613   1.00 0.19 ? 63 TYR A C    1 
ATOM 988  O O    . TYR A 1 63 ? 1.522   3.492   7.316   1.00 0.23 ? 63 TYR A O    1 
ATOM 989  C CB   . TYR A 1 63 ? 4.109   4.452   5.821   1.00 0.28 ? 63 TYR A CB   1 
ATOM 990  C CG   . TYR A 1 63 ? 5.549   4.290   5.416   1.00 0.33 ? 63 TYR A CG   1 
ATOM 991  C CD1  . TYR A 1 63 ? 6.480   4.939   5.843   1.00 0.75 ? 63 TYR A CD1  1 
ATOM 992  C CD2  . TYR A 1 63 ? 5.976   3.487   4.608   1.00 0.79 ? 63 TYR A CD2  1 
ATOM 993  C CE1  . TYR A 1 63 ? 7.796   4.793   5.477   1.00 0.82 ? 63 TYR A CE1  1 
ATOM 994  C CE2  . TYR A 1 63 ? 7.291   3.337   4.238   1.00 0.84 ? 63 TYR A CE2  1 
ATOM 995  C CZ   . TYR A 1 63 ? 8.197   3.989   4.679   1.00 0.55 ? 63 TYR A CZ   1 
ATOM 996  O OH   . TYR A 1 63 ? 9.506   3.843   4.308   1.00 0.68 ? 63 TYR A OH   1 
ATOM 997  H H    . TYR A 1 63 ? 4.157   2.044   6.831   1.00 0.24 ? 63 TYR A H    1 
ATOM 998  H HA   . TYR A 1 63 ? 4.439   4.727   7.905   1.00 0.23 ? 63 TYR A HA   1 
ATOM 999  H HB2  . TYR A 1 63 ? 3.517   3.824   5.186   1.00 0.33 ? 63 TYR A HB2  1 
ATOM 1000 H HB3  . TYR A 1 63 ? 3.833   5.475   5.657   1.00 0.34 ? 63 TYR A HB3  1 
ATOM 1001 H HD1  . TYR A 1 63 ? 6.164   5.566   6.472   1.00 1.22 ? 63 TYR A HD1  1 
ATOM 1002 H HD2  . TYR A 1 63 ? 5.265   2.977   4.267   1.00 1.27 ? 63 TYR A HD2  1 
ATOM 1003 H HE1  . TYR A 1 63 ? 8.505   5.305   5.820   1.00 1.30 ? 63 TYR A HE1  1 
ATOM 1004 H HE2  . TYR A 1 63 ? 7.603   2.708   3.608   1.00 1.33 ? 63 TYR A HE2  1 
ATOM 1005 H HH   . TYR A 1 63 ? 9.875   3.766   4.443   1.00 1.06 ? 63 TYR A HH   1 
ATOM 1006 N N    . ASN A 1 64 ? 2.088   5.453   8.233   1.00 0.23 ? 64 ASN A N    1 
ATOM 1007 C CA   . ASN A 1 64 ? 0.729   5.810   8.616   1.00 0.22 ? 64 ASN A CA   1 
ATOM 1008 C C    . ASN A 1 64 ? 0.263   7.066   7.896   1.00 0.20 ? 64 ASN A C    1 
ATOM 1009 O O    . ASN A 1 64 ? 0.938   7.580   7.006   1.00 0.20 ? 64 ASN A O    1 
ATOM 1010 C CB   . ASN A 1 64 ? 0.640   6.042   10.123  1.00 0.25 ? 64 ASN A CB   1 
ATOM 1011 C CG   . ASN A 1 64 ? 1.026   4.821   10.922  1.00 0.34 ? 64 ASN A CG   1 
ATOM 1012 O OD1  . ASN A 1 64 ? 1.986   4.388   10.963  1.00 0.78 ? 64 ASN A OD1  1 
ATOM 1013 N ND2  . ASN A 1 64 ? 0.277   4.259   11.564  1.00 0.74 ? 64 ASN A ND2  1 
ATOM 1014 H H    . ASN A 1 64 ? 2.812   6.065   8.440   1.00 0.31 ? 64 ASN A H    1 
ATOM 1015 H HA   . ASN A 1 64 ? 0.082   4.990   8.350   1.00 0.24 ? 64 ASN A HA   1 
ATOM 1016 H HB2  . ASN A 1 64 ? 1.301   6.848   10.390  1.00 0.26 ? 64 ASN A HB2  1 
ATOM 1017 H HB3  . ASN A 1 64 ? -0.373  6.315   10.381  1.00 0.27 ? 64 ASN A HB3  1 
ATOM 1018 H HD21 . ASN A 1 64 ? -0.472  4.658   11.487  1.00 1.16 ? 64 ASN A HD21 1 
ATOM 1019 H HD22 . ASN A 1 64 ? 0.503   3.468   12.089  1.00 0.77 ? 64 ASN A HD22 1 
ATOM 1020 N N    . LEU A 1 65 ? -0.904  7.545   8.298   1.00 0.22 ? 65 LEU A N    1 
ATOM 1021 C CA   . LEU A 1 65 ? -1.508  8.730   7.725   1.00 0.22 ? 65 LEU A CA   1 
ATOM 1022 C C    . LEU A 1 65 ? -0.580  9.942   7.786   1.00 0.23 ? 65 LEU A C    1 
ATOM 1023 O O    . LEU A 1 65 ? -0.757  10.902  7.041   1.00 0.26 ? 65 LEU A O    1 
ATOM 1024 C CB   . LEU A 1 65 ? -2.794  9.037   8.484   1.00 0.25 ? 65 LEU A CB   1 
ATOM 1025 C CG   . LEU A 1 65 ? -3.982  8.157   8.127   1.00 0.28 ? 65 LEU A CG   1 
ATOM 1026 C CD1  . LEU A 1 65 ? -4.472  7.450   9.317   1.00 0.53 ? 65 LEU A CD1  1 
ATOM 1027 C CD2  . LEU A 1 65 ? -5.058  8.958   7.526   1.00 0.53 ? 65 LEU A CD2  1 
ATOM 1028 H H    . LEU A 1 65 ? -1.386  7.076   9.005   1.00 0.24 ? 65 LEU A H    1 
ATOM 1029 H HA   . LEU A 1 65 ? -1.751  8.520   6.699   1.00 0.22 ? 65 LEU A HA   1 
ATOM 1030 H HB2  . LEU A 1 65 ? -2.600  8.926   9.534   1.00 0.28 ? 65 LEU A HB2  1 
ATOM 1031 H HB3  . LEU A 1 65 ? -3.061  10.053  8.298   1.00 0.30 ? 65 LEU A HB3  1 
ATOM 1032 H HG   . LEU A 1 65 ? -3.700  7.424   7.419   1.00 0.27 ? 65 LEU A HG   1 
ATOM 1033 H HD11 . LEU A 1 65 ? -4.555  7.370   9.723   1.00 1.08 ? 65 LEU A HD11 1 
ATOM 1034 H HD12 . LEU A 1 65 ? -4.504  7.166   9.581   1.00 1.16 ? 65 LEU A HD12 1 
ATOM 1035 H HD13 . LEU A 1 65 ? -4.706  7.309   9.494   1.00 1.29 ? 65 LEU A HD13 1 
ATOM 1036 H HD21 . LEU A 1 65 ? -5.272  8.990   7.318   1.00 1.35 ? 65 LEU A HD21 1 
ATOM 1037 H HD22 . LEU A 1 65 ? -5.217  9.273   7.352   1.00 1.14 ? 65 LEU A HD22 1 
ATOM 1038 H HD23 . LEU A 1 65 ? -5.451  9.179   7.481   1.00 1.02 ? 65 LEU A HD23 1 
ATOM 1039 N N    . ASP A 1 66 ? 0.392   9.910   8.689   1.00 0.24 ? 66 ASP A N    1 
ATOM 1040 C CA   . ASP A 1 66 ? 1.315   11.030  8.847   1.00 0.27 ? 66 ASP A CA   1 
ATOM 1041 C C    . ASP A 1 66 ? 2.686   10.746  8.241   1.00 0.26 ? 66 ASP A C    1 
ATOM 1042 O O    . ASP A 1 66 ? 3.408   11.670  7.872   1.00 0.28 ? 66 ASP A O    1 
ATOM 1043 C CB   . ASP A 1 66 ? 1.468   11.372  10.329  1.00 0.32 ? 66 ASP A CB   1 
ATOM 1044 C CG   . ASP A 1 66 ? 1.207   12.575  10.679  1.00 0.82 ? 66 ASP A CG   1 
ATOM 1045 O OD1  . ASP A 1 66 ? 0.453   12.858  10.733  1.00 1.45 ? 66 ASP A OD1  1 
ATOM 1046 O OD2  . ASP A 1 66 ? 1.755   13.236  10.900  1.00 1.38 ? 66 ASP A OD2  1 
ATOM 1047 H H    . ASP A 1 66 ? 0.479   9.130   9.272   1.00 0.24 ? 66 ASP A H    1 
ATOM 1048 H HA   . ASP A 1 66 ? 0.886   11.880  8.341   1.00 0.27 ? 66 ASP A HA   1 
ATOM 1049 H HB2  . ASP A 1 66 ? 0.939   10.876  10.864  1.00 0.65 ? 66 ASP A HB2  1 
ATOM 1050 H HB3  . ASP A 1 66 ? 2.305   11.237  10.633  1.00 0.76 ? 66 ASP A HB3  1 
ATOM 1051 N N    . ASP A 1 67 ? 3.054   9.474   8.158   1.00 0.24 ? 67 ASP A N    1 
ATOM 1052 C CA   . ASP A 1 67 ? 4.355   9.100   7.616   1.00 0.25 ? 67 ASP A CA   1 
ATOM 1053 C C    . ASP A 1 67 ? 4.396   9.193   6.094   1.00 0.22 ? 67 ASP A C    1 
ATOM 1054 O O    . ASP A 1 67 ? 3.377   9.028   5.411   1.00 0.22 ? 67 ASP A O    1 
ATOM 1055 C CB   . ASP A 1 67 ? 4.733   7.688   8.056   1.00 0.28 ? 67 ASP A CB   1 
ATOM 1056 C CG   . ASP A 1 67 ? 5.010   7.523   9.284   1.00 0.87 ? 67 ASP A CG   1 
ATOM 1057 O OD1  . ASP A 1 67 ? 5.047   8.166   9.902   1.00 1.40 ? 67 ASP A OD1  1 
ATOM 1058 O OD2  . ASP A 1 67 ? 5.190   6.753   9.627   1.00 1.48 ? 67 ASP A OD2  1 
ATOM 1059 H H    . ASP A 1 67 ? 2.448   8.775   8.480   1.00 0.23 ? 67 ASP A H    1 
ATOM 1060 H HA   . ASP A 1 67 ? 5.082   9.788   8.016   1.00 0.28 ? 67 ASP A HA   1 
ATOM 1061 H HB2  . ASP A 1 67 ? 4.088   7.094   7.900   1.00 0.72 ? 67 ASP A HB2  1 
ATOM 1062 H HB3  . ASP A 1 67 ? 5.457   7.358   7.634   1.00 0.62 ? 67 ASP A HB3  1 
ATOM 1063 N N    . ILE A 1 68 ? 5.594   9.452   5.577   1.00 0.23 ? 68 ILE A N    1 
ATOM 1064 C CA   . ILE A 1 68 ? 5.825   9.568   4.142   1.00 0.22 ? 68 ILE A CA   1 
ATOM 1065 C C    . ILE A 1 68 ? 6.544   8.344   3.619   1.00 0.26 ? 68 ILE A C    1 
ATOM 1066 O O    . ILE A 1 68 ? 7.452   7.822   4.261   1.00 0.31 ? 68 ILE A O    1 
ATOM 1067 C CB   . ILE A 1 68 ? 6.678   10.800  3.782   1.00 0.25 ? 68 ILE A CB   1 
ATOM 1068 C CG1  . ILE A 1 68 ? 6.376   11.969  4.692   1.00 0.38 ? 68 ILE A CG1  1 
ATOM 1069 C CG2  . ILE A 1 68 ? 6.472   11.173  2.346   1.00 0.36 ? 68 ILE A CG2  1 
ATOM 1070 C CD1  . ILE A 1 68 ? 5.172   12.666  4.405   1.00 0.70 ? 68 ILE A CD1  1 
ATOM 1071 H H    . ILE A 1 68 ? 6.352   9.564   6.186   1.00 0.27 ? 68 ILE A H    1 
ATOM 1072 H HA   . ILE A 1 68 ? 4.873   9.651   3.643   1.00 0.20 ? 68 ILE A HA   1 
ATOM 1073 H HB   . ILE A 1 68 ? 7.700   10.537  3.897   1.00 0.34 ? 68 ILE A HB   1 
ATOM 1074 H HG12 . ILE A 1 68 ? 6.303   11.616  5.629   1.00 0.69 ? 68 ILE A HG12 1 
ATOM 1075 H HG13 . ILE A 1 68 ? 7.119   12.684  4.664   1.00 0.38 ? 68 ILE A HG13 1 
ATOM 1076 H HG21 . ILE A 1 68 ? 6.695   11.325  2.013   1.00 1.12 ? 68 ILE A HG21 1 
ATOM 1077 H HG22 . ILE A 1 68 ? 6.244   11.451  2.083   1.00 1.07 ? 68 ILE A HG22 1 
ATOM 1078 H HG23 . ILE A 1 68 ? 6.334   11.002  1.921   1.00 1.00 ? 68 ILE A HG23 1 
ATOM 1079 H HD11 . ILE A 1 68 ? 4.664   12.389  4.342   1.00 1.23 ? 68 ILE A HD11 1 
ATOM 1080 H HD12 . ILE A 1 68 ? 5.077   12.985  3.914   1.00 1.21 ? 68 ILE A HD12 1 
ATOM 1081 H HD13 . ILE A 1 68 ? 4.916   13.118  4.752   1.00 1.15 ? 68 ILE A HD13 1 
ATOM 1082 N N    . ALA A 1 69 ? 6.147   7.902   2.444   1.00 0.26 ? 69 ALA A N    1 
ATOM 1083 C CA   . ALA A 1 69 ? 6.766   6.752   1.826   1.00 0.31 ? 69 ALA A CA   1 
ATOM 1084 C C    . ALA A 1 69 ? 7.620   7.177   0.644   1.00 0.32 ? 69 ALA A C    1 
ATOM 1085 O O    . ALA A 1 69 ? 7.333   8.186   -0.011  1.00 0.29 ? 69 ALA A O    1 
ATOM 1086 C CB   . ALA A 1 69 ? 5.714   5.751   1.401   1.00 0.33 ? 69 ALA A CB   1 
ATOM 1087 H H    . ALA A 1 69 ? 5.427   8.368   1.975   1.00 0.24 ? 69 ALA A H    1 
ATOM 1088 H HA   . ALA A 1 69 ? 7.398   6.282   2.560   1.00 0.39 ? 69 ALA A HA   1 
ATOM 1089 H HB1  . ALA A 1 69 ? 5.507   5.563   1.121   1.00 1.07 ? 69 ALA A HB1  1 
ATOM 1090 H HB2  . ALA A 1 69 ? 5.340   5.621   1.402   1.00 1.06 ? 69 ALA A HB2  1 
ATOM 1091 H HB3  . ALA A 1 69 ? 5.548   5.361   1.381   1.00 1.04 ? 69 ALA A HB3  1 
ATOM 1092 N N    . TYR A 1 70 ? 8.665   6.402   0.382   1.00 0.40 ? 70 TYR A N    1 
ATOM 1093 C CA   . TYR A 1 70 ? 9.576   6.681   -0.717  1.00 0.46 ? 70 TYR A CA   1 
ATOM 1094 C C    . TYR A 1 70 ? 9.523   5.583   -1.756  1.00 0.45 ? 70 TYR A C    1 
ATOM 1095 O O    . TYR A 1 70 ? 9.350   4.433   -1.428  1.00 0.49 ? 70 TYR A O    1 
ATOM 1096 C CB   . TYR A 1 70 ? 10.995  6.829   -0.211  1.00 0.61 ? 70 TYR A CB   1 
ATOM 1097 C CG   . TYR A 1 70 ? 11.437  6.903   0.671   1.00 1.17 ? 70 TYR A CG   1 
ATOM 1098 C CD1  . TYR A 1 70 ? 11.329  7.620   1.188   1.00 1.89 ? 70 TYR A CD1  1 
ATOM 1099 C CD2  . TYR A 1 70 ? 11.962  6.254   0.987   1.00 1.90 ? 70 TYR A CD2  1 
ATOM 1100 C CE1  . TYR A 1 70 ? 11.733  7.689   1.995   1.00 2.81 ? 70 TYR A CE1  1 
ATOM 1101 C CE2  . TYR A 1 70 ? 12.368  6.318   1.793   1.00 2.82 ? 70 TYR A CE2  1 
ATOM 1102 C CZ   . TYR A 1 70 ? 12.252  7.036   2.293   1.00 3.17 ? 70 TYR A CZ   1 
ATOM 1103 O OH   . TYR A 1 70 ? 12.655  7.102   3.095   1.00 4.20 ? 70 TYR A OH   1 
ATOM 1104 H H    . TYR A 1 70 ? 8.828   5.622   0.945   1.00 0.44 ? 70 TYR A H    1 
ATOM 1105 H HA   . TYR A 1 70 ? 9.271   7.596   -1.170  1.00 0.51 ? 70 TYR A HA   1 
ATOM 1106 H HB2  . TYR A 1 70 ? 11.402  6.425   -0.339  1.00 1.30 ? 70 TYR A HB2  1 
ATOM 1107 H HB3  . TYR A 1 70 ? 11.338  7.290   -0.367  1.00 1.04 ? 70 TYR A HB3  1 
ATOM 1108 H HD1  . TYR A 1 70 ? 10.923  8.131   0.953   1.00 2.07 ? 70 TYR A HD1  1 
ATOM 1109 H HD2  . TYR A 1 70 ? 12.053  5.693   0.594   1.00 2.10 ? 70 TYR A HD2  1 
ATOM 1110 H HE1  . TYR A 1 70 ? 11.641  8.251   2.387   1.00 3.47 ? 70 TYR A HE1  1 
ATOM 1111 H HE2  . TYR A 1 70 ? 12.773  5.806   2.026   1.00 3.48 ? 70 TYR A HE2  1 
ATOM 1112 H HH   . TYR A 1 70 ? 12.591  7.142   3.413   1.00 4.47 ? 70 TYR A HH   1 
ATOM 1113 N N    . VAL A 1 71 ? 9.670   5.945   -3.007  1.00 0.53 ? 71 VAL A N    1 
ATOM 1114 C CA   . VAL A 1 71 ? 9.634   4.992   -4.093  1.00 0.60 ? 71 VAL A CA   1 
ATOM 1115 C C    . VAL A 1 71 ? 10.912  4.191   -4.174  1.00 0.63 ? 71 VAL A C    1 
ATOM 1116 O O    . VAL A 1 71 ? 11.993  4.736   -4.071  1.00 0.66 ? 71 VAL A O    1 
ATOM 1117 C CB   . VAL A 1 71 ? 9.413   5.678   -5.438  1.00 0.74 ? 71 VAL A CB   1 
ATOM 1118 C CG1  . VAL A 1 71 ? 9.365   5.101   -6.374  1.00 1.11 ? 71 VAL A CG1  1 
ATOM 1119 C CG2  . VAL A 1 71 ? 8.536   6.294   -5.577  1.00 1.36 ? 71 VAL A CG2  1 
ATOM 1120 H H    . VAL A 1 71 ? 9.802   6.878   -3.206  1.00 0.62 ? 71 VAL A H    1 
ATOM 1121 H HA   . VAL A 1 71 ? 8.817   4.327   -3.912  1.00 0.63 ? 71 VAL A HA   1 
ATOM 1122 H HB   . VAL A 1 71 ? 9.950   6.159   -5.629  1.00 1.23 ? 71 VAL A HB   1 
ATOM 1123 H HG11 . VAL A 1 71 ? 9.203   5.002   -6.607  1.00 1.64 ? 71 VAL A HG11 1 
ATOM 1124 H HG12 . VAL A 1 71 ? 9.370   4.815   -6.321  1.00 1.82 ? 71 VAL A HG12 1 
ATOM 1125 H HG13 . VAL A 1 71 ? 9.488   5.075   -6.858  1.00 1.42 ? 71 VAL A HG13 1 
ATOM 1126 H HG21 . VAL A 1 71 ? 8.261   6.362   -5.470  1.00 1.86 ? 71 VAL A HG21 1 
ATOM 1127 H HG22 . VAL A 1 71 ? 8.368   6.412   -5.721  1.00 1.90 ? 71 VAL A HG22 1 
ATOM 1128 H HG23 . VAL A 1 71 ? 8.355   6.548   -5.642  1.00 1.86 ? 71 VAL A HG23 1 
ATOM 1129 N N    . GLY A 1 72 ? 10.779  2.895   -4.367  1.00 0.70 ? 72 GLY A N    1 
ATOM 1130 C CA   . GLY A 1 72 ? 11.931  2.043   -4.469  1.00 0.80 ? 72 GLY A CA   1 
ATOM 1131 C C    . GLY A 1 72 ? 12.013  0.989   -3.395  1.00 0.72 ? 72 GLY A C    1 
ATOM 1132 O O    . GLY A 1 72 ? 12.903  0.163   -3.409  1.00 0.83 ? 72 GLY A O    1 
ATOM 1133 H H    . GLY A 1 72 ? 9.893   2.517   -4.448  1.00 0.74 ? 72 GLY A H    1 
ATOM 1134 H HA2  . GLY A 1 72 ? 11.909  1.561   -5.410  1.00 0.93 ? 72 GLY A HA2  1 
ATOM 1135 H HA3  . GLY A 1 72 ? 12.799  2.650   -4.419  1.00 0.89 ? 72 GLY A HA3  1 
ATOM 1136 N N    . LYS A 1 73 ? 11.093  1.007   -2.462  1.00 0.61 ? 73 LYS A N    1 
ATOM 1137 C CA   . LYS A 1 73 ? 11.090  0.034   -1.388  1.00 0.57 ? 73 LYS A CA   1 
ATOM 1138 C C    . LYS A 1 73 ? 9.682   -0.249  -0.889  1.00 0.44 ? 73 LYS A C    1 
ATOM 1139 O O    . LYS A 1 73 ? 8.923   0.667   -0.623  1.00 0.44 ? 73 LYS A O    1 
ATOM 1140 C CB   . LYS A 1 73 ? 11.940  0.528   -0.237  1.00 0.71 ? 73 LYS A CB   1 
ATOM 1141 C CG   . LYS A 1 73 ? 12.777  0.091   0.217   1.00 1.16 ? 73 LYS A CG   1 
ATOM 1142 C CD   . LYS A 1 73 ? 13.334  -0.222  0.933   1.00 1.70 ? 73 LYS A CD   1 
ATOM 1143 C CE   . LYS A 1 73 ? 13.561  -1.044  1.671   1.00 1.85 ? 73 LYS A CE   1 
ATOM 1144 N NZ   . LYS A 1 73 ? 14.052  -1.308  2.229   1.00 2.52 ? 73 LYS A NZ   1 
ATOM 1145 H H    . LYS A 1 73 ? 10.405  1.685   -2.495  1.00 0.60 ? 73 LYS A H    1 
ATOM 1146 H HA   . LYS A 1 73 ? 11.516  -0.866  -1.774  1.00 0.60 ? 73 LYS A HA   1 
ATOM 1147 H HB2  . LYS A 1 73 ? 12.244  1.113   -0.314  1.00 1.27 ? 73 LYS A HB2  1 
ATOM 1148 H HB3  . LYS A 1 73 ? 11.649  0.643   0.366   1.00 1.12 ? 73 LYS A HB3  1 
ATOM 1149 H HG2  . LYS A 1 73 ? 12.817  -0.057  0.079   1.00 1.67 ? 73 LYS A HG2  1 
ATOM 1150 H HG3  . LYS A 1 73 ? 12.941  0.151   0.162   1.00 1.89 ? 73 LYS A HG3  1 
ATOM 1151 H HD2  . LYS A 1 73 ? 13.645  -0.247  0.825   1.00 2.23 ? 73 LYS A HD2  1 
ATOM 1152 H HD3  . LYS A 1 73 ? 13.266  0.171   1.028   1.00 2.32 ? 73 LYS A HD3  1 
ATOM 1153 H HE2  . LYS A 1 73 ? 13.350  -1.147  1.847   1.00 2.15 ? 73 LYS A HE2  1 
ATOM 1154 H HE3  . LYS A 1 73 ? 13.567  -1.343  1.617   1.00 2.13 ? 73 LYS A HE3  1 
ATOM 1155 H HZ1  . LYS A 1 73 ? 14.225  -1.485  2.494   1.00 2.89 ? 73 LYS A HZ1  1 
ATOM 1156 H HZ2  . LYS A 1 73 ? 14.030  -1.235  2.325   1.00 2.89 ? 73 LYS A HZ2  1 
ATOM 1157 H HZ3  . LYS A 1 73 ? 14.251  -1.395  2.271   1.00 2.94 ? 73 LYS A HZ3  1 
ATOM 1158 N N    . PRO A 1 74 ? 9.316   -1.528  -0.745  1.00 0.41 ? 74 PRO A N    1 
ATOM 1159 C CA   . PRO A 1 74 ? 7.995   -1.919  -0.265  1.00 0.35 ? 74 PRO A CA   1 
ATOM 1160 C C    . PRO A 1 74 ? 7.698   -1.371  1.101   1.00 0.33 ? 74 PRO A C    1 
ATOM 1161 O O    . PRO A 1 74 ? 8.596   -1.082  1.845   1.00 0.53 ? 74 PRO A O    1 
ATOM 1162 C CB   . PRO A 1 74 ? 8.048   -3.424  -0.214  1.00 0.52 ? 74 PRO A CB   1 
ATOM 1163 C CG   . PRO A 1 74 ? 9.163   -3.801  -1.114  1.00 0.57 ? 74 PRO A CG   1 
ATOM 1164 C CD   . PRO A 1 74 ? 10.152  -2.691  -1.027  1.00 0.53 ? 74 PRO A CD   1 
ATOM 1165 H HA   . PRO A 1 74 ? 7.237   -1.614  -0.934  1.00 0.42 ? 74 PRO A HA   1 
ATOM 1166 H HB2  . PRO A 1 74 ? 8.224   -3.738  0.787   1.00 0.60 ? 74 PRO A HB2  1 
ATOM 1167 H HB3  . PRO A 1 74 ? 7.124   -3.822  -0.552  1.00 0.61 ? 74 PRO A HB3  1 
ATOM 1168 H HG2  . PRO A 1 74 ? 9.601   -4.719  -0.784  1.00 0.68 ? 74 PRO A HG2  1 
ATOM 1169 H HG3  . PRO A 1 74 ? 8.808   -3.898  -2.122  1.00 0.59 ? 74 PRO A HG3  1 
ATOM 1170 H HD2  . PRO A 1 74 ? 10.841  -2.867  -0.228  1.00 0.62 ? 74 PRO A HD2  1 
ATOM 1171 H HD3  . PRO A 1 74 ? 10.673  -2.576  -1.961  1.00 0.56 ? 74 PRO A HD3  1 
ATOM 1172 N N    . LEU A 1 75 ? 6.439   -1.223  1.426   1.00 0.30 ? 75 LEU A N    1 
ATOM 1173 C CA   . LEU A 1 75 ? 6.043   -0.703  2.705   1.00 0.46 ? 75 LEU A CA   1 
ATOM 1174 C C    . LEU A 1 75 ? 5.189   -1.682  3.498   1.00 0.37 ? 75 LEU A C    1 
ATOM 1175 O O    . LEU A 1 75 ? 5.272   -1.728  4.721   1.00 0.39 ? 75 LEU A O    1 
ATOM 1176 C CB   . LEU A 1 75 ? 5.309   0.584   2.527   1.00 0.72 ? 75 LEU A CB   1 
ATOM 1177 C CG   . LEU A 1 75 ? 4.146   0.907   2.395   1.00 0.59 ? 75 LEU A CG   1 
ATOM 1178 C CD1  . LEU A 1 75 ? 3.646   1.299   2.824   1.00 1.42 ? 75 LEU A CD1  1 
ATOM 1179 C CD2  . LEU A 1 75 ? 3.630   1.378   1.903   1.00 1.34 ? 75 LEU A CD2  1 
ATOM 1180 H H    . LEU A 1 75 ? 5.766   -1.464  0.793   1.00 0.35 ? 75 LEU A H    1 
ATOM 1181 H HA   . LEU A 1 75 ? 6.928   -0.511  3.243   1.00 0.59 ? 75 LEU A HA   1 
ATOM 1182 H HB2  . LEU A 1 75 ? 5.406   1.028   3.030   1.00 1.32 ? 75 LEU A HB2  1 
ATOM 1183 H HB3  . LEU A 1 75 ? 5.544   0.884   1.988   1.00 1.37 ? 75 LEU A HB3  1 
ATOM 1184 H HG   . LEU A 1 75 ? 4.029   0.507   2.345   1.00 1.42 ? 75 LEU A HG   1 
ATOM 1185 H HD11 . LEU A 1 75 ? 3.613   1.557   2.956   1.00 1.90 ? 75 LEU A HD11 1 
ATOM 1186 H HD12 . LEU A 1 75 ? 3.466   1.230   2.958   1.00 1.96 ? 75 LEU A HD12 1 
ATOM 1187 H HD13 . LEU A 1 75 ? 3.504   1.388   2.861   1.00 2.08 ? 75 LEU A HD13 1 
ATOM 1188 H HD21 . LEU A 1 75 ? 3.409   1.505   1.757   1.00 1.85 ? 75 LEU A HD21 1 
ATOM 1189 H HD22 . LEU A 1 75 ? 3.640   1.484   1.824   1.00 1.97 ? 75 LEU A HD22 1 
ATOM 1190 H HD23 . LEU A 1 75 ? 3.473   1.482   1.777   1.00 1.90 ? 75 LEU A HD23 1 
ATOM 1191 N N    . VAL A 1 76 ? 4.365   -2.461  2.809   1.00 0.31 ? 76 VAL A N    1 
ATOM 1192 C CA   . VAL A 1 76 ? 3.506   -3.424  3.489   1.00 0.26 ? 76 VAL A CA   1 
ATOM 1193 C C    . VAL A 1 76 ? 3.432   -4.752  2.746   1.00 0.23 ? 76 VAL A C    1 
ATOM 1194 O O    . VAL A 1 76 ? 3.483   -4.788  1.527   1.00 0.26 ? 76 VAL A O    1 
ATOM 1195 C CB   . VAL A 1 76 ? 2.080   -2.875  3.666   1.00 0.28 ? 76 VAL A CB   1 
ATOM 1196 C CG1  . VAL A 1 76 ? 1.459   -2.567  2.324   1.00 0.32 ? 76 VAL A CG1  1 
ATOM 1197 C CG2  . VAL A 1 76 ? 1.217   -3.854  4.436   1.00 0.30 ? 76 VAL A CG2  1 
ATOM 1198 H H    . VAL A 1 76 ? 4.330   -2.384  1.832   1.00 0.33 ? 76 VAL A H    1 
ATOM 1199 H HA   . VAL A 1 76 ? 3.918   -3.599  4.468   1.00 0.29 ? 76 VAL A HA   1 
ATOM 1200 H HB   . VAL A 1 76 ? 2.137   -1.961  4.227   1.00 0.35 ? 76 VAL A HB   1 
ATOM 1201 H HG11 . VAL A 1 76 ? 1.040   -2.697  2.075   1.00 0.97 ? 76 VAL A HG11 1 
ATOM 1202 H HG12 . VAL A 1 76 ? 1.590   -2.623  1.841   1.00 1.06 ? 76 VAL A HG12 1 
ATOM 1203 H HG13 . VAL A 1 76 ? 1.307   -2.163  2.103   1.00 1.02 ? 76 VAL A HG13 1 
ATOM 1204 H HG21 . VAL A 1 76 ? 0.788   -4.092  4.385   1.00 1.01 ? 76 VAL A HG21 1 
ATOM 1205 H HG22 . VAL A 1 76 ? 0.988   -3.870  4.857   1.00 0.98 ? 76 VAL A HG22 1 
ATOM 1206 H HG23 . VAL A 1 76 ? 1.258   -4.293  4.613   1.00 1.05 ? 76 VAL A HG23 1 
ATOM 1207 N N    . ASP A 1 77 ? 3.286   -5.838  3.496   1.00 0.24 ? 77 ASP A N    1 
ATOM 1208 C CA   . ASP A 1 77 ? 3.175   -7.169  2.917   1.00 0.22 ? 77 ASP A CA   1 
ATOM 1209 C C    . ASP A 1 77 ? 1.765   -7.704  3.120   1.00 0.19 ? 77 ASP A C    1 
ATOM 1210 O O    . ASP A 1 77 ? 1.258   -7.735  4.242   1.00 0.20 ? 77 ASP A O    1 
ATOM 1211 C CB   . ASP A 1 77 ? 4.183   -8.131  3.545   1.00 0.26 ? 77 ASP A CB   1 
ATOM 1212 C CG   . ASP A 1 77 ? 5.530   -7.504  3.799   1.00 0.33 ? 77 ASP A CG   1 
ATOM 1213 O OD1  . ASP A 1 77 ? 5.689   -6.450  3.920   1.00 0.73 ? 77 ASP A OD1  1 
ATOM 1214 O OD2  . ASP A 1 77 ? 6.427   -8.068  3.875   1.00 0.76 ? 77 ASP A OD2  1 
ATOM 1215 H H    . ASP A 1 77 ? 3.237   -5.740  4.464   1.00 0.30 ? 77 ASP A H    1 
ATOM 1216 H HA   . ASP A 1 77 ? 3.370   -7.090  1.861   1.00 0.24 ? 77 ASP A HA   1 
ATOM 1217 H HB2  . ASP A 1 77 ? 3.794   -8.479  4.477   1.00 0.31 ? 77 ASP A HB2  1 
ATOM 1218 H HB3  . ASP A 1 77 ? 4.321   -8.967  2.891   1.00 0.32 ? 77 ASP A HB3  1 
ATOM 1219 N N    . ILE A 1 78 ? 1.127   -8.108  2.033   1.00 0.19 ? 78 ILE A N    1 
ATOM 1220 C CA   . ILE A 1 78 ? -0.236  -8.621  2.094   1.00 0.19 ? 78 ILE A CA   1 
ATOM 1221 C C    . ILE A 1 78 ? -0.395  -9.861  1.234   1.00 0.21 ? 78 ILE A C    1 
ATOM 1222 O O    . ILE A 1 78 ? 0.253   -9.989  0.203   1.00 0.24 ? 78 ILE A O    1 
ATOM 1223 C CB   . ILE A 1 78 ? -1.257  -7.572  1.621   1.00 0.23 ? 78 ILE A CB   1 
ATOM 1224 C CG1  . ILE A 1 78 ? -0.773  -6.161  1.951   1.00 0.28 ? 78 ILE A CG1  1 
ATOM 1225 C CG2  . ILE A 1 78 ? -2.613  -7.835  2.246   1.00 0.26 ? 78 ILE A CG2  1 
ATOM 1226 C CD1  . ILE A 1 78 ? 0.077   -5.556  0.868   1.00 0.36 ? 78 ILE A CD1  1 
ATOM 1227 H H    . ILE A 1 78 ? 1.577   -8.048  1.165   1.00 0.21 ? 78 ILE A H    1 
ATOM 1228 H HA   . ILE A 1 78 ? -0.452  -8.870  3.120   1.00 0.17 ? 78 ILE A HA   1 
ATOM 1229 H HB   . ILE A 1 78 ? -1.363  -7.664  0.553   1.00 0.25 ? 78 ILE A HB   1 
ATOM 1230 H HG12 . ILE A 1 78 ? -1.621  -5.524  2.101   1.00 0.37 ? 78 ILE A HG12 1 
ATOM 1231 H HG13 . ILE A 1 78 ? -0.182  -6.189  2.852   1.00 0.25 ? 78 ILE A HG13 1 
ATOM 1232 H HG21 . ILE A 1 78 ? -2.813  -8.091  2.616   1.00 0.93 ? 78 ILE A HG21 1 
ATOM 1233 H HG22 . ILE A 1 78 ? -3.020  -8.014  2.109   1.00 1.06 ? 78 ILE A HG22 1 
ATOM 1234 H HG23 . ILE A 1 78 ? -2.969  -7.587  2.456   1.00 1.03 ? 78 ILE A HG23 1 
ATOM 1235 H HD11 . ILE A 1 78 ? 0.267   -5.347  0.612   1.00 1.02 ? 78 ILE A HD11 1 
ATOM 1236 H HD12 . ILE A 1 78 ? 0.224   -5.466  0.599   1.00 1.22 ? 78 ILE A HD12 1 
ATOM 1237 H HD13 . ILE A 1 78 ? 0.348   -5.427  0.621   1.00 1.02 ? 78 ILE A HD13 1 
ATOM 1238 N N    . GLU A 1 79 ? -1.273  -10.767 1.642   1.00 0.23 ? 79 GLU A N    1 
ATOM 1239 C CA   . GLU A 1 79 ? -1.502  -11.976 0.870   1.00 0.28 ? 79 GLU A CA   1 
ATOM 1240 C C    . GLU A 1 79 ? -2.748  -11.816 0.015   1.00 0.32 ? 79 GLU A C    1 
ATOM 1241 O O    . GLU A 1 79 ? -3.853  -11.702 0.534   1.00 0.34 ? 79 GLU A O    1 
ATOM 1242 C CB   . GLU A 1 79 ? -1.658  -13.180 1.797   1.00 0.31 ? 79 GLU A CB   1 
ATOM 1243 C CG   . GLU A 1 79 ? -0.543  -13.998 1.910   1.00 0.72 ? 79 GLU A CG   1 
ATOM 1244 C CD   . GLU A 1 79 ? -0.711  -15.274 2.108   1.00 1.06 ? 79 GLU A CD   1 
ATOM 1245 O OE1  . GLU A 1 79 ? -0.858  -15.662 2.985   1.00 1.48 ? 79 GLU A OE1  1 
ATOM 1246 O OE2  . GLU A 1 79 ? -0.694  -15.887 1.386   1.00 1.51 ? 79 GLU A OE2  1 
ATOM 1247 H H    . GLU A 1 79 ? -1.780  -10.614 2.466   1.00 0.22 ? 79 GLU A H    1 
ATOM 1248 H HA   . GLU A 1 79 ? -0.652  -12.130 0.225   1.00 0.28 ? 79 GLU A HA   1 
ATOM 1249 H HB2  . GLU A 1 79 ? -1.878  -12.891 2.712   1.00 0.54 ? 79 GLU A HB2  1 
ATOM 1250 H HB3  . GLU A 1 79 ? -2.392  -13.764 1.496   1.00 0.55 ? 79 GLU A HB3  1 
ATOM 1251 H HG2  . GLU A 1 79 ? -0.045  -13.894 1.213   1.00 1.11 ? 79 GLU A HG2  1 
ATOM 1252 H HG3  . GLU A 1 79 ? -0.087  -13.761 2.544   1.00 1.14 ? 79 GLU A HG3  1 
ATOM 1253 N N    . THR A 1 80 ? -2.553  -11.802 -1.296  1.00 0.35 ? 80 THR A N    1 
ATOM 1254 C CA   . THR A 1 80 ? -3.648  -11.648 -2.242  1.00 0.40 ? 80 THR A CA   1 
ATOM 1255 C C    . THR A 1 80 ? -3.434  -12.530 -3.461  1.00 0.46 ? 80 THR A C    1 
ATOM 1256 O O    . THR A 1 80 ? -2.308  -12.906 -3.770  1.00 0.46 ? 80 THR A O    1 
ATOM 1257 C CB   . THR A 1 80 ? -3.799  -10.188 -2.697  1.00 0.41 ? 80 THR A CB   1 
ATOM 1258 O OG1  . THR A 1 80 ? -2.585  -9.525  -2.612  1.00 0.52 ? 80 THR A OG1  1 
ATOM 1259 C CG2  . THR A 1 80 ? -4.796  -9.452  -1.889  1.00 0.54 ? 80 THR A CG2  1 
ATOM 1260 H H    . THR A 1 80 ? -1.641  -11.895 -1.641  1.00 0.34 ? 80 THR A H    1 
ATOM 1261 H HA   . THR A 1 80 ? -4.559  -11.946 -1.748  1.00 0.43 ? 80 THR A HA   1 
ATOM 1262 H HB   . THR A 1 80 ? -4.118  -10.175 -3.693  1.00 0.53 ? 80 THR A HB   1 
ATOM 1263 H HG1  . THR A 1 80 ? -2.492  -9.178  -2.496  1.00 1.07 ? 80 THR A HG1  1 
ATOM 1264 H HG21 . THR A 1 80 ? -5.076  -9.305  -1.755  1.00 1.12 ? 80 THR A HG21 1 
ATOM 1265 H HG22 . THR A 1 80 ? -4.961  -9.224  -1.726  1.00 1.26 ? 80 THR A HG22 1 
ATOM 1266 H HG23 . THR A 1 80 ? -5.060  -9.302  -1.609  1.00 1.15 ? 80 THR A HG23 1 
ATOM 1267 N N    . GLU A 1 81 ? -4.514  -12.856 -4.157  1.00 0.52 ? 81 GLU A N    1 
ATOM 1268 C CA   . GLU A 1 81 ? -4.421  -13.691 -5.342  1.00 0.60 ? 81 GLU A CA   1 
ATOM 1269 C C    . GLU A 1 81 ? -3.476  -13.065 -6.356  1.00 0.61 ? 81 GLU A C    1 
ATOM 1270 O O    . GLU A 1 81 ? -3.363  -11.859 -6.450  1.00 0.58 ? 81 GLU A O    1 
ATOM 1271 C CB   . GLU A 1 81 ? -5.799  -13.886 -5.967  1.00 0.67 ? 81 GLU A CB   1 
ATOM 1272 C CG   . GLU A 1 81 ? -6.215  -15.098 -6.153  1.00 1.10 ? 81 GLU A CG   1 
ATOM 1273 C CD   . GLU A 1 81 ? -6.892  -15.602 -6.518  1.00 1.64 ? 81 GLU A CD   1 
ATOM 1274 O OE1  . GLU A 1 81 ? -7.309  -15.558 -6.149  1.00 2.33 ? 81 GLU A OE1  1 
ATOM 1275 O OE2  . GLU A 1 81 ? -7.004  -16.040 -7.171  1.00 2.11 ? 81 GLU A OE2  1 
ATOM 1276 H H    . GLU A 1 81 ? -5.389  -12.528 -3.869  1.00 0.54 ? 81 GLU A H    1 
ATOM 1277 H HA   . GLU A 1 81 ? -4.028  -14.648 -5.043  1.00 0.62 ? 81 GLU A HA   1 
ATOM 1278 H HB2  . GLU A 1 81 ? -6.467  -13.507 -5.477  1.00 0.73 ? 81 GLU A HB2  1 
ATOM 1279 H HB3  . GLU A 1 81 ? -5.859  -13.506 -6.787  1.00 1.01 ? 81 GLU A HB3  1 
ATOM 1280 H HG2  . GLU A 1 81 ? -5.910  -15.351 -6.327  1.00 1.74 ? 81 GLU A HG2  1 
ATOM 1281 H HG3  . GLU A 1 81 ? -6.328  -15.369 -5.846  1.00 1.54 ? 81 GLU A HG3  1 
ATOM 1282 N N    . ALA A 1 82 ? -2.790  -13.894 -7.105  1.00 0.72 ? 82 ALA A N    1 
ATOM 1283 C CA   . ALA A 1 82 ? -1.838  -13.429 -8.107  1.00 0.78 ? 82 ALA A CA   1 
ATOM 1284 C C    . ALA A 1 82 ? -2.349  -12.237 -8.874  1.00 0.77 ? 82 ALA A C    1 
ATOM 1285 O O    . ALA A 1 82 ? -3.293  -12.344 -9.629  1.00 0.88 ? 82 ALA A O    1 
ATOM 1286 C CB   . ALA A 1 82 ? -1.505  -14.538 -9.052  1.00 0.98 ? 82 ALA A CB   1 
ATOM 1287 H H    . ALA A 1 82 ? -2.920  -14.844 -6.974  1.00 0.81 ? 82 ALA A H    1 
ATOM 1288 H HA   . ALA A 1 82 ? -0.942  -13.147 -7.607  1.00 0.76 ? 82 ALA A HA   1 
ATOM 1289 H HB1  . ALA A 1 82 ? -1.341  -14.853 -9.201  1.00 1.41 ? 82 ALA A HB1  1 
ATOM 1290 H HB2  . ALA A 1 82 ? -1.404  -14.693 -9.340  1.00 1.53 ? 82 ALA A HB2  1 
ATOM 1291 H HB3  . ALA A 1 82 ? -1.530  -14.855 -9.285  1.00 1.40 ? 82 ALA A HB3  1 
ATOM 1292 N N    . LEU A 1 83 ? -1.711  -11.103 -8.674  1.00 0.74 ? 83 LEU A N    1 
ATOM 1293 C CA   . LEU A 1 83 ? -2.093  -9.889  -9.345  1.00 0.83 ? 83 LEU A CA   1 
ATOM 1294 C C    . LEU A 1 83 ? -0.946  -9.360  -10.189 1.00 0.88 ? 83 LEU A C    1 
ATOM 1295 O O    . LEU A 1 83 ? 0.195   -9.365  -9.775  1.00 0.87 ? 83 LEU A O    1 
ATOM 1296 C CB   . LEU A 1 83 ? -2.531  -8.848  -8.342  1.00 0.88 ? 83 LEU A CB   1 
ATOM 1297 C CG   . LEU A 1 83 ? -3.951  -8.591  -8.293  1.00 1.12 ? 83 LEU A CG   1 
ATOM 1298 C CD1  . LEU A 1 83 ? -4.688  -9.132  -7.581  1.00 1.52 ? 83 LEU A CD1  1 
ATOM 1299 C CD2  . LEU A 1 83 ? -4.372  -7.568  -8.068  1.00 1.33 ? 83 LEU A CD2  1 
ATOM 1300 H H    . LEU A 1 83 ? -0.964  -11.083 -8.062  1.00 0.70 ? 83 LEU A H    1 
ATOM 1301 H HA   . LEU A 1 83 ? -2.920  -10.118 -9.982  1.00 0.89 ? 83 LEU A HA   1 
ATOM 1302 H HB2  . LEU A 1 83 ? -2.247  -9.135  -7.408  1.00 0.90 ? 83 LEU A HB2  1 
ATOM 1303 H HB3  . LEU A 1 83 ? -2.059  -7.960  -8.542  1.00 0.97 ? 83 LEU A HB3  1 
ATOM 1304 H HG   . LEU A 1 83 ? -4.157  -8.756  -8.958  1.00 1.68 ? 83 LEU A HG   1 
ATOM 1305 H HD11 . LEU A 1 83 ? -4.949  -9.205  -7.328  1.00 1.87 ? 83 LEU A HD11 1 
ATOM 1306 H HD12 . LEU A 1 83 ? -4.808  -9.364  -7.389  1.00 1.88 ? 83 LEU A HD12 1 
ATOM 1307 H HD13 . LEU A 1 83 ? -4.830  -9.211  -7.519  1.00 2.14 ? 83 LEU A HD13 1 
ATOM 1308 H HD21 . LEU A 1 83 ? -4.501  -7.349  -8.027  1.00 1.88 ? 83 LEU A HD21 1 
ATOM 1309 H HD22 . LEU A 1 83 ? -4.524  -7.295  -8.005  1.00 1.73 ? 83 LEU A HD22 1 
ATOM 1310 H HD23 . LEU A 1 83 ? -4.386  -7.335  -8.011  1.00 1.78 ? 83 LEU A HD23 1 
ATOM 1311 N N    . LYS A 1 84 ? -1.261  -8.914  -11.375 1.00 0.99 ? 84 LYS A N    1 
ATOM 1312 C CA   . LYS A 1 84 ? -0.267  -8.388  -12.291 1.00 1.09 ? 84 LYS A CA   1 
ATOM 1313 C C    . LYS A 1 84 ? 0.481   -7.258  -11.705 1.00 1.22 ? 84 LYS A C    1 
ATOM 1314 O O    . LYS A 1 84 ? 1.577   -6.991  -12.092 1.00 1.39 ? 84 LYS A O    1 
ATOM 1315 C CB   . LYS A 1 84 ? -0.892  -7.944  -13.573 1.00 1.17 ? 84 LYS A CB   1 
ATOM 1316 C CG   . LYS A 1 84 ? -1.112  -7.884  -14.218 1.00 1.93 ? 84 LYS A CG   1 
ATOM 1317 C CD   . LYS A 1 84 ? -1.539  -7.547  -15.070 1.00 2.36 ? 84 LYS A CD   1 
ATOM 1318 C CE   . LYS A 1 84 ? -1.627  -7.301  -15.994 1.00 2.79 ? 84 LYS A CE   1 
ATOM 1319 N NZ   . LYS A 1 84 ? -1.915  -7.372  -16.632 1.00 3.36 ? 84 LYS A NZ   1 
ATOM 1320 H H    . LYS A 1 84 ? -2.190  -8.944  -11.645 1.00 1.05 ? 84 LYS A H    1 
ATOM 1321 H HA   . LYS A 1 84 ? 0.406   -9.153  -12.502 1.00 1.14 ? 84 LYS A HA   1 
ATOM 1322 H HB2  . LYS A 1 84 ? -1.141  -7.847  -13.795 1.00 1.63 ? 84 LYS A HB2  1 
ATOM 1323 H HB3  . LYS A 1 84 ? -0.948  -7.754  -13.834 1.00 1.42 ? 84 LYS A HB3  1 
ATOM 1324 H HG2  . LYS A 1 84 ? -0.910  -7.896  -14.144 1.00 2.47 ? 84 LYS A HG2  1 
ATOM 1325 H HG3  . LYS A 1 84 ? -1.163  -8.072  -14.139 1.00 2.49 ? 84 LYS A HG3  1 
ATOM 1326 H HD2  . LYS A 1 84 ? -1.713  -7.677  -15.003 1.00 2.69 ? 84 LYS A HD2  1 
ATOM 1327 H HD3  . LYS A 1 84 ? -1.613  -7.349  -15.083 1.00 2.81 ? 84 LYS A HD3  1 
ATOM 1328 H HE2  . LYS A 1 84 ? -1.654  -7.107  -16.203 1.00 3.02 ? 84 LYS A HE2  1 
ATOM 1329 H HE3  . LYS A 1 84 ? -1.446  -7.261  -15.980 1.00 3.14 ? 84 LYS A HE3  1 
ATOM 1330 H HZ1  . LYS A 1 84 ? -2.070  -7.425  -17.103 1.00 3.58 ? 84 LYS A HZ1  1 
ATOM 1331 H HZ2  . LYS A 1 84 ? -1.849  -7.400  -16.589 1.00 3.67 ? 84 LYS A HZ2  1 
ATOM 1332 H HZ3  . LYS A 1 84 ? -2.034  -7.343  -16.666 1.00 3.79 ? 84 LYS A HZ3  1 
ATOM 1333 N N    . ASP A 1 85 ? -0.117  -6.594  -10.781 1.00 1.28 ? 85 ASP A N    1 
ATOM 1334 C CA   . ASP A 1 85 ? 0.493   -5.493  -10.152 1.00 1.57 ? 85 ASP A CA   1 
ATOM 1335 C C    . ASP A 1 85 ? 1.829   -5.657  -9.683  1.00 1.34 ? 85 ASP A C    1 
ATOM 1336 O O    . ASP A 1 85 ? 2.648   -4.922  -9.869  1.00 1.70 ? 85 ASP A O    1 
ATOM 1337 C CB   . ASP A 1 85 ? -0.217  -5.086  -9.069  1.00 1.87 ? 85 ASP A CB   1 
ATOM 1338 C CG   . ASP A 1 85 ? -0.670  -4.058  -9.149  1.00 2.47 ? 85 ASP A CG   1 
ATOM 1339 O OD1  . ASP A 1 85 ? -0.517  -3.520  -9.377  1.00 2.88 ? 85 ASP A OD1  1 
ATOM 1340 O OD2  . ASP A 1 85 ? -1.178  -3.791  -8.982  1.00 3.03 ? 85 ASP A OD2  1 
ATOM 1341 H H    . ASP A 1 85 ? -0.989  -6.847  -10.519 1.00 1.22 ? 85 ASP A H    1 
ATOM 1342 H HA   . ASP A 1 85 ? 0.487   -4.808  -10.816 1.00 1.95 ? 85 ASP A HA   1 
ATOM 1343 H HB2  . ASP A 1 85 ? -0.914  -5.547  -8.913  1.00 1.88 ? 85 ASP A HB2  1 
ATOM 1344 H HB3  . ASP A 1 85 ? 0.289   -5.078  -8.365  1.00 2.06 ? 85 ASP A HB3  1 
ATOM 1345 N N    . LEU A 1 86 ? 2.046   -6.622  -9.073  1.00 0.99 ? 86 LEU A N    1 
ATOM 1346 C CA   . LEU A 1 86 ? 3.289   -6.874  -8.579  1.00 1.10 ? 86 LEU A CA   1 
ATOM 1347 C C    . LEU A 1 86 ? 3.702   -7.827  -9.239  1.00 1.57 ? 86 LEU A C    1 
ATOM 1348 O O    . LEU A 1 86 ? 4.733   -7.997  -9.193  1.00 2.10 ? 86 LEU A O    1 
ATOM 1349 C CB   . LEU A 1 86 ? 3.435   -7.121  -7.261  1.00 1.10 ? 86 LEU A CB   1 
ATOM 1350 C CG   . LEU A 1 86 ? 4.096   -6.589  -6.320  1.00 1.10 ? 86 LEU A CG   1 
ATOM 1351 C CD1  . LEU A 1 86 ? 4.257   -6.533  -5.936  1.00 1.70 ? 86 LEU A CD1  1 
ATOM 1352 C CD2  . LEU A 1 86 ? 4.615   -6.312  -5.721  1.00 1.65 ? 86 LEU A CD2  1 
ATOM 1353 H H    . LEU A 1 86 ? 1.358   -7.176  -8.951  1.00 0.94 ? 86 LEU A H    1 
ATOM 1354 H HA   . LEU A 1 86 ? 3.843   -6.173  -8.677  1.00 1.42 ? 86 LEU A HA   1 
ATOM 1355 H HB2  . LEU A 1 86 ? 2.819   -7.135  -7.053  1.00 1.49 ? 86 LEU A HB2  1 
ATOM 1356 H HB3  . LEU A 1 86 ? 3.654   -7.707  -7.177  1.00 1.64 ? 86 LEU A HB3  1 
ATOM 1357 H HG   . LEU A 1 86 ? 4.086   -6.439  -6.347  1.00 1.83 ? 86 LEU A HG   1 
ATOM 1358 H HD11 . LEU A 1 86 ? 4.129   -6.484  -5.999  1.00 2.23 ? 86 LEU A HD11 1 
ATOM 1359 H HD12 . LEU A 1 86 ? 4.276   -6.539  -5.754  1.00 2.20 ? 86 LEU A HD12 1 
ATOM 1360 H HD13 . LEU A 1 86 ? 4.480   -6.535  -5.783  1.00 2.23 ? 86 LEU A HD13 1 
ATOM 1361 H HD21 . LEU A 1 86 ? 4.726   -6.358  -5.656  1.00 2.14 ? 86 LEU A HD21 1 
ATOM 1362 H HD22 . LEU A 1 86 ? 4.697   -6.333  -5.520  1.00 2.25 ? 86 LEU A HD22 1 
ATOM 1363 H HD23 . LEU A 1 86 ? 4.789   -6.045  -5.560  1.00 2.01 ? 86 LEU A HD23 1 
ATOM 1364 N N    . GLU A 1 87 ? 2.896   -8.444  -9.848  1.00 1.71 ? 87 GLU A N    1 
ATOM 1365 C CA   . GLU A 1 87 ? 3.185   -9.378  -10.512 1.00 2.47 ? 87 GLU A CA   1 
ATOM 1366 C C    . GLU A 1 87 ? 2.335   -9.759  -11.184 1.00 2.88 ? 87 GLU A C    1 
ATOM 1367 O O    . GLU A 1 87 ? 2.043   -9.828  -11.587 1.00 3.05 ? 87 GLU A O    1 
ATOM 1368 C CB   . GLU A 1 87 ? 3.663   -10.114 -9.789  1.00 3.08 ? 87 GLU A CB   1 
ATOM 1369 C CG   . GLU A 1 87 ? 3.992   -9.776  -8.791  1.00 3.32 ? 87 GLU A CG   1 
ATOM 1370 C CD   . GLU A 1 87 ? 4.197   -10.419 -8.456  1.00 4.37 ? 87 GLU A CD   1 
ATOM 1371 O OE1  . GLU A 1 87 ? 4.649   -10.699 -8.823  1.00 5.02 ? 87 GLU A OE1  1 
ATOM 1372 O OE2  . GLU A 1 87 ? 3.905   -10.642 -7.827  1.00 4.78 ? 87 GLU A OE2  1 
ATOM 1373 H H    . GLU A 1 87 ? 2.088   -8.270  -9.851  1.00 1.46 ? 87 GLU A H    1 
ATOM 1374 H HA   . GLU A 1 87 ? 3.690   -9.272  -11.057 1.00 2.66 ? 87 GLU A HA   1 
ATOM 1375 H HB2  . GLU A 1 87 ? 3.226   -10.563 -9.724  1.00 3.56 ? 87 GLU A HB2  1 
ATOM 1376 H HB3  . GLU A 1 87 ? 4.214   -10.472 -10.057 1.00 3.28 ? 87 GLU A HB3  1 
ATOM 1377 H HG2  . GLU A 1 87 ? 4.434   -9.357  -8.524  1.00 3.12 ? 87 GLU A HG2  1 
ATOM 1378 H HG3  . GLU A 1 87 ? 3.644   -9.469  -8.570  1.00 3.33 ? 87 GLU A HG3  1 
# 
